data_6E4C
# 
_entry.id   6E4C 
# 
_audit_conform.dict_name       mmcif_pdbx.dic 
_audit_conform.dict_version    5.379 
_audit_conform.dict_location   http://mmcif.pdb.org/dictionaries/ascii/mmcif_pdbx.dic 
# 
loop_
_database_2.database_id 
_database_2.database_code 
_database_2.pdbx_database_accession 
_database_2.pdbx_DOI 
PDB   6E4C         pdb_00006e4c 10.2210/pdb6e4c/pdb 
WWPDB D_1000235697 ?            ?                   
# 
loop_
_pdbx_database_related.db_name 
_pdbx_database_related.details 
_pdbx_database_related.db_id 
_pdbx_database_related.content_type 
PDB . 6E3N unspecified 
PDB . 6E3O unspecified 
PDB . 6E3M unspecified 
PDB . 6E3P unspecified 
# 
_pdbx_database_status.status_code                     REL 
_pdbx_database_status.status_code_sf                  REL 
_pdbx_database_status.status_code_mr                  ? 
_pdbx_database_status.entry_id                        6E4C 
_pdbx_database_status.recvd_initial_deposition_date   2018-07-17 
_pdbx_database_status.SG_entry                        N 
_pdbx_database_status.deposit_site                    RCSB 
_pdbx_database_status.process_site                    RCSB 
_pdbx_database_status.status_code_cs                  ? 
_pdbx_database_status.methods_development_category    ? 
_pdbx_database_status.pdb_format_compatible           Y 
_pdbx_database_status.status_code_nmr_data            ? 
# 
loop_
_audit_author.name 
_audit_author.pdbx_ordinal 
_audit_author.identifier_ORCID 
'Morrison, C.N.' 1 0000-0002-4180-8407 
'Dick, B.L.'     2 ?                   
'Credille, C.V.' 3 ?                   
'Cohen, S.M.'    4 0000-0002-5233-2280 
# 
_citation.abstract                  ? 
_citation.abstract_id_CAS           ? 
_citation.book_id_ISBN              ? 
_citation.book_publisher            ? 
_citation.book_publisher_city       ? 
_citation.book_title                ? 
_citation.coordinate_linkage        ? 
_citation.country                   US 
_citation.database_id_Medline       ? 
_citation.details                   ? 
_citation.id                        primary 
_citation.journal_abbrev            J.Med.Chem. 
_citation.journal_id_ASTM           JMCMAR 
_citation.journal_id_CSD            0151 
_citation.journal_id_ISSN           0022-2623 
_citation.journal_full              ? 
_citation.journal_issue             ? 
_citation.journal_volume            62 
_citation.language                  ? 
_citation.page_first                9438 
_citation.page_last                 9449 
_citation.title                     'SAR Exploration of Tight-Binding Inhibitors of Influenza Virus PA Endonuclease.' 
_citation.year                      2019 
_citation.database_id_CSD           ? 
_citation.pdbx_database_id_DOI      10.1021/acs.jmedchem.9b00747 
_citation.pdbx_database_id_PubMed   31536340 
_citation.unpublished_flag          ? 
# 
loop_
_citation_author.citation_id 
_citation_author.name 
_citation_author.ordinal 
_citation_author.identifier_ORCID 
primary 'Credille, C.V.' 1 ?                   
primary 'Morrison, C.N.' 2 0000-0002-4180-8407 
primary 'Stokes, R.W.'   3 ?                   
primary 'Dick, B.L.'     4 ?                   
primary 'Feng, Y.'       5 ?                   
primary 'Sun, J.'        6 ?                   
primary 'Chen, Y.'       7 0000-0002-3465-7380 
primary 'Cohen, S.M.'    8 0000-0002-5233-2280 
# 
_cell.angle_alpha                  90.00 
_cell.angle_alpha_esd              ? 
_cell.angle_beta                   90.00 
_cell.angle_beta_esd               ? 
_cell.angle_gamma                  120.00 
_cell.angle_gamma_esd              ? 
_cell.entry_id                     6E4C 
_cell.details                      ? 
_cell.formula_units_Z              ? 
_cell.length_a                     75.164 
_cell.length_a_esd                 ? 
_cell.length_b                     75.164 
_cell.length_b_esd                 ? 
_cell.length_c                     120.628 
_cell.length_c_esd                 ? 
_cell.volume                       ? 
_cell.volume_esd                   ? 
_cell.Z_PDB                        12 
_cell.reciprocal_angle_alpha       ? 
_cell.reciprocal_angle_beta        ? 
_cell.reciprocal_angle_gamma       ? 
_cell.reciprocal_angle_alpha_esd   ? 
_cell.reciprocal_angle_beta_esd    ? 
_cell.reciprocal_angle_gamma_esd   ? 
_cell.reciprocal_length_a          ? 
_cell.reciprocal_length_b          ? 
_cell.reciprocal_length_c          ? 
_cell.reciprocal_length_a_esd      ? 
_cell.reciprocal_length_b_esd      ? 
_cell.reciprocal_length_c_esd      ? 
_cell.pdbx_unique_axis             ? 
# 
_symmetry.entry_id                         6E4C 
_symmetry.cell_setting                     ? 
_symmetry.Int_Tables_number                180 
_symmetry.space_group_name_Hall            ? 
_symmetry.space_group_name_H-M             'P 62 2 2' 
_symmetry.pdbx_full_space_group_name_H-M   ? 
# 
loop_
_entity.id 
_entity.type 
_entity.src_method 
_entity.pdbx_description 
_entity.formula_weight 
_entity.pdbx_number_of_molecules 
_entity.pdbx_ec 
_entity.pdbx_mutation 
_entity.pdbx_fragment 
_entity.details 
1 polymer     man 'Polymerase acidic protein' 22468.666 1  3.1.-.- ? 'N-terminal domain (UNP residues 1-198)' ? 
2 non-polymer syn 'MANGANESE (II) ION' 54.938    2  ?       ? ?                                        ? 
3 non-polymer syn 
'3-hydroxy-6-[2-methyl-4-(5-oxo-4,5-dihydro-1,2,4-oxadiazol-3-yl)phenyl]-4-oxo-1,4-dihydropyridine-2-carboxylic acid' 329.264   1  
?       ? ?                                        ? 
4 non-polymer syn 1,2-ETHANEDIOL 62.068    1  ?       ? ?                                        ? 
5 water       nat water 18.015    32 ?       ? ?                                        ? 
# 
_entity_name_com.entity_id   1 
_entity_name_com.name        'RNA-directed RNA polymerase subunit P2' 
# 
_entity_poly.entity_id                      1 
_entity_poly.type                           'polypeptide(L)' 
_entity_poly.nstd_linkage                   no 
_entity_poly.nstd_monomer                   no 
_entity_poly.pdbx_seq_one_letter_code       
;MGSGMAMEDFVRQCFNPMIVELAEKAMKEYGEDPKIETNKFAAICTHLEVCFMYSDFGSGDPNALLKHRFEIIEGRDRIM
AWTVVNSICNTTGVEKPKFLPDLYDYKENRFIEIGVTRREVHIYYLEKANKIKSEKTHIHIFSFTGEEMATKADYTLDEE
SRARIKTRLFTIRQEMASRSLWDSFRQSERGE
;
_entity_poly.pdbx_seq_one_letter_code_can   
;MGSGMAMEDFVRQCFNPMIVELAEKAMKEYGEDPKIETNKFAAICTHLEVCFMYSDFGSGDPNALLKHRFEIIEGRDRIM
AWTVVNSICNTTGVEKPKFLPDLYDYKENRFIEIGVTRREVHIYYLEKANKIKSEKTHIHIFSFTGEEMATKADYTLDEE
SRARIKTRLFTIRQEMASRSLWDSFRQSERGE
;
_entity_poly.pdbx_strand_id                 A 
_entity_poly.pdbx_target_identifier         ? 
# 
loop_
_entity_poly_seq.entity_id 
_entity_poly_seq.num 
_entity_poly_seq.mon_id 
_entity_poly_seq.hetero 
1 1   MET n 
1 2   GLY n 
1 3   SER n 
1 4   GLY n 
1 5   MET n 
1 6   ALA n 
1 7   MET n 
1 8   GLU n 
1 9   ASP n 
1 10  PHE n 
1 11  VAL n 
1 12  ARG n 
1 13  GLN n 
1 14  CYS n 
1 15  PHE n 
1 16  ASN n 
1 17  PRO n 
1 18  MET n 
1 19  ILE n 
1 20  VAL n 
1 21  GLU n 
1 22  LEU n 
1 23  ALA n 
1 24  GLU n 
1 25  LYS n 
1 26  ALA n 
1 27  MET n 
1 28  LYS n 
1 29  GLU n 
1 30  TYR n 
1 31  GLY n 
1 32  GLU n 
1 33  ASP n 
1 34  PRO n 
1 35  LYS n 
1 36  ILE n 
1 37  GLU n 
1 38  THR n 
1 39  ASN n 
1 40  LYS n 
1 41  PHE n 
1 42  ALA n 
1 43  ALA n 
1 44  ILE n 
1 45  CYS n 
1 46  THR n 
1 47  HIS n 
1 48  LEU n 
1 49  GLU n 
1 50  VAL n 
1 51  CYS n 
1 52  PHE n 
1 53  MET n 
1 54  TYR n 
1 55  SER n 
1 56  ASP n 
1 57  PHE n 
1 58  GLY n 
1 59  SER n 
1 60  GLY n 
1 61  ASP n 
1 62  PRO n 
1 63  ASN n 
1 64  ALA n 
1 65  LEU n 
1 66  LEU n 
1 67  LYS n 
1 68  HIS n 
1 69  ARG n 
1 70  PHE n 
1 71  GLU n 
1 72  ILE n 
1 73  ILE n 
1 74  GLU n 
1 75  GLY n 
1 76  ARG n 
1 77  ASP n 
1 78  ARG n 
1 79  ILE n 
1 80  MET n 
1 81  ALA n 
1 82  TRP n 
1 83  THR n 
1 84  VAL n 
1 85  VAL n 
1 86  ASN n 
1 87  SER n 
1 88  ILE n 
1 89  CYS n 
1 90  ASN n 
1 91  THR n 
1 92  THR n 
1 93  GLY n 
1 94  VAL n 
1 95  GLU n 
1 96  LYS n 
1 97  PRO n 
1 98  LYS n 
1 99  PHE n 
1 100 LEU n 
1 101 PRO n 
1 102 ASP n 
1 103 LEU n 
1 104 TYR n 
1 105 ASP n 
1 106 TYR n 
1 107 LYS n 
1 108 GLU n 
1 109 ASN n 
1 110 ARG n 
1 111 PHE n 
1 112 ILE n 
1 113 GLU n 
1 114 ILE n 
1 115 GLY n 
1 116 VAL n 
1 117 THR n 
1 118 ARG n 
1 119 ARG n 
1 120 GLU n 
1 121 VAL n 
1 122 HIS n 
1 123 ILE n 
1 124 TYR n 
1 125 TYR n 
1 126 LEU n 
1 127 GLU n 
1 128 LYS n 
1 129 ALA n 
1 130 ASN n 
1 131 LYS n 
1 132 ILE n 
1 133 LYS n 
1 134 SER n 
1 135 GLU n 
1 136 LYS n 
1 137 THR n 
1 138 HIS n 
1 139 ILE n 
1 140 HIS n 
1 141 ILE n 
1 142 PHE n 
1 143 SER n 
1 144 PHE n 
1 145 THR n 
1 146 GLY n 
1 147 GLU n 
1 148 GLU n 
1 149 MET n 
1 150 ALA n 
1 151 THR n 
1 152 LYS n 
1 153 ALA n 
1 154 ASP n 
1 155 TYR n 
1 156 THR n 
1 157 LEU n 
1 158 ASP n 
1 159 GLU n 
1 160 GLU n 
1 161 SER n 
1 162 ARG n 
1 163 ALA n 
1 164 ARG n 
1 165 ILE n 
1 166 LYS n 
1 167 THR n 
1 168 ARG n 
1 169 LEU n 
1 170 PHE n 
1 171 THR n 
1 172 ILE n 
1 173 ARG n 
1 174 GLN n 
1 175 GLU n 
1 176 MET n 
1 177 ALA n 
1 178 SER n 
1 179 ARG n 
1 180 SER n 
1 181 LEU n 
1 182 TRP n 
1 183 ASP n 
1 184 SER n 
1 185 PHE n 
1 186 ARG n 
1 187 GLN n 
1 188 SER n 
1 189 GLU n 
1 190 ARG n 
1 191 GLY n 
1 192 GLU n 
# 
_entity_src_gen.entity_id                          1 
_entity_src_gen.pdbx_src_id                        1 
_entity_src_gen.pdbx_alt_source_flag               sample 
_entity_src_gen.pdbx_seq_type                      'Biological sequence' 
_entity_src_gen.pdbx_beg_seq_num                   1 
_entity_src_gen.pdbx_end_seq_num                   192 
_entity_src_gen.gene_src_common_name               ? 
_entity_src_gen.gene_src_genus                     ? 
_entity_src_gen.pdbx_gene_src_gene                 PA 
_entity_src_gen.gene_src_species                   ? 
_entity_src_gen.gene_src_strain                    'swl A/California/04/2009 H1N1' 
_entity_src_gen.gene_src_tissue                    ? 
_entity_src_gen.gene_src_tissue_fraction           ? 
_entity_src_gen.gene_src_details                   ? 
_entity_src_gen.pdbx_gene_src_fragment             ? 
_entity_src_gen.pdbx_gene_src_scientific_name      'Influenza A virus' 
_entity_src_gen.pdbx_gene_src_ncbi_taxonomy_id     641501 
_entity_src_gen.pdbx_gene_src_variant              ? 
_entity_src_gen.pdbx_gene_src_cell_line            ? 
_entity_src_gen.pdbx_gene_src_atcc                 ? 
_entity_src_gen.pdbx_gene_src_organ                ? 
_entity_src_gen.pdbx_gene_src_organelle            ? 
_entity_src_gen.pdbx_gene_src_cell                 ? 
_entity_src_gen.pdbx_gene_src_cellular_location    ? 
_entity_src_gen.host_org_common_name               ? 
_entity_src_gen.pdbx_host_org_scientific_name      'Escherichia coli BL21' 
_entity_src_gen.pdbx_host_org_ncbi_taxonomy_id     511693 
_entity_src_gen.host_org_genus                     ? 
_entity_src_gen.pdbx_host_org_gene                 ? 
_entity_src_gen.pdbx_host_org_organ                ? 
_entity_src_gen.host_org_species                   ? 
_entity_src_gen.pdbx_host_org_tissue               ? 
_entity_src_gen.pdbx_host_org_tissue_fraction      ? 
_entity_src_gen.pdbx_host_org_strain               ? 
_entity_src_gen.pdbx_host_org_variant              ? 
_entity_src_gen.pdbx_host_org_cell_line            ? 
_entity_src_gen.pdbx_host_org_atcc                 ? 
_entity_src_gen.pdbx_host_org_culture_collection   ? 
_entity_src_gen.pdbx_host_org_cell                 ? 
_entity_src_gen.pdbx_host_org_organelle            ? 
_entity_src_gen.pdbx_host_org_cellular_location    ? 
_entity_src_gen.pdbx_host_org_vector_type          ? 
_entity_src_gen.pdbx_host_org_vector               ? 
_entity_src_gen.host_org_details                   ? 
_entity_src_gen.expression_system_id               ? 
_entity_src_gen.plasmid_name                       ? 
_entity_src_gen.plasmid_details                    ? 
_entity_src_gen.pdbx_description                   ? 
# 
_struct_ref.id                         1 
_struct_ref.db_name                    UNP 
_struct_ref.db_code                    C3W5S0_I09A0 
_struct_ref.pdbx_db_accession          C3W5S0 
_struct_ref.pdbx_db_isoform            ? 
_struct_ref.entity_id                  1 
_struct_ref.pdbx_seq_one_letter_code   
;MEDFVRQCFNPMIVELAEKAMKEYGEDPKIETNKFAAICTHLEVCFMYSDFHFIDERGESIIVESGDPNALLKHRFEIIE
GRDRIMAWTVVNSICNTTGVEKPKFLPDLYDYKENRFIEIGVTRREVHIYYLEKANKIKSEKTHIHIFSFTGEEMATKAD
YTLDEESRARIKTRLFTIRQEMASRSLWDSFRQSERGE
;
_struct_ref.pdbx_align_begin           1 
# 
_struct_ref_seq.align_id                      1 
_struct_ref_seq.ref_id                        1 
_struct_ref_seq.pdbx_PDB_id_code              6E4C 
_struct_ref_seq.pdbx_strand_id                A 
_struct_ref_seq.seq_align_beg                 7 
_struct_ref_seq.pdbx_seq_align_beg_ins_code   ? 
_struct_ref_seq.seq_align_end                 192 
_struct_ref_seq.pdbx_seq_align_end_ins_code   ? 
_struct_ref_seq.pdbx_db_accession             C3W5S0 
_struct_ref_seq.db_align_beg                  1 
_struct_ref_seq.pdbx_db_align_beg_ins_code    ? 
_struct_ref_seq.db_align_end                  198 
_struct_ref_seq.pdbx_db_align_end_ins_code    ? 
_struct_ref_seq.pdbx_auth_seq_align_beg       1 
_struct_ref_seq.pdbx_auth_seq_align_end       198 
# 
loop_
_struct_ref_seq_dif.align_id 
_struct_ref_seq_dif.pdbx_pdb_id_code 
_struct_ref_seq_dif.mon_id 
_struct_ref_seq_dif.pdbx_pdb_strand_id 
_struct_ref_seq_dif.seq_num 
_struct_ref_seq_dif.pdbx_pdb_ins_code 
_struct_ref_seq_dif.pdbx_seq_db_name 
_struct_ref_seq_dif.pdbx_seq_db_accession_code 
_struct_ref_seq_dif.db_mon_id 
_struct_ref_seq_dif.pdbx_seq_db_seq_num 
_struct_ref_seq_dif.details 
_struct_ref_seq_dif.pdbx_auth_seq_num 
_struct_ref_seq_dif.pdbx_ordinal 
1 6E4C MET A 1  ? UNP C3W5S0 ?   ?  'expression tag' -5 1  
1 6E4C GLY A 2  ? UNP C3W5S0 ?   ?  'expression tag' -4 2  
1 6E4C SER A 3  ? UNP C3W5S0 ?   ?  'expression tag' -3 3  
1 6E4C GLY A 4  ? UNP C3W5S0 ?   ?  'expression tag' -2 4  
1 6E4C MET A 5  ? UNP C3W5S0 ?   ?  'expression tag' -1 5  
1 6E4C ALA A 6  ? UNP C3W5S0 ?   ?  'expression tag' 0  6  
1 6E4C GLY A 58 ? UNP C3W5S0 HIS 52 conflict         52 7  
1 6E4C ?   A ?  ? UNP C3W5S0 PHE 53 deletion         ?  8  
1 6E4C ?   A ?  ? UNP C3W5S0 ILE 54 deletion         ?  9  
1 6E4C ?   A ?  ? UNP C3W5S0 ASP 55 deletion         ?  10 
1 6E4C ?   A ?  ? UNP C3W5S0 GLU 56 deletion         ?  11 
1 6E4C ?   A ?  ? UNP C3W5S0 ARG 57 deletion         ?  12 
1 6E4C ?   A ?  ? UNP C3W5S0 GLY 58 deletion         ?  13 
1 6E4C ?   A ?  ? UNP C3W5S0 GLU 59 deletion         ?  14 
1 6E4C ?   A ?  ? UNP C3W5S0 SER 60 deletion         ?  15 
1 6E4C ?   A ?  ? UNP C3W5S0 ILE 61 deletion         ?  16 
1 6E4C ?   A ?  ? UNP C3W5S0 ILE 62 deletion         ?  17 
1 6E4C ?   A ?  ? UNP C3W5S0 VAL 63 deletion         ?  18 
1 6E4C ?   A ?  ? UNP C3W5S0 GLU 64 deletion         ?  19 
# 
loop_
_chem_comp.id 
_chem_comp.type 
_chem_comp.mon_nstd_flag 
_chem_comp.name 
_chem_comp.pdbx_synonyms 
_chem_comp.formula 
_chem_comp.formula_weight 
ALA 'L-peptide linking' y ALANINE ?                 'C3 H7 N O2'     89.093  
ARG 'L-peptide linking' y ARGININE ?                 'C6 H15 N4 O2 1' 175.209 
ASN 'L-peptide linking' y ASPARAGINE ?                 'C4 H8 N2 O3'    132.118 
ASP 'L-peptide linking' y 'ASPARTIC ACID' ?                 'C4 H7 N O4'     133.103 
CYS 'L-peptide linking' y CYSTEINE ?                 'C3 H7 N O2 S'   121.158 
EDO non-polymer         . 1,2-ETHANEDIOL 'ETHYLENE GLYCOL' 'C2 H6 O2'       62.068  
GLN 'L-peptide linking' y GLUTAMINE ?                 'C5 H10 N2 O3'   146.144 
GLU 'L-peptide linking' y 'GLUTAMIC ACID' ?                 'C5 H9 N O4'     147.129 
GLY 'peptide linking'   y GLYCINE ?                 'C2 H5 N O2'     75.067  
HIS 'L-peptide linking' y HISTIDINE ?                 'C6 H10 N3 O2 1' 156.162 
HOH non-polymer         . WATER ?                 'H2 O'           18.015  
HRJ non-polymer         . 
'3-hydroxy-6-[2-methyl-4-(5-oxo-4,5-dihydro-1,2,4-oxadiazol-3-yl)phenyl]-4-oxo-1,4-dihydropyridine-2-carboxylic acid' ? 
'C15 H11 N3 O6'  329.264 
ILE 'L-peptide linking' y ISOLEUCINE ?                 'C6 H13 N O2'    131.173 
LEU 'L-peptide linking' y LEUCINE ?                 'C6 H13 N O2'    131.173 
LYS 'L-peptide linking' y LYSINE ?                 'C6 H15 N2 O2 1' 147.195 
MET 'L-peptide linking' y METHIONINE ?                 'C5 H11 N O2 S'  149.211 
MN  non-polymer         . 'MANGANESE (II) ION' ?                 'Mn 2'           54.938  
PHE 'L-peptide linking' y PHENYLALANINE ?                 'C9 H11 N O2'    165.189 
PRO 'L-peptide linking' y PROLINE ?                 'C5 H9 N O2'     115.130 
SER 'L-peptide linking' y SERINE ?                 'C3 H7 N O3'     105.093 
THR 'L-peptide linking' y THREONINE ?                 'C4 H9 N O3'     119.119 
TRP 'L-peptide linking' y TRYPTOPHAN ?                 'C11 H12 N2 O2'  204.225 
TYR 'L-peptide linking' y TYROSINE ?                 'C9 H11 N O3'    181.189 
VAL 'L-peptide linking' y VALINE ?                 'C5 H11 N O2'    117.146 
# 
_exptl.absorpt_coefficient_mu     ? 
_exptl.absorpt_correction_T_max   ? 
_exptl.absorpt_correction_T_min   ? 
_exptl.absorpt_correction_type    ? 
_exptl.absorpt_process_details    ? 
_exptl.entry_id                   6E4C 
_exptl.crystals_number            1 
_exptl.details                    ? 
_exptl.method                     'X-RAY DIFFRACTION' 
_exptl.method_details             ? 
# 
_exptl_crystal.colour                      ? 
_exptl_crystal.density_diffrn              ? 
_exptl_crystal.density_Matthews            2.19 
_exptl_crystal.density_method              ? 
_exptl_crystal.density_percent_sol         43.81 
_exptl_crystal.description                 ? 
_exptl_crystal.F_000                       ? 
_exptl_crystal.id                          1 
_exptl_crystal.preparation                 ? 
_exptl_crystal.size_max                    ? 
_exptl_crystal.size_mid                    ? 
_exptl_crystal.size_min                    ? 
_exptl_crystal.size_rad                    ? 
_exptl_crystal.colour_lustre               ? 
_exptl_crystal.colour_modifier             ? 
_exptl_crystal.colour_primary              ? 
_exptl_crystal.density_meas                ? 
_exptl_crystal.density_meas_esd            ? 
_exptl_crystal.density_meas_gt             ? 
_exptl_crystal.density_meas_lt             ? 
_exptl_crystal.density_meas_temp           ? 
_exptl_crystal.density_meas_temp_esd       ? 
_exptl_crystal.density_meas_temp_gt        ? 
_exptl_crystal.density_meas_temp_lt        ? 
_exptl_crystal.pdbx_crystal_image_url      ? 
_exptl_crystal.pdbx_crystal_image_format   ? 
_exptl_crystal.pdbx_mosaicity              ? 
_exptl_crystal.pdbx_mosaicity_esd          ? 
# 
_exptl_crystal_grow.apparatus       ? 
_exptl_crystal_grow.atmosphere      ? 
_exptl_crystal_grow.crystal_id      1 
_exptl_crystal_grow.details         ? 
_exptl_crystal_grow.method          'VAPOR DIFFUSION, HANGING DROP' 
_exptl_crystal_grow.method_ref      ? 
_exptl_crystal_grow.pH              7.8 
_exptl_crystal_grow.pressure        ? 
_exptl_crystal_grow.pressure_esd    ? 
_exptl_crystal_grow.seeding         ? 
_exptl_crystal_grow.seeding_ref     ? 
_exptl_crystal_grow.temp            306 
_exptl_crystal_grow.temp_details    ? 
_exptl_crystal_grow.temp_esd        ? 
_exptl_crystal_grow.time            ? 
_exptl_crystal_grow.pdbx_details    '30% PEG4000, 100 mM Tris, pH 8.35, 200-220 mM sodium acetate' 
_exptl_crystal_grow.pdbx_pH_range   ? 
# 
_diffrn.ambient_environment    ? 
_diffrn.ambient_temp           100 
_diffrn.ambient_temp_details   ? 
_diffrn.ambient_temp_esd       ? 
_diffrn.crystal_id             1 
_diffrn.crystal_support        ? 
_diffrn.crystal_treatment      ? 
_diffrn.details                ? 
_diffrn.id                     1 
_diffrn.ambient_pressure       ? 
_diffrn.ambient_pressure_esd   ? 
_diffrn.ambient_pressure_gt    ? 
_diffrn.ambient_pressure_lt    ? 
_diffrn.ambient_temp_gt        ? 
_diffrn.ambient_temp_lt        ? 
# 
_diffrn_detector.details                      ? 
_diffrn_detector.detector                     PIXEL 
_diffrn_detector.diffrn_id                    1 
_diffrn_detector.type                         'DECTRIS PILATUS3 6M' 
_diffrn_detector.area_resol_mean              ? 
_diffrn_detector.dtime                        ? 
_diffrn_detector.pdbx_frames_total            ? 
_diffrn_detector.pdbx_collection_time_total   ? 
_diffrn_detector.pdbx_collection_date         2018-06-15 
# 
_diffrn_radiation.collimation                      ? 
_diffrn_radiation.diffrn_id                        1 
_diffrn_radiation.filter_edge                      ? 
_diffrn_radiation.inhomogeneity                    ? 
_diffrn_radiation.monochromator                    'Single crystal, cylindrically bent, Si(220)' 
_diffrn_radiation.polarisn_norm                    ? 
_diffrn_radiation.polarisn_ratio                   ? 
_diffrn_radiation.probe                            ? 
_diffrn_radiation.type                             ? 
_diffrn_radiation.xray_symbol                      ? 
_diffrn_radiation.wavelength_id                    1 
_diffrn_radiation.pdbx_monochromatic_or_laue_m_l   M 
_diffrn_radiation.pdbx_wavelength_list             ? 
_diffrn_radiation.pdbx_wavelength                  ? 
_diffrn_radiation.pdbx_diffrn_protocol             'SINGLE WAVELENGTH' 
_diffrn_radiation.pdbx_analyzer                    ? 
_diffrn_radiation.pdbx_scattering_type             x-ray 
# 
_diffrn_radiation_wavelength.id           1 
_diffrn_radiation_wavelength.wavelength   0.97 
_diffrn_radiation_wavelength.wt           1.0 
# 
_diffrn_source.current                     ? 
_diffrn_source.details                     ? 
_diffrn_source.diffrn_id                   1 
_diffrn_source.power                       ? 
_diffrn_source.size                        ? 
_diffrn_source.source                      SYNCHROTRON 
_diffrn_source.target                      ? 
_diffrn_source.type                        'ALS BEAMLINE 5.0.1' 
_diffrn_source.voltage                     ? 
_diffrn_source.take-off_angle              ? 
_diffrn_source.pdbx_wavelength_list        0.97 
_diffrn_source.pdbx_wavelength             ? 
_diffrn_source.pdbx_synchrotron_beamline   5.0.1 
_diffrn_source.pdbx_synchrotron_site       ALS 
# 
_reflns.B_iso_Wilson_estimate            ? 
_reflns.entry_id                         6E4C 
_reflns.data_reduction_details           ? 
_reflns.data_reduction_method            ? 
_reflns.d_resolution_high                2.35 
_reflns.d_resolution_low                 44.28 
_reflns.details                          ? 
_reflns.limit_h_max                      ? 
_reflns.limit_h_min                      ? 
_reflns.limit_k_max                      ? 
_reflns.limit_k_min                      ? 
_reflns.limit_l_max                      ? 
_reflns.limit_l_min                      ? 
_reflns.number_all                       ? 
_reflns.number_obs                       8894 
_reflns.observed_criterion               ? 
_reflns.observed_criterion_F_max         ? 
_reflns.observed_criterion_F_min         ? 
_reflns.observed_criterion_I_max         ? 
_reflns.observed_criterion_I_min         ? 
_reflns.observed_criterion_sigma_F       ? 
_reflns.observed_criterion_sigma_I       ? 
_reflns.percent_possible_obs             99.9 
_reflns.R_free_details                   ? 
_reflns.Rmerge_F_all                     ? 
_reflns.Rmerge_F_obs                     ? 
_reflns.Friedel_coverage                 ? 
_reflns.number_gt                        ? 
_reflns.threshold_expression             ? 
_reflns.pdbx_redundancy                  23.3 
_reflns.pdbx_Rmerge_I_obs                0.034 
_reflns.pdbx_Rmerge_I_all                ? 
_reflns.pdbx_Rsym_value                  ? 
_reflns.pdbx_netI_over_av_sigmaI         ? 
_reflns.pdbx_netI_over_sigmaI            62.6 
_reflns.pdbx_res_netI_over_av_sigmaI_2   ? 
_reflns.pdbx_res_netI_over_sigmaI_2      ? 
_reflns.pdbx_chi_squared                 ? 
_reflns.pdbx_scaling_rejects             ? 
_reflns.pdbx_d_res_high_opt              ? 
_reflns.pdbx_d_res_low_opt               ? 
_reflns.pdbx_d_res_opt_method            ? 
_reflns.phase_calculation_details        ? 
_reflns.pdbx_Rrim_I_all                  0.035 
_reflns.pdbx_Rpim_I_all                  0.010 
_reflns.pdbx_d_opt                       ? 
_reflns.pdbx_number_measured_all         ? 
_reflns.pdbx_diffrn_id                   1 
_reflns.pdbx_ordinal                     1 
_reflns.pdbx_CC_half                     ? 
_reflns.pdbx_R_split                     ? 
# 
_reflns_shell.d_res_high                  2.35 
_reflns_shell.d_res_low                   2.44 
_reflns_shell.meanI_over_sigI_all         ? 
_reflns_shell.meanI_over_sigI_obs         7.5 
_reflns_shell.number_measured_all         ? 
_reflns_shell.number_measured_obs         ? 
_reflns_shell.number_possible             ? 
_reflns_shell.number_unique_all           ? 
_reflns_shell.number_unique_obs           831 
_reflns_shell.percent_possible_all        99.6 
_reflns_shell.percent_possible_obs        ? 
_reflns_shell.Rmerge_F_all                ? 
_reflns_shell.Rmerge_F_obs                ? 
_reflns_shell.Rmerge_I_all                ? 
_reflns_shell.Rmerge_I_obs                0.456 
_reflns_shell.meanI_over_sigI_gt          ? 
_reflns_shell.meanI_over_uI_all           ? 
_reflns_shell.meanI_over_uI_gt            ? 
_reflns_shell.number_measured_gt          ? 
_reflns_shell.number_unique_gt            ? 
_reflns_shell.percent_possible_gt         ? 
_reflns_shell.Rmerge_F_gt                 ? 
_reflns_shell.Rmerge_I_gt                 ? 
_reflns_shell.pdbx_redundancy             24.1 
_reflns_shell.pdbx_Rsym_value             ? 
_reflns_shell.pdbx_chi_squared            ? 
_reflns_shell.pdbx_netI_over_sigmaI_all   ? 
_reflns_shell.pdbx_netI_over_sigmaI_obs   ? 
_reflns_shell.pdbx_Rrim_I_all             0.475 
_reflns_shell.pdbx_Rpim_I_all             0.130 
_reflns_shell.pdbx_rejects                ? 
_reflns_shell.pdbx_ordinal                1 
_reflns_shell.pdbx_diffrn_id              1 
_reflns_shell.pdbx_CC_half                ? 
_reflns_shell.pdbx_R_split                ? 
# 
_refine.aniso_B[1][1]                            -0.59 
_refine.aniso_B[1][2]                            -0.29 
_refine.aniso_B[1][3]                            -0.00 
_refine.aniso_B[2][2]                            -0.59 
_refine.aniso_B[2][3]                            0.00 
_refine.aniso_B[3][3]                            1.90 
_refine.B_iso_max                                ? 
_refine.B_iso_mean                               53.646 
_refine.B_iso_min                                ? 
_refine.correlation_coeff_Fo_to_Fc               0.958 
_refine.correlation_coeff_Fo_to_Fc_free          0.926 
_refine.details                                  'HYDROGENS HAVE BEEN ADDED IN THE RIDING POSITIONS' 
_refine.diff_density_max                         ? 
_refine.diff_density_max_esd                     ? 
_refine.diff_density_min                         ? 
_refine.diff_density_min_esd                     ? 
_refine.diff_density_rms                         ? 
_refine.diff_density_rms_esd                     ? 
_refine.entry_id                                 6E4C 
_refine.pdbx_refine_id                           'X-RAY DIFFRACTION' 
_refine.ls_abs_structure_details                 ? 
_refine.ls_abs_structure_Flack                   ? 
_refine.ls_abs_structure_Flack_esd               ? 
_refine.ls_abs_structure_Rogers                  ? 
_refine.ls_abs_structure_Rogers_esd              ? 
_refine.ls_d_res_high                            2.35 
_refine.ls_d_res_low                             44.28 
_refine.ls_extinction_coef                       ? 
_refine.ls_extinction_coef_esd                   ? 
_refine.ls_extinction_expression                 ? 
_refine.ls_extinction_method                     ? 
_refine.ls_goodness_of_fit_all                   ? 
_refine.ls_goodness_of_fit_all_esd               ? 
_refine.ls_goodness_of_fit_obs                   ? 
_refine.ls_goodness_of_fit_obs_esd               ? 
_refine.ls_hydrogen_treatment                    ? 
_refine.ls_matrix_type                           ? 
_refine.ls_number_constraints                    ? 
_refine.ls_number_parameters                     ? 
_refine.ls_number_reflns_all                     ? 
_refine.ls_number_reflns_obs                     8198 
_refine.ls_number_reflns_R_free                  672 
_refine.ls_number_reflns_R_work                  ? 
_refine.ls_number_restraints                     ? 
_refine.ls_percent_reflns_obs                    99.72 
_refine.ls_percent_reflns_R_free                 7.6 
_refine.ls_R_factor_all                          ? 
_refine.ls_R_factor_obs                          0.20041 
_refine.ls_R_factor_R_free                       0.26027 
_refine.ls_R_factor_R_free_error                 ? 
_refine.ls_R_factor_R_free_error_details         ? 
_refine.ls_R_factor_R_work                       0.19541 
_refine.ls_R_Fsqd_factor_obs                     ? 
_refine.ls_R_I_factor_obs                        ? 
_refine.ls_redundancy_reflns_all                 ? 
_refine.ls_redundancy_reflns_obs                 ? 
_refine.ls_restrained_S_all                      ? 
_refine.ls_restrained_S_obs                      ? 
_refine.ls_shift_over_esd_max                    ? 
_refine.ls_shift_over_esd_mean                   ? 
_refine.ls_structure_factor_coef                 ? 
_refine.ls_weighting_details                     ? 
_refine.ls_weighting_scheme                      ? 
_refine.ls_wR_factor_all                         ? 
_refine.ls_wR_factor_obs                         ? 
_refine.ls_wR_factor_R_free                      ? 
_refine.ls_wR_factor_R_work                      ? 
_refine.occupancy_max                            ? 
_refine.occupancy_min                            ? 
_refine.solvent_model_details                    ? 
_refine.solvent_model_param_bsol                 ? 
_refine.solvent_model_param_ksol                 ? 
_refine.ls_R_factor_gt                           ? 
_refine.ls_goodness_of_fit_gt                    ? 
_refine.ls_goodness_of_fit_ref                   ? 
_refine.ls_shift_over_su_max                     ? 
_refine.ls_shift_over_su_max_lt                  ? 
_refine.ls_shift_over_su_mean                    ? 
_refine.ls_shift_over_su_mean_lt                 ? 
_refine.pdbx_ls_sigma_I                          ? 
_refine.pdbx_ls_sigma_F                          ? 
_refine.pdbx_ls_sigma_Fsqd                       ? 
_refine.pdbx_data_cutoff_high_absF               ? 
_refine.pdbx_data_cutoff_high_rms_absF           ? 
_refine.pdbx_data_cutoff_low_absF                ? 
_refine.pdbx_isotropic_thermal_model             ? 
_refine.pdbx_ls_cross_valid_method               THROUGHOUT 
_refine.pdbx_method_to_determine_struct          'MOLECULAR REPLACEMENT' 
_refine.pdbx_starting_model                      'PDB entry 4AWM' 
_refine.pdbx_stereochemistry_target_values       ? 
_refine.pdbx_R_Free_selection_details            RANDOM 
_refine.pdbx_stereochem_target_val_spec_case     ? 
_refine.pdbx_overall_ESU_R                       0.405 
_refine.pdbx_overall_ESU_R_Free                  0.272 
_refine.pdbx_solvent_vdw_probe_radii             1.20 
_refine.pdbx_solvent_ion_probe_radii             0.80 
_refine.pdbx_solvent_shrinkage_radii             0.80 
_refine.pdbx_real_space_R                        ? 
_refine.pdbx_density_correlation                 ? 
_refine.pdbx_pd_number_of_powder_patterns        ? 
_refine.pdbx_pd_number_of_points                 ? 
_refine.pdbx_pd_meas_number_of_points            ? 
_refine.pdbx_pd_proc_ls_prof_R_factor            ? 
_refine.pdbx_pd_proc_ls_prof_wR_factor           ? 
_refine.pdbx_pd_Marquardt_correlation_coeff      ? 
_refine.pdbx_pd_Fsqrd_R_factor                   ? 
_refine.pdbx_pd_ls_matrix_band_width             ? 
_refine.pdbx_overall_phase_error                 ? 
_refine.pdbx_overall_SU_R_free_Cruickshank_DPI   ? 
_refine.pdbx_overall_SU_R_free_Blow_DPI          ? 
_refine.pdbx_overall_SU_R_Blow_DPI               ? 
_refine.pdbx_TLS_residual_ADP_flag               ? 
_refine.pdbx_diffrn_id                           1 
_refine.overall_SU_B                             8.356 
_refine.overall_SU_ML                            0.194 
_refine.overall_SU_R_Cruickshank_DPI             ? 
_refine.overall_SU_R_free                        ? 
_refine.overall_FOM_free_R_set                   ? 
_refine.overall_FOM_work_R_set                   ? 
_refine.pdbx_average_fsc_overall                 ? 
_refine.pdbx_average_fsc_work                    ? 
_refine.pdbx_average_fsc_free                    ? 
# 
_refine_hist.pdbx_refine_id                   'X-RAY DIFFRACTION' 
_refine_hist.cycle_id                         1 
_refine_hist.pdbx_number_atoms_protein        1468 
_refine_hist.pdbx_number_atoms_nucleic_acid   0 
_refine_hist.pdbx_number_atoms_ligand         30 
_refine_hist.number_atoms_solvent             32 
_refine_hist.number_atoms_total               1530 
_refine_hist.d_res_high                       2.35 
_refine_hist.d_res_low                        44.28 
# 
loop_
_refine_ls_restr.pdbx_refine_id 
_refine_ls_restr.criterion 
_refine_ls_restr.dev_ideal 
_refine_ls_restr.dev_ideal_target 
_refine_ls_restr.number 
_refine_ls_restr.rejects 
_refine_ls_restr.type 
_refine_ls_restr.weight 
_refine_ls_restr.pdbx_restraint_function 
'X-RAY DIFFRACTION' ? 0.010  0.014  1526 ? r_bond_refined_d             ? ? 
'X-RAY DIFFRACTION' ? 0.001  0.017  1347 ? r_bond_other_d               ? ? 
'X-RAY DIFFRACTION' ? 1.348  1.691  2046 ? r_angle_refined_deg          ? ? 
'X-RAY DIFFRACTION' ? 0.923  1.649  3158 ? r_angle_other_deg            ? ? 
'X-RAY DIFFRACTION' ? 5.970  5.000  173  ? r_dihedral_angle_1_deg       ? ? 
'X-RAY DIFFRACTION' ? 31.397 21.183 93   ? r_dihedral_angle_2_deg       ? ? 
'X-RAY DIFFRACTION' ? 17.195 15.000 285  ? r_dihedral_angle_3_deg       ? ? 
'X-RAY DIFFRACTION' ? 21.214 15.000 14   ? r_dihedral_angle_4_deg       ? ? 
'X-RAY DIFFRACTION' ? 0.065  0.200  197  ? r_chiral_restr               ? ? 
'X-RAY DIFFRACTION' ? 0.007  0.020  1689 ? r_gen_planes_refined         ? ? 
'X-RAY DIFFRACTION' ? 0.001  0.020  299  ? r_gen_planes_other           ? ? 
'X-RAY DIFFRACTION' ? ?      ?      ?    ? r_nbd_refined                ? ? 
'X-RAY DIFFRACTION' ? ?      ?      ?    ? r_nbd_other                  ? ? 
'X-RAY DIFFRACTION' ? ?      ?      ?    ? r_nbtor_refined              ? ? 
'X-RAY DIFFRACTION' ? ?      ?      ?    ? r_nbtor_other                ? ? 
'X-RAY DIFFRACTION' ? ?      ?      ?    ? r_xyhbond_nbd_refined        ? ? 
'X-RAY DIFFRACTION' ? ?      ?      ?    ? r_xyhbond_nbd_other          ? ? 
'X-RAY DIFFRACTION' ? ?      ?      ?    ? r_metal_ion_refined          ? ? 
'X-RAY DIFFRACTION' ? ?      ?      ?    ? r_metal_ion_other            ? ? 
'X-RAY DIFFRACTION' ? ?      ?      ?    ? r_symmetry_vdw_refined       ? ? 
'X-RAY DIFFRACTION' ? ?      ?      ?    ? r_symmetry_vdw_other         ? ? 
'X-RAY DIFFRACTION' ? ?      ?      ?    ? r_symmetry_hbond_refined     ? ? 
'X-RAY DIFFRACTION' ? ?      ?      ?    ? r_symmetry_hbond_other       ? ? 
'X-RAY DIFFRACTION' ? ?      ?      ?    ? r_symmetry_metal_ion_refined ? ? 
'X-RAY DIFFRACTION' ? ?      ?      ?    ? r_symmetry_metal_ion_other   ? ? 
'X-RAY DIFFRACTION' ? 3.672  5.224  701  ? r_mcbond_it                  ? ? 
'X-RAY DIFFRACTION' ? 3.665  5.219  700  ? r_mcbond_other               ? ? 
'X-RAY DIFFRACTION' ? 5.195  7.813  871  ? r_mcangle_it                 ? ? 
'X-RAY DIFFRACTION' ? 5.192  7.819  872  ? r_mcangle_other              ? ? 
'X-RAY DIFFRACTION' ? 4.894  5.731  825  ? r_scbond_it                  ? ? 
'X-RAY DIFFRACTION' ? 4.887  5.731  825  ? r_scbond_other               ? ? 
'X-RAY DIFFRACTION' ? ?      ?      ?    ? r_scangle_it                 ? ? 
'X-RAY DIFFRACTION' ? 7.139  8.378  1176 ? r_scangle_other              ? ? 
'X-RAY DIFFRACTION' ? 8.382  59.404 1769 ? r_long_range_B_refined       ? ? 
'X-RAY DIFFRACTION' ? 8.388  59.355 1767 ? r_long_range_B_other         ? ? 
'X-RAY DIFFRACTION' ? ?      ?      ?    ? r_rigid_bond_restr           ? ? 
'X-RAY DIFFRACTION' ? ?      ?      ?    ? r_sphericity_free            ? ? 
'X-RAY DIFFRACTION' ? ?      ?      ?    ? r_sphericity_bonded          ? ? 
# 
_refine_ls_shell.pdbx_refine_id                   'X-RAY DIFFRACTION' 
_refine_ls_shell.d_res_high                       2.353 
_refine_ls_shell.d_res_low                        2.414 
_refine_ls_shell.number_reflns_all                ? 
_refine_ls_shell.number_reflns_obs                ? 
_refine_ls_shell.number_reflns_R_free             47 
_refine_ls_shell.number_reflns_R_work             578 
_refine_ls_shell.percent_reflns_obs               98.89 
_refine_ls_shell.percent_reflns_R_free            ? 
_refine_ls_shell.R_factor_all                     ? 
_refine_ls_shell.R_factor_obs                     ? 
_refine_ls_shell.R_factor_R_free                  0.353 
_refine_ls_shell.R_factor_R_free_error            ? 
_refine_ls_shell.R_factor_R_work                  0.241 
_refine_ls_shell.redundancy_reflns_all            ? 
_refine_ls_shell.redundancy_reflns_obs            ? 
_refine_ls_shell.wR_factor_all                    ? 
_refine_ls_shell.wR_factor_obs                    ? 
_refine_ls_shell.wR_factor_R_free                 ? 
_refine_ls_shell.wR_factor_R_work                 ? 
_refine_ls_shell.pdbx_total_number_of_bins_used   20 
_refine_ls_shell.pdbx_phase_error                 ? 
_refine_ls_shell.pdbx_fsc_work                    ? 
_refine_ls_shell.pdbx_fsc_free                    ? 
# 
_struct.entry_id                     6E4C 
_struct.title                        
;The N-terminal domain of PA endonuclease from the influenza H1N1 virus in complex with 3-hydroxy-6-(2-methyl-4-(5-oxo-4,5-dihydro-1,2,4-oxadiazol-3-yl)phenyl)-4-oxo-1,4-dihydropyridine-2-carboxylic acid
;
_struct.pdbx_model_details           ? 
_struct.pdbx_formula_weight          ? 
_struct.pdbx_formula_weight_method   ? 
_struct.pdbx_model_type_details      ? 
_struct.pdbx_CASP_flag               N 
# 
_struct_keywords.entry_id        6E4C 
_struct_keywords.text            'PA endonuclease, inhibitor, influenza, H1N1, HYDROLASE-HYDROLASE INHIBITOR complex' 
_struct_keywords.pdbx_keywords   'HYDROLASE/HYDROLASE INHIBITOR' 
# 
loop_
_struct_asym.id 
_struct_asym.pdbx_blank_PDB_chainid_flag 
_struct_asym.pdbx_modified 
_struct_asym.entity_id 
_struct_asym.details 
A N N 1 ? 
B N N 2 ? 
C N N 2 ? 
D N N 3 ? 
E N N 4 ? 
F N N 5 ? 
# 
loop_
_struct_conf.conf_type_id 
_struct_conf.id 
_struct_conf.pdbx_PDB_helix_id 
_struct_conf.beg_label_comp_id 
_struct_conf.beg_label_asym_id 
_struct_conf.beg_label_seq_id 
_struct_conf.pdbx_beg_PDB_ins_code 
_struct_conf.end_label_comp_id 
_struct_conf.end_label_asym_id 
_struct_conf.end_label_seq_id 
_struct_conf.pdbx_end_PDB_ins_code 
_struct_conf.beg_auth_comp_id 
_struct_conf.beg_auth_asym_id 
_struct_conf.beg_auth_seq_id 
_struct_conf.end_auth_comp_id 
_struct_conf.end_auth_asym_id 
_struct_conf.end_auth_seq_id 
_struct_conf.pdbx_PDB_helix_class 
_struct_conf.details 
_struct_conf.pdbx_PDB_helix_length 
HELX_P HELX_P1 AA1 MET A 5   ? PHE A 15  ? MET A -1  PHE A 9   1 ? 11 
HELX_P HELX_P2 AA2 ASN A 16  ? GLU A 29  ? ASN A 10  GLU A 23  1 ? 14 
HELX_P HELX_P3 AA3 GLU A 37  ? PHE A 57  ? GLU A 31  PHE A 51  1 ? 21 
HELX_P HELX_P4 AA4 ASP A 77  ? GLY A 93  ? ASP A 83  GLY A 99  1 ? 17 
HELX_P HELX_P5 AA5 GLU A 120 ? LYS A 133 ? GLU A 126 LYS A 139 1 ? 14 
HELX_P HELX_P6 AA6 LYS A 152 ? ASP A 154 ? LYS A 158 ASP A 160 5 ? 3  
HELX_P HELX_P7 AA7 ASP A 158 ? ARG A 179 ? ASP A 164 ARG A 185 1 ? 22 
HELX_P HELX_P8 AA8 LEU A 181 ? SER A 188 ? LEU A 187 SER A 194 1 ? 8  
# 
_struct_conf_type.id          HELX_P 
_struct_conf_type.criteria    ? 
_struct_conf_type.reference   ? 
# 
loop_
_struct_conn.id 
_struct_conn.conn_type_id 
_struct_conn.pdbx_leaving_atom_flag 
_struct_conn.pdbx_PDB_id 
_struct_conn.ptnr1_label_asym_id 
_struct_conn.ptnr1_label_comp_id 
_struct_conn.ptnr1_label_seq_id 
_struct_conn.ptnr1_label_atom_id 
_struct_conn.pdbx_ptnr1_label_alt_id 
_struct_conn.pdbx_ptnr1_PDB_ins_code 
_struct_conn.pdbx_ptnr1_standard_comp_id 
_struct_conn.ptnr1_symmetry 
_struct_conn.ptnr2_label_asym_id 
_struct_conn.ptnr2_label_comp_id 
_struct_conn.ptnr2_label_seq_id 
_struct_conn.ptnr2_label_atom_id 
_struct_conn.pdbx_ptnr2_label_alt_id 
_struct_conn.pdbx_ptnr2_PDB_ins_code 
_struct_conn.ptnr1_auth_asym_id 
_struct_conn.ptnr1_auth_comp_id 
_struct_conn.ptnr1_auth_seq_id 
_struct_conn.ptnr2_auth_asym_id 
_struct_conn.ptnr2_auth_comp_id 
_struct_conn.ptnr2_auth_seq_id 
_struct_conn.ptnr2_symmetry 
_struct_conn.pdbx_ptnr3_label_atom_id 
_struct_conn.pdbx_ptnr3_label_seq_id 
_struct_conn.pdbx_ptnr3_label_comp_id 
_struct_conn.pdbx_ptnr3_label_asym_id 
_struct_conn.pdbx_ptnr3_label_alt_id 
_struct_conn.pdbx_ptnr3_PDB_ins_code 
_struct_conn.details 
_struct_conn.pdbx_dist_value 
_struct_conn.pdbx_value_order 
_struct_conn.pdbx_role 
metalc1  metalc ? ? A HIS 47  NE2 ? ? ? 1_555 B MN  . MN  ? ? A HIS 41  A MN  901  1_555 ? ? ? ? ? ? ? 2.283 ? ? 
metalc2  metalc ? ? A GLU 74  OE2 ? ? ? 1_555 C MN  . MN  ? ? A GLU 80  A MN  902  1_555 ? ? ? ? ? ? ? 2.145 ? ? 
metalc3  metalc ? ? A ASP 102 OD2 ? ? ? 1_555 B MN  . MN  ? ? A ASP 108 A MN  901  1_555 ? ? ? ? ? ? ? 2.159 ? ? 
metalc4  metalc ? ? A ASP 102 OD1 ? ? ? 1_555 C MN  . MN  ? ? A ASP 108 A MN  902  1_555 ? ? ? ? ? ? ? 2.102 ? ? 
metalc5  metalc ? ? A GLU 113 OE2 ? ? ? 1_555 B MN  . MN  ? ? A GLU 119 A MN  901  1_555 ? ? ? ? ? ? ? 2.180 ? ? 
metalc6  metalc ? ? A ILE 114 O   ? ? ? 1_555 B MN  . MN  ? ? A ILE 120 A MN  901  1_555 ? ? ? ? ? ? ? 2.242 ? ? 
metalc7  metalc ? ? B MN  .   MN  ? ? ? 1_555 D HRJ . OAF ? ? A MN  901 A HRJ 903  1_555 ? ? ? ? ? ? ? 2.124 ? ? 
metalc8  metalc ? ? B MN  .   MN  ? ? ? 1_555 D HRJ . OAC ? ? A MN  901 A HRJ 903  1_555 ? ? ? ? ? ? ? 2.192 ? ? 
metalc9  metalc ? ? C MN  .   MN  ? ? ? 1_555 D HRJ . OAB ? ? A MN  902 A HRJ 903  1_555 ? ? ? ? ? ? ? 1.920 ? ? 
metalc10 metalc ? ? C MN  .   MN  ? ? ? 1_555 D HRJ . OAF ? ? A MN  902 A HRJ 903  1_555 ? ? ? ? ? ? ? 2.224 ? ? 
metalc11 metalc ? ? C MN  .   MN  ? ? ? 1_555 F HOH . O   ? ? A MN  902 A HOH 1002 1_555 ? ? ? ? ? ? ? 2.421 ? ? 
metalc12 metalc ? ? C MN  .   MN  ? ? ? 1_555 F HOH . O   ? ? A MN  902 A HOH 1010 1_555 ? ? ? ? ? ? ? 2.520 ? ? 
# 
_struct_conn_type.id          metalc 
_struct_conn_type.criteria    ? 
_struct_conn_type.reference   ? 
# 
_struct_sheet.id               AA1 
_struct_sheet.type             ? 
_struct_sheet.number_strands   5 
_struct_sheet.details          ? 
# 
loop_
_struct_sheet_order.sheet_id 
_struct_sheet_order.range_id_1 
_struct_sheet_order.range_id_2 
_struct_sheet_order.offset 
_struct_sheet_order.sense 
AA1 1 2 ? anti-parallel 
AA1 2 3 ? anti-parallel 
AA1 3 4 ? parallel      
AA1 4 5 ? anti-parallel 
# 
loop_
_struct_sheet_range.sheet_id 
_struct_sheet_range.id 
_struct_sheet_range.beg_label_comp_id 
_struct_sheet_range.beg_label_asym_id 
_struct_sheet_range.beg_label_seq_id 
_struct_sheet_range.pdbx_beg_PDB_ins_code 
_struct_sheet_range.end_label_comp_id 
_struct_sheet_range.end_label_asym_id 
_struct_sheet_range.end_label_seq_id 
_struct_sheet_range.pdbx_end_PDB_ins_code 
_struct_sheet_range.beg_auth_comp_id 
_struct_sheet_range.beg_auth_asym_id 
_struct_sheet_range.beg_auth_seq_id 
_struct_sheet_range.end_auth_comp_id 
_struct_sheet_range.end_auth_asym_id 
_struct_sheet_range.end_auth_seq_id 
AA1 1 PHE A 70  ? ILE A 72  ? PHE A 76  ILE A 78  
AA1 2 LEU A 103 ? ASP A 105 ? LEU A 109 ASP A 111 
AA1 3 ARG A 110 ? THR A 117 ? ARG A 116 THR A 123 
AA1 4 HIS A 138 ? SER A 143 ? HIS A 144 SER A 149 
AA1 5 GLU A 148 ? ALA A 150 ? GLU A 154 ALA A 156 
# 
loop_
_pdbx_struct_sheet_hbond.sheet_id 
_pdbx_struct_sheet_hbond.range_id_1 
_pdbx_struct_sheet_hbond.range_id_2 
_pdbx_struct_sheet_hbond.range_1_label_atom_id 
_pdbx_struct_sheet_hbond.range_1_label_comp_id 
_pdbx_struct_sheet_hbond.range_1_label_asym_id 
_pdbx_struct_sheet_hbond.range_1_label_seq_id 
_pdbx_struct_sheet_hbond.range_1_PDB_ins_code 
_pdbx_struct_sheet_hbond.range_1_auth_atom_id 
_pdbx_struct_sheet_hbond.range_1_auth_comp_id 
_pdbx_struct_sheet_hbond.range_1_auth_asym_id 
_pdbx_struct_sheet_hbond.range_1_auth_seq_id 
_pdbx_struct_sheet_hbond.range_2_label_atom_id 
_pdbx_struct_sheet_hbond.range_2_label_comp_id 
_pdbx_struct_sheet_hbond.range_2_label_asym_id 
_pdbx_struct_sheet_hbond.range_2_label_seq_id 
_pdbx_struct_sheet_hbond.range_2_PDB_ins_code 
_pdbx_struct_sheet_hbond.range_2_auth_atom_id 
_pdbx_struct_sheet_hbond.range_2_auth_comp_id 
_pdbx_struct_sheet_hbond.range_2_auth_asym_id 
_pdbx_struct_sheet_hbond.range_2_auth_seq_id 
AA1 1 2 N GLU A 71  ? N GLU A 77  O TYR A 104 ? O TYR A 110 
AA1 2 3 N ASP A 105 ? N ASP A 111 O ARG A 110 ? O ARG A 116 
AA1 3 4 N GLY A 115 ? N GLY A 121 O HIS A 140 ? O HIS A 146 
AA1 4 5 N ILE A 141 ? N ILE A 147 O MET A 149 ? O MET A 155 
# 
loop_
_struct_site.id 
_struct_site.pdbx_evidence_code 
_struct_site.pdbx_auth_asym_id 
_struct_site.pdbx_auth_comp_id 
_struct_site.pdbx_auth_seq_id 
_struct_site.pdbx_auth_ins_code 
_struct_site.pdbx_num_residues 
_struct_site.details 
AC1 Software A MN  901 ? 6  'binding site for residue MN A 901'  
AC2 Software A MN  902 ? 6  'binding site for residue MN A 902'  
AC3 Software A HRJ 903 ? 15 'binding site for residue HRJ A 903' 
AC4 Software A EDO 904 ? 4  'binding site for residue EDO A 904' 
# 
loop_
_struct_site_gen.id 
_struct_site_gen.site_id 
_struct_site_gen.pdbx_num_res 
_struct_site_gen.label_comp_id 
_struct_site_gen.label_asym_id 
_struct_site_gen.label_seq_id 
_struct_site_gen.pdbx_auth_ins_code 
_struct_site_gen.auth_comp_id 
_struct_site_gen.auth_asym_id 
_struct_site_gen.auth_seq_id 
_struct_site_gen.label_atom_id 
_struct_site_gen.label_alt_id 
_struct_site_gen.symmetry 
_struct_site_gen.details 
1  AC1 6  HIS A 47  ? HIS A 41   . ? 1_555 ? 
2  AC1 6  ASP A 102 ? ASP A 108  . ? 1_555 ? 
3  AC1 6  GLU A 113 ? GLU A 119  . ? 1_555 ? 
4  AC1 6  ILE A 114 ? ILE A 120  . ? 1_555 ? 
5  AC1 6  MN  C .   ? MN  A 902  . ? 1_555 ? 
6  AC1 6  HRJ D .   ? HRJ A 903  . ? 1_555 ? 
7  AC2 6  GLU A 74  ? GLU A 80   . ? 1_555 ? 
8  AC2 6  ASP A 102 ? ASP A 108  . ? 1_555 ? 
9  AC2 6  MN  B .   ? MN  A 901  . ? 1_555 ? 
10 AC2 6  HRJ D .   ? HRJ A 903  . ? 1_555 ? 
11 AC2 6  HOH F .   ? HOH A 1002 . ? 1_555 ? 
12 AC2 6  HOH F .   ? HOH A 1010 . ? 1_555 ? 
13 AC3 15 LYS A 40  ? LYS A 34   . ? 1_555 ? 
14 AC3 15 HIS A 47  ? HIS A 41   . ? 1_555 ? 
15 AC3 15 GLU A 74  ? GLU A 80   . ? 1_555 ? 
16 AC3 15 ASP A 102 ? ASP A 108  . ? 1_555 ? 
17 AC3 15 GLU A 113 ? GLU A 119  . ? 1_555 ? 
18 AC3 15 ILE A 114 ? ILE A 120  . ? 1_555 ? 
19 AC3 15 ARG A 118 ? ARG A 124  . ? 1_555 ? 
20 AC3 15 LYS A 128 ? LYS A 134  . ? 1_555 ? 
21 AC3 15 SER A 188 ? SER A 194  . ? 1_555 ? 
22 AC3 15 ARG A 190 ? ARG A 196  . ? 1_555 ? 
23 AC3 15 MN  B .   ? MN  A 901  . ? 1_555 ? 
24 AC3 15 MN  C .   ? MN  A 902  . ? 1_555 ? 
25 AC3 15 HOH F .   ? HOH A 1002 . ? 1_555 ? 
26 AC3 15 HOH F .   ? HOH A 1003 . ? 1_555 ? 
27 AC3 15 HOH F .   ? HOH A 1004 . ? 1_555 ? 
28 AC4 4  TRP A 82  ? TRP A 88   . ? 1_555 ? 
29 AC4 4  TRP A 82  ? TRP A 88   . ? 9_555 ? 
30 AC4 4  LEU A 100 ? LEU A 106  . ? 9_555 ? 
31 AC4 4  LEU A 100 ? LEU A 106  . ? 1_555 ? 
# 
_atom_sites.entry_id                    6E4C 
_atom_sites.fract_transf_matrix[1][1]   -0.00882440 
_atom_sites.fract_transf_matrix[1][2]   -0.01120147 
_atom_sites.fract_transf_matrix[1][3]   -0.00571414 
_atom_sites.fract_transf_matrix[2][1]   -0.01529314 
_atom_sites.fract_transf_matrix[2][2]   0.00144703 
_atom_sites.fract_transf_matrix[2][3]   0.00013095 
_atom_sites.fract_transf_matrix[3][1]   0.00027589 
_atom_sites.fract_transf_matrix[3][2]   0.00359151 
_atom_sites.fract_transf_matrix[3][3]   -0.00746653 
_atom_sites.fract_transf_vector[1]      -0.190384 
_atom_sites.fract_transf_vector[2]      0.221406 
_atom_sites.fract_transf_vector[3]      0.079350 
# 
loop_
_atom_type.symbol 
C  
MN 
N  
O  
S  
# 
loop_
_atom_site.group_PDB 
_atom_site.id 
_atom_site.type_symbol 
_atom_site.label_atom_id 
_atom_site.label_alt_id 
_atom_site.label_comp_id 
_atom_site.label_asym_id 
_atom_site.label_entity_id 
_atom_site.label_seq_id 
_atom_site.pdbx_PDB_ins_code 
_atom_site.Cartn_x 
_atom_site.Cartn_y 
_atom_site.Cartn_z 
_atom_site.occupancy 
_atom_site.B_iso_or_equiv 
_atom_site.pdbx_formal_charge 
_atom_site.auth_seq_id 
_atom_site.auth_comp_id 
_atom_site.auth_asym_id 
_atom_site.auth_atom_id 
_atom_site.pdbx_PDB_model_num 
ATOM   1    N  N   . MET A 1 5   ? 8.005   22.530  -6.305  1.00 73.46  ? -1   MET A N   1 
ATOM   2    C  CA  . MET A 1 5   ? 7.007   21.928  -5.360  1.00 76.92  ? -1   MET A CA  1 
ATOM   3    C  C   . MET A 1 5   ? 7.727   21.358  -4.127  1.00 70.59  ? -1   MET A C   1 
ATOM   4    O  O   . MET A 1 5   ? 8.617   20.504  -4.244  1.00 68.56  ? -1   MET A O   1 
ATOM   5    C  CB  . MET A 1 5   ? 6.188   20.821  -6.038  1.00 84.44  ? -1   MET A CB  1 
ATOM   6    C  CG  . MET A 1 5   ? 4.878   20.508  -5.331  1.00 94.89  ? -1   MET A CG  1 
ATOM   7    S  SD  . MET A 1 5   ? 3.668   21.881  -5.319  1.00 113.12 ? -1   MET A SD  1 
ATOM   8    C  CE  . MET A 1 5   ? 3.981   22.651  -3.729  1.00 102.06 ? -1   MET A CE  1 
ATOM   9    N  N   . ALA A 1 6   ? 7.348   21.876  -2.947  1.00 67.62  ? 0    ALA A N   1 
ATOM   10   C  CA  . ALA A 1 6   ? 7.737   21.333  -1.652  1.00 60.31  ? 0    ALA A CA  1 
ATOM   11   C  C   . ALA A 1 6   ? 7.323   19.858  -1.590  1.00 61.78  ? 0    ALA A C   1 
ATOM   12   O  O   . ALA A 1 6   ? 8.076   19.031  -1.067  1.00 65.68  ? 0    ALA A O   1 
ATOM   13   C  CB  . ALA A 1 6   ? 7.104   22.129  -0.539  1.00 60.30  ? 0    ALA A CB  1 
ATOM   14   N  N   . MET A 1 7   ? 6.158   19.537  -2.174  1.00 54.76  ? 1    MET A N   1 
ATOM   15   C  CA  . MET A 1 7   ? 5.607   18.179  -2.122  1.00 58.97  ? 1    MET A CA  1 
ATOM   16   C  C   . MET A 1 7   ? 6.557   17.202  -2.812  1.00 56.47  ? 1    MET A C   1 
ATOM   17   O  O   . MET A 1 7   ? 6.769   16.101  -2.303  1.00 57.18  ? 1    MET A O   1 
ATOM   18   C  CB  . MET A 1 7   ? 4.199   18.058  -2.725  1.00 55.98  ? 1    MET A CB  1 
ATOM   19   C  CG  . MET A 1 7   ? 3.628   16.628  -2.678  1.00 58.00  ? 1    MET A CG  1 
ATOM   20   S  SD  . MET A 1 7   ? 3.782   15.774  -1.060  1.00 55.48  ? 1    MET A SD  1 
ATOM   21   C  CE  . MET A 1 7   ? 2.190   16.140  -0.335  1.00 50.34  ? 1    MET A CE  1 
ATOM   22   N  N   . GLU A 1 8   ? 7.150   17.608  -3.932  1.00 59.41  ? 2    GLU A N   1 
ATOM   23   C  CA  . GLU A 1 8   ? 8.113   16.745  -4.603  1.00 62.58  ? 2    GLU A CA  1 
ATOM   24   C  C   . GLU A 1 8   ? 9.381   16.618  -3.752  1.00 58.06  ? 2    GLU A C   1 
ATOM   25   O  O   . GLU A 1 8   ? 9.924   15.533  -3.647  1.00 58.55  ? 2    GLU A O   1 
ATOM   26   C  CB  . GLU A 1 8   ? 8.445   17.260  -5.996  1.00 68.10  ? 2    GLU A CB  1 
ATOM   27   C  CG  . GLU A 1 8   ? 9.189   16.228  -6.820  1.00 73.28  ? 2    GLU A CG  1 
ATOM   28   C  CD  . GLU A 1 8   ? 9.985   16.784  -7.991  1.00 73.17  ? 2    GLU A CD  1 
ATOM   29   O  OE1 . GLU A 1 8   ? 9.626   17.859  -8.510  1.00 65.12  ? 2    GLU A OE1 1 
ATOM   30   O  OE2 . GLU A 1 8   ? 10.954  16.124  -8.390  1.00 77.48  ? 2    GLU A OE2 1 
ATOM   31   N  N   . ASP A 1 9   ? 9.835   17.730  -3.154  1.00 63.15  ? 3    ASP A N   1 
ATOM   32   C  CA  . ASP A 1 9   ? 11.006  17.745  -2.260  1.00 60.36  ? 3    ASP A CA  1 
ATOM   33   C  C   . ASP A 1 9   ? 10.745  16.837  -1.054  1.00 61.14  ? 3    ASP A C   1 
ATOM   34   O  O   . ASP A 1 9   ? 11.603  16.034  -0.709  1.00 62.70  ? 3    ASP A O   1 
ATOM   35   C  CB  . ASP A 1 9   ? 11.346  19.148  -1.759  1.00 65.58  ? 3    ASP A CB  1 
ATOM   36   C  CG  . ASP A 1 9   ? 11.777  20.115  -2.847  1.00 67.15  ? 3    ASP A CG  1 
ATOM   37   O  OD1 . ASP A 1 9   ? 11.953  19.674  -3.989  1.00 65.30  ? 3    ASP A OD1 1 
ATOM   38   O  OD2 . ASP A 1 9   ? 11.923  21.303  -2.535  1.00 68.52  ? 3    ASP A OD2 1 
ATOM   39   N  N   . PHE A 1 10  ? 9.552   16.956  -0.446  1.00 54.37  ? 4    PHE A N   1 
ATOM   40   C  CA  . PHE A 1 10  ? 9.181   16.143  0.730   1.00 51.96  ? 4    PHE A CA  1 
ATOM   41   C  C   . PHE A 1 10  ? 9.338   14.647  0.417   1.00 45.25  ? 4    PHE A C   1 
ATOM   42   O  O   . PHE A 1 10  ? 9.928   13.893  1.213   1.00 43.01  ? 4    PHE A O   1 
ATOM   43   C  CB  . PHE A 1 10  ? 7.753   16.453  1.209   1.00 52.40  ? 4    PHE A CB  1 
ATOM   44   C  CG  . PHE A 1 10  ? 7.157   15.350  2.049   1.00 48.42  ? 4    PHE A CG  1 
ATOM   45   C  CD1 . PHE A 1 10  ? 7.502   15.212  3.383   1.00 49.77  ? 4    PHE A CD1 1 
ATOM   46   C  CD2 . PHE A 1 10  ? 6.313   14.410  1.490   1.00 45.19  ? 4    PHE A CD2 1 
ATOM   47   C  CE1 . PHE A 1 10  ? 6.997   14.168  4.145   1.00 52.40  ? 4    PHE A CE1 1 
ATOM   48   C  CE2 . PHE A 1 10  ? 5.806   13.370  2.257   1.00 50.59  ? 4    PHE A CE2 1 
ATOM   49   C  CZ  . PHE A 1 10  ? 6.140   13.255  3.587   1.00 46.78  ? 4    PHE A CZ  1 
ATOM   50   N  N   . VAL A 1 11  ? 8.808   14.240  -0.742  1.00 44.17  ? 5    VAL A N   1 
ATOM   51   C  CA  . VAL A 1 11  ? 8.810   12.858  -1.196  1.00 47.22  ? 5    VAL A CA  1 
ATOM   52   C  C   . VAL A 1 11  ? 10.244  12.351  -1.319  1.00 51.64  ? 5    VAL A C   1 
ATOM   53   O  O   . VAL A 1 11  ? 10.564  11.252  -0.866  1.00 59.25  ? 5    VAL A O   1 
ATOM   54   C  CB  . VAL A 1 11  ? 8.099   12.708  -2.547  1.00 48.08  ? 5    VAL A CB  1 
ATOM   55   C  CG1 . VAL A 1 11  ? 8.540   11.444  -3.262  1.00 55.52  ? 5    VAL A CG1 1 
ATOM   56   C  CG2 . VAL A 1 11  ? 6.594   12.732  -2.391  1.00 51.08  ? 5    VAL A CG2 1 
ATOM   57   N  N   . ARG A 1 12  ? 11.091  13.142  -1.977  1.00 59.94  ? 6    ARG A N   1 
ATOM   58   C  CA  . ARG A 1 12  ? 12.460  12.709  -2.245  1.00 63.70  ? 6    ARG A CA  1 
ATOM   59   C  C   . ARG A 1 12  ? 13.226  12.606  -0.926  1.00 59.76  ? 6    ARG A C   1 
ATOM   60   O  O   . ARG A 1 12  ? 14.136  11.805  -0.810  1.00 61.41  ? 6    ARG A O   1 
ATOM   61   C  CB  . ARG A 1 12  ? 13.155  13.639  -3.241  1.00 65.20  ? 6    ARG A CB  1 
ATOM   62   C  CG  . ARG A 1 12  ? 12.326  13.921  -4.485  1.00 64.04  ? 6    ARG A CG  1 
ATOM   63   C  CD  . ARG A 1 12  ? 13.152  14.258  -5.706  1.00 66.12  ? 6    ARG A CD  1 
ATOM   64   N  NE  . ARG A 1 12  ? 13.228  13.109  -6.599  1.00 70.86  ? 6    ARG A NE  1 
ATOM   65   C  CZ  . ARG A 1 12  ? 12.343  12.855  -7.556  1.00 71.26  ? 6    ARG A CZ  1 
ATOM   66   N  NH1 . ARG A 1 12  ? 11.358  13.708  -7.783  1.00 67.91  ? 6    ARG A NH1 1 
ATOM   67   N  NH2 . ARG A 1 12  ? 12.445  11.754  -8.285  1.00 66.27  ? 6    ARG A NH2 1 
ATOM   68   N  N   . GLN A 1 13  ? 12.803  13.371  0.082   1.00 66.68  ? 7    GLN A N   1 
ATOM   69   C  CA  . GLN A 1 13  ? 13.502  13.422  1.352   1.00 65.84  ? 7    GLN A CA  1 
ATOM   70   C  C   . GLN A 1 13  ? 12.924  12.450  2.389   1.00 61.78  ? 7    GLN A C   1 
ATOM   71   O  O   . GLN A 1 13  ? 13.625  12.114  3.309   1.00 61.49  ? 7    GLN A O   1 
ATOM   72   C  CB  . GLN A 1 13  ? 13.511  14.867  1.847   1.00 78.01  ? 7    GLN A CB  1 
ATOM   73   C  CG  . GLN A 1 13  ? 14.604  15.691  1.167   1.00 87.92  ? 7    GLN A CG  1 
ATOM   74   C  CD  . GLN A 1 13  ? 14.288  17.156  0.991   1.00 83.47  ? 7    GLN A CD  1 
ATOM   75   O  OE1 . GLN A 1 13  ? 13.676  17.790  1.848   1.00 90.43  ? 7    GLN A OE1 1 
ATOM   76   N  NE2 . GLN A 1 13  ? 14.718  17.708  -0.133  1.00 88.44  ? 7    GLN A NE2 1 
ATOM   77   N  N   . CYS A 1 14  ? 11.670  11.993  2.265   1.00 63.58  ? 8    CYS A N   1 
ATOM   78   C  CA  . CYS A 1 14  ? 11.095  11.138  3.346   1.00 56.87  ? 8    CYS A CA  1 
ATOM   79   C  C   . CYS A 1 14  ? 10.958  9.660   2.930   1.00 56.99  ? 8    CYS A C   1 
ATOM   80   O  O   . CYS A 1 14  ? 10.704  8.817   3.775   1.00 59.48  ? 8    CYS A O   1 
ATOM   81   C  CB  . CYS A 1 14  ? 9.775   11.688  3.877   1.00 57.73  ? 8    CYS A CB  1 
ATOM   82   S  SG  . CYS A 1 14  ? 9.819   11.974  5.667   1.00 57.67  ? 8    CYS A SG  1 
ATOM   83   N  N   . PHE A 1 15  ? 11.138  9.320   1.651   1.00 52.07  ? 9    PHE A N   1 
ATOM   84   C  CA  . PHE A 1 15  ? 11.091  7.912   1.245   1.00 53.15  ? 9    PHE A CA  1 
ATOM   85   C  C   . PHE A 1 15  ? 12.480  7.520   0.739   1.00 54.81  ? 9    PHE A C   1 
ATOM   86   O  O   . PHE A 1 15  ? 13.211  8.379   0.277   1.00 54.96  ? 9    PHE A O   1 
ATOM   87   C  CB  . PHE A 1 15  ? 9.974   7.702   0.219   1.00 48.61  ? 9    PHE A CB  1 
ATOM   88   C  CG  . PHE A 1 15  ? 8.596   7.994   0.753   1.00 45.58  ? 9    PHE A CG  1 
ATOM   89   C  CD1 . PHE A 1 15  ? 7.927   7.058   1.529   1.00 45.06  ? 9    PHE A CD1 1 
ATOM   90   C  CD2 . PHE A 1 15  ? 7.997   9.225   0.543   1.00 43.70  ? 9    PHE A CD2 1 
ATOM   91   C  CE1 . PHE A 1 15  ? 6.667   7.332   2.044   1.00 45.22  ? 9    PHE A CE1 1 
ATOM   92   C  CE2 . PHE A 1 15  ? 6.733   9.485   1.040   1.00 47.10  ? 9    PHE A CE2 1 
ATOM   93   C  CZ  . PHE A 1 15  ? 6.067   8.539   1.789   1.00 42.62  ? 9    PHE A CZ  1 
ATOM   94   N  N   . ASN A 1 16  ? 12.841  6.241   0.859   1.00 55.67  ? 10   ASN A N   1 
ATOM   95   C  CA  . ASN A 1 16  ? 14.158  5.825   0.454   1.00 58.99  ? 10   ASN A CA  1 
ATOM   96   C  C   . ASN A 1 16  ? 14.169  5.663   -1.062  1.00 60.12  ? 10   ASN A C   1 
ATOM   97   O  O   . ASN A 1 16  ? 13.161  5.333   -1.681  1.00 59.79  ? 10   ASN A O   1 
ATOM   98   C  CB  . ASN A 1 16  ? 14.667  4.606   1.227   1.00 63.60  ? 10   ASN A CB  1 
ATOM   99   C  CG  . ASN A 1 16  ? 14.291  3.279   0.615   1.00 71.95  ? 10   ASN A CG  1 
ATOM   100  O  OD1 . ASN A 1 16  ? 14.264  3.128   -0.605  1.00 81.64  ? 10   ASN A OD1 1 
ATOM   101  N  ND2 . ASN A 1 16  ? 14.027  2.298   1.465   1.00 86.12  ? 10   ASN A ND2 1 
ATOM   102  N  N   . PRO A 1 17  ? 15.335  5.899   -1.697  1.00 60.31  ? 11   PRO A N   1 
ATOM   103  C  CA  . PRO A 1 17  ? 15.420  6.030   -3.152  1.00 55.99  ? 11   PRO A CA  1 
ATOM   104  C  C   . PRO A 1 17  ? 14.774  4.900   -3.967  1.00 47.87  ? 11   PRO A C   1 
ATOM   105  O  O   . PRO A 1 17  ? 14.232  5.153   -5.041  1.00 50.69  ? 11   PRO A O   1 
ATOM   106  C  CB  . PRO A 1 17  ? 16.937  6.085   -3.405  1.00 56.36  ? 11   PRO A CB  1 
ATOM   107  C  CG  . PRO A 1 17  ? 17.486  6.694   -2.137  1.00 64.47  ? 11   PRO A CG  1 
ATOM   108  C  CD  . PRO A 1 17  ? 16.628  6.114   -1.030  1.00 64.56  ? 11   PRO A CD  1 
ATOM   109  N  N   . MET A 1 18  ? 14.869  3.658   -3.494  1.00 49.66  ? 12   MET A N   1 
ATOM   110  C  CA  . MET A 1 18  ? 14.260  2.538   -4.206  1.00 51.81  ? 12   MET A CA  1 
ATOM   111  C  C   . MET A 1 18  ? 12.747  2.786   -4.335  1.00 49.12  ? 12   MET A C   1 
ATOM   112  O  O   . MET A 1 18  ? 12.162  2.596   -5.410  1.00 50.51  ? 12   MET A O   1 
ATOM   113  C  CB  . MET A 1 18  ? 14.510  1.222   -3.470  1.00 54.79  ? 12   MET A CB  1 
ATOM   114  C  CG  . MET A 1 18  ? 13.759  0.040   -4.060  1.00 68.16  ? 12   MET A CG  1 
ATOM   115  S  SD  . MET A 1 18  ? 13.700  -1.413  -2.957  1.00 89.26  ? 12   MET A SD  1 
ATOM   116  C  CE  . MET A 1 18  ? 13.269  -0.669  -1.380  1.00 90.34  ? 12   MET A CE  1 
ATOM   117  N  N   . ILE A 1 19  ? 12.115  3.226   -3.238  1.00 48.75  ? 13   ILE A N   1 
ATOM   118  C  CA  . ILE A 1 19  ? 10.664  3.464   -3.246  1.00 50.27  ? 13   ILE A CA  1 
ATOM   119  C  C   . ILE A 1 19  ? 10.382  4.620   -4.215  1.00 45.17  ? 13   ILE A C   1 
ATOM   120  O  O   . ILE A 1 19  ? 9.548   4.491   -5.113  1.00 41.80  ? 13   ILE A O   1 
ATOM   121  C  CB  . ILE A 1 19  ? 10.127  3.677   -1.816  1.00 54.27  ? 13   ILE A CB  1 
ATOM   122  C  CG1 . ILE A 1 19  ? 10.133  2.349   -1.052  1.00 56.74  ? 13   ILE A CG1 1 
ATOM   123  C  CG2 . ILE A 1 19  ? 8.739   4.315   -1.846  1.00 57.42  ? 13   ILE A CG2 1 
ATOM   124  C  CD1 . ILE A 1 19  ? 9.762   2.457   0.407   1.00 56.32  ? 13   ILE A CD1 1 
ATOM   125  N  N   . VAL A 1 20  ? 11.142  5.719   -4.082  1.00 46.46  ? 14   VAL A N   1 
ATOM   126  C  CA  . VAL A 1 20  ? 10.939  6.898   -4.944  1.00 51.15  ? 14   VAL A CA  1 
ATOM   127  C  C   . VAL A 1 20  ? 11.027  6.470   -6.419  1.00 51.47  ? 14   VAL A C   1 
ATOM   128  O  O   . VAL A 1 20  ? 10.198  6.859   -7.240  1.00 52.43  ? 14   VAL A O   1 
ATOM   129  C  CB  . VAL A 1 20  ? 11.921  8.044   -4.632  1.00 49.28  ? 14   VAL A CB  1 
ATOM   130  C  CG1 . VAL A 1 20  ? 11.790  9.179   -5.645  1.00 48.78  ? 14   VAL A CG1 1 
ATOM   131  C  CG2 . VAL A 1 20  ? 11.739  8.589   -3.221  1.00 46.94  ? 14   VAL A CG2 1 
ATOM   132  N  N   . GLU A 1 21  ? 12.008  5.621   -6.725  1.00 52.84  ? 15   GLU A N   1 
ATOM   133  C  CA  . GLU A 1 21  ? 12.327  5.223   -8.087  1.00 55.50  ? 15   GLU A CA  1 
ATOM   134  C  C   . GLU A 1 21  ? 11.230  4.300   -8.619  1.00 48.86  ? 15   GLU A C   1 
ATOM   135  O  O   . GLU A 1 21  ? 10.790  4.440   -9.769  1.00 46.83  ? 15   GLU A O   1 
ATOM   136  C  CB  . GLU A 1 21  ? 13.706  4.557   -8.108  1.00 61.32  ? 15   GLU A CB  1 
ATOM   137  C  CG  . GLU A 1 21  ? 14.089  4.017   -9.470  1.00 67.07  ? 15   GLU A CG  1 
ATOM   138  C  CD  . GLU A 1 21  ? 15.564  3.698   -9.654  1.00 76.32  ? 15   GLU A CD  1 
ATOM   139  O  OE1 . GLU A 1 21  ? 16.396  4.224   -8.873  1.00 80.50  ? 15   GLU A OE1 1 
ATOM   140  O  OE2 . GLU A 1 21  ? 15.882  2.930   -10.590 1.00 82.72  ? 15   GLU A OE2 1 
ATOM   141  N  N   . LEU A 1 22  ? 10.812  3.349   -7.776  1.00 50.96  ? 16   LEU A N   1 
ATOM   142  C  CA  . LEU A 1 22  ? 9.698   2.463   -8.087  1.00 54.72  ? 16   LEU A CA  1 
ATOM   143  C  C   . LEU A 1 22  ? 8.422   3.282   -8.364  1.00 51.83  ? 16   LEU A C   1 
ATOM   144  O  O   . LEU A 1 22  ? 7.719   3.030   -9.368  1.00 49.37  ? 16   LEU A O   1 
ATOM   145  C  CB  . LEU A 1 22  ? 9.525   1.452   -6.943  1.00 57.15  ? 16   LEU A CB  1 
ATOM   146  C  CG  . LEU A 1 22  ? 10.478  0.248   -6.994  1.00 57.10  ? 16   LEU A CG  1 
ATOM   147  C  CD1 . LEU A 1 22  ? 10.394  -0.605  -5.734  1.00 52.70  ? 16   LEU A CD1 1 
ATOM   148  C  CD2 . LEU A 1 22  ? 10.203  -0.604  -8.224  1.00 57.19  ? 16   LEU A CD2 1 
ATOM   149  N  N   . ALA A 1 23  ? 8.142   4.282   -7.517  1.00 50.96  ? 17   ALA A N   1 
ATOM   150  C  CA  . ALA A 1 23  ? 6.941   5.136   -7.698  1.00 53.69  ? 17   ALA A CA  1 
ATOM   151  C  C   . ALA A 1 23  ? 7.066   5.947   -8.995  1.00 50.13  ? 17   ALA A C   1 
ATOM   152  O  O   . ALA A 1 23  ? 6.130   6.017   -9.789  1.00 49.31  ? 17   ALA A O   1 
ATOM   153  C  CB  . ALA A 1 23  ? 6.745   6.041   -6.501  1.00 54.25  ? 17   ALA A CB  1 
ATOM   154  N  N   . GLU A 1 24  ? 8.235   6.559   -9.203  1.00 54.34  ? 18   GLU A N   1 
ATOM   155  C  CA  . GLU A 1 24  ? 8.483   7.342   -10.401 1.00 59.47  ? 18   GLU A CA  1 
ATOM   156  C  C   . GLU A 1 24  ? 8.275   6.497   -11.660 1.00 61.04  ? 18   GLU A C   1 
ATOM   157  O  O   . GLU A 1 24  ? 7.633   6.953   -12.624 1.00 54.95  ? 18   GLU A O   1 
ATOM   158  C  CB  . GLU A 1 24  ? 9.888   7.929   -10.389 1.00 59.87  ? 18   GLU A CB  1 
ATOM   159  C  CG  . GLU A 1 24  ? 9.880   9.370   -9.942  1.00 63.74  ? 18   GLU A CG  1 
ATOM   160  C  CD  . GLU A 1 24  ? 11.198  10.081  -10.106 1.00 64.36  ? 18   GLU A CD  1 
ATOM   161  O  OE1 . GLU A 1 24  ? 12.206  9.563   -9.596  1.00 58.31  ? 18   GLU A OE1 1 
ATOM   162  O  OE2 . GLU A 1 24  ? 11.199  11.160  -10.728 1.00 76.10  ? 18   GLU A OE2 1 
ATOM   163  N  N   . LYS A 1 25  ? 8.840   5.286   -11.652 1.00 68.69  ? 19   LYS A N   1 
ATOM   164  C  CA  . LYS A 1 25  ? 8.784   4.376   -12.794 1.00 71.07  ? 19   LYS A CA  1 
ATOM   165  C  C   . LYS A 1 25  ? 7.309   4.123   -13.150 1.00 67.92  ? 19   LYS A C   1 
ATOM   166  O  O   . LYS A 1 25  ? 6.877   4.340   -14.291 1.00 70.08  ? 19   LYS A O   1 
ATOM   167  C  CB  . LYS A 1 25  ? 9.573   3.105   -12.458 1.00 80.61  ? 19   LYS A CB  1 
ATOM   168  C  CG  . LYS A 1 25  ? 9.530   2.000   -13.509 1.00 86.97  ? 19   LYS A CG  1 
ATOM   169  C  CD  . LYS A 1 25  ? 9.213   0.622   -12.951 1.00 89.94  ? 19   LYS A CD  1 
ATOM   170  C  CE  . LYS A 1 25  ? 8.170   -0.119  -13.764 1.00 97.53  ? 19   LYS A CE  1 
ATOM   171  N  NZ  . LYS A 1 25  ? 7.547   -1.221  -12.993 1.00 98.79  ? 19   LYS A NZ  1 
ATOM   172  N  N   . ALA A 1 26  ? 6.524   3.725   -12.145 1.00 62.70  ? 20   ALA A N   1 
ATOM   173  C  CA  . ALA A 1 26  ? 5.127   3.363   -12.322 1.00 62.91  ? 20   ALA A CA  1 
ATOM   174  C  C   . ALA A 1 26  ? 4.280   4.562   -12.780 1.00 65.38  ? 20   ALA A C   1 
ATOM   175  O  O   . ALA A 1 26  ? 3.226   4.365   -13.369 1.00 67.87  ? 20   ALA A O   1 
ATOM   176  C  CB  . ALA A 1 26  ? 4.590   2.794   -11.029 1.00 62.38  ? 20   ALA A CB  1 
ATOM   177  N  N   . MET A 1 27  ? 4.680   5.796   -12.448 1.00 57.64  ? 21   MET A N   1 
ATOM   178  C  CA  . MET A 1 27  ? 3.936   6.966   -12.944 1.00 61.27  ? 21   MET A CA  1 
ATOM   179  C  C   . MET A 1 27  ? 4.347   7.278   -14.393 1.00 60.61  ? 21   MET A C   1 
ATOM   180  O  O   . MET A 1 27  ? 3.483   7.419   -15.275 1.00 59.71  ? 21   MET A O   1 
ATOM   181  C  CB  . MET A 1 27  ? 4.145   8.195   -12.063 1.00 51.96  ? 21   MET A CB  1 
ATOM   182  C  CG  . MET A 1 27  ? 3.477   8.078   -10.714 1.00 51.46  ? 21   MET A CG  1 
ATOM   183  S  SD  . MET A 1 27  ? 3.732   9.586   -9.735  1.00 53.86  ? 21   MET A SD  1 
ATOM   184  C  CE  . MET A 1 27  ? 2.452   10.593  -10.485 1.00 50.40  ? 21   MET A CE  1 
ATOM   185  N  N   . LYS A 1 28  ? 5.661   7.346   -14.625 1.00 60.99  ? 22   LYS A N   1 
ATOM   186  C  CA  . LYS A 1 28  ? 6.236   7.823   -15.889 1.00 71.58  ? 22   LYS A CA  1 
ATOM   187  C  C   . LYS A 1 28  ? 5.910   6.856   -17.036 1.00 70.93  ? 22   LYS A C   1 
ATOM   188  O  O   . LYS A 1 28  ? 5.631   7.294   -18.143 1.00 77.76  ? 22   LYS A O   1 
ATOM   189  C  CB  . LYS A 1 28  ? 7.741   8.051   -15.711 1.00 74.66  ? 22   LYS A CB  1 
ATOM   190  C  CG  . LYS A 1 28  ? 8.082   9.256   -14.841 1.00 75.66  ? 22   LYS A CG  1 
ATOM   191  C  CD  . LYS A 1 28  ? 9.446   9.188   -14.205 1.00 81.96  ? 22   LYS A CD  1 
ATOM   192  C  CE  . LYS A 1 28  ? 10.572  9.227   -15.214 1.00 86.60  ? 22   LYS A CE  1 
ATOM   193  N  NZ  . LYS A 1 28  ? 11.884  9.412   -14.547 1.00 89.56  ? 22   LYS A NZ  1 
ATOM   194  N  N   . GLU A 1 29  ? 5.909   5.550   -16.760 1.00 68.13  ? 23   GLU A N   1 
ATOM   195  C  CA  . GLU A 1 29  ? 5.591   4.549   -17.775 1.00 70.77  ? 23   GLU A CA  1 
ATOM   196  C  C   . GLU A 1 29  ? 4.149   4.715   -18.276 1.00 72.04  ? 23   GLU A C   1 
ATOM   197  O  O   . GLU A 1 29  ? 3.827   4.332   -19.407 1.00 73.44  ? 23   GLU A O   1 
ATOM   198  C  CB  . GLU A 1 29  ? 5.795   3.142   -17.217 1.00 74.50  ? 23   GLU A CB  1 
ATOM   199  C  CG  . GLU A 1 29  ? 7.250   2.713   -17.223 1.00 75.00  ? 23   GLU A CG  1 
ATOM   200  C  CD  . GLU A 1 29  ? 7.487   1.265   -16.843 1.00 81.14  ? 23   GLU A CD  1 
ATOM   201  O  OE1 . GLU A 1 29  ? 8.675   0.859   -16.843 1.00 85.28  ? 23   GLU A OE1 1 
ATOM   202  O  OE2 . GLU A 1 29  ? 6.490   0.547   -16.551 1.00 74.83  ? 23   GLU A OE2 1 
ATOM   203  N  N   . TYR A 1 30  ? 3.285   5.277   -17.429 1.00 70.46  ? 24   TYR A N   1 
ATOM   204  C  CA  . TYR A 1 30  ? 1.886   5.471   -17.747 1.00 71.95  ? 24   TYR A CA  1 
ATOM   205  C  C   . TYR A 1 30  ? 1.637   6.962   -18.030 1.00 69.16  ? 24   TYR A C   1 
ATOM   206  O  O   . TYR A 1 30  ? 0.525   7.461   -17.932 1.00 69.02  ? 24   TYR A O   1 
ATOM   207  C  CB  . TYR A 1 30  ? 1.061   4.832   -16.625 1.00 77.61  ? 24   TYR A CB  1 
ATOM   208  C  CG  . TYR A 1 30  ? 1.360   3.362   -16.444 1.00 82.86  ? 24   TYR A CG  1 
ATOM   209  C  CD1 . TYR A 1 30  ? 2.392   2.932   -15.623 1.00 83.87  ? 24   TYR A CD1 1 
ATOM   210  C  CD2 . TYR A 1 30  ? 0.649   2.390   -17.132 1.00 87.02  ? 24   TYR A CD2 1 
ATOM   211  C  CE1 . TYR A 1 30  ? 2.691   1.583   -15.466 1.00 86.04  ? 24   TYR A CE1 1 
ATOM   212  C  CE2 . TYR A 1 30  ? 0.941   1.039   -16.997 1.00 87.25  ? 24   TYR A CE2 1 
ATOM   213  C  CZ  . TYR A 1 30  ? 1.963   0.627   -16.155 1.00 85.71  ? 24   TYR A CZ  1 
ATOM   214  O  OH  . TYR A 1 30  ? 2.241   -0.708  -16.007 1.00 72.84  ? 24   TYR A OH  1 
ATOM   215  N  N   . GLY A 1 31  ? 2.703   7.671   -18.407 1.00 66.90  ? 25   GLY A N   1 
ATOM   216  C  CA  . GLY A 1 31  ? 2.614   9.021   -18.938 1.00 68.23  ? 25   GLY A CA  1 
ATOM   217  C  C   . GLY A 1 31  ? 2.183   10.051  -17.904 1.00 67.76  ? 25   GLY A C   1 
ATOM   218  O  O   . GLY A 1 31  ? 1.744   11.140  -18.270 1.00 62.32  ? 25   GLY A O   1 
ATOM   219  N  N   . GLU A 1 32  ? 2.335   9.726   -16.615 1.00 67.32  ? 26   GLU A N   1 
ATOM   220  C  CA  . GLU A 1 32  ? 2.022   10.651  -15.546 1.00 63.75  ? 26   GLU A CA  1 
ATOM   221  C  C   . GLU A 1 32  ? 3.320   11.226  -14.973 1.00 60.59  ? 26   GLU A C   1 
ATOM   222  O  O   . GLU A 1 32  ? 4.242   10.498  -14.646 1.00 62.45  ? 26   GLU A O   1 
ATOM   223  C  CB  . GLU A 1 32  ? 1.174   9.966   -14.480 1.00 65.13  ? 26   GLU A CB  1 
ATOM   224  C  CG  . GLU A 1 32  ? -0.265  10.429  -14.532 1.00 77.55  ? 26   GLU A CG  1 
ATOM   225  C  CD  . GLU A 1 32  ? -1.186  9.710   -13.569 1.00 83.97  ? 26   GLU A CD  1 
ATOM   226  O  OE1 . GLU A 1 32  ? -1.022  8.477   -13.425 1.00 71.69  ? 26   GLU A OE1 1 
ATOM   227  O  OE2 . GLU A 1 32  ? -2.056  10.388  -12.963 1.00 89.67  ? 26   GLU A OE2 1 
ATOM   228  N  N   . ASP A 1 33  ? 3.358   12.551  -14.828 1.00 58.31  ? 27   ASP A N   1 
ATOM   229  C  CA  . ASP A 1 33  ? 4.544   13.248  -14.370 1.00 56.70  ? 27   ASP A CA  1 
ATOM   230  C  C   . ASP A 1 33  ? 4.491   13.454  -12.853 1.00 54.69  ? 27   ASP A C   1 
ATOM   231  O  O   . ASP A 1 33  ? 3.632   14.168  -12.352 1.00 49.03  ? 27   ASP A O   1 
ATOM   232  C  CB  . ASP A 1 33  ? 4.679   14.567  -15.124 1.00 54.40  ? 27   ASP A CB  1 
ATOM   233  C  CG  . ASP A 1 33  ? 5.934   15.337  -14.785 1.00 57.65  ? 27   ASP A CG  1 
ATOM   234  O  OD1 . ASP A 1 33  ? 6.663   14.908  -13.866 1.00 62.94  ? 27   ASP A OD1 1 
ATOM   235  O  OD2 . ASP A 1 33  ? 6.156   16.378  -15.429 1.00 67.66  ? 27   ASP A OD2 1 
ATOM   236  N  N   . PRO A 1 34  ? 5.448   12.896  -12.076 1.00 55.65  ? 28   PRO A N   1 
ATOM   237  C  CA  . PRO A 1 34  ? 5.479   13.075  -10.627 1.00 55.70  ? 28   PRO A CA  1 
ATOM   238  C  C   . PRO A 1 34  ? 5.787   14.499  -10.149 1.00 57.51  ? 28   PRO A C   1 
ATOM   239  O  O   . PRO A 1 34  ? 5.655   14.780  -8.971  1.00 59.38  ? 28   PRO A O   1 
ATOM   240  C  CB  . PRO A 1 34  ? 6.627   12.172  -10.150 1.00 54.49  ? 28   PRO A CB  1 
ATOM   241  C  CG  . PRO A 1 34  ? 6.883   11.231  -11.306 1.00 55.08  ? 28   PRO A CG  1 
ATOM   242  C  CD  . PRO A 1 34  ? 6.559   12.048  -12.538 1.00 58.20  ? 28   PRO A CD  1 
ATOM   243  N  N   . LYS A 1 35  ? 6.214   15.385  -11.051 1.00 60.80  ? 29   LYS A N   1 
ATOM   244  C  CA  . LYS A 1 35  ? 6.419   16.788  -10.664 1.00 57.18  ? 29   LYS A CA  1 
ATOM   245  C  C   . LYS A 1 35  ? 5.087   17.549  -10.791 1.00 50.01  ? 29   LYS A C   1 
ATOM   246  O  O   . LYS A 1 35  ? 4.945   18.634  -10.249 1.00 50.93  ? 29   LYS A O   1 
ATOM   247  C  CB  . LYS A 1 35  ? 7.562   17.395  -11.481 1.00 57.27  ? 29   LYS A CB  1 
ATOM   248  C  CG  . LYS A 1 35  ? 8.847   16.570  -11.500 1.00 61.30  ? 29   LYS A CG  1 
ATOM   249  C  CD  . LYS A 1 35  ? 9.884   17.046  -12.499 1.00 66.66  ? 29   LYS A CD  1 
ATOM   250  C  CE  . LYS A 1 35  ? 10.876  18.030  -11.909 1.00 72.93  ? 29   LYS A CE  1 
ATOM   251  N  NZ  . LYS A 1 35  ? 12.007  17.323  -11.262 1.00 70.92  ? 29   LYS A NZ  1 
ATOM   252  N  N   . ILE A 1 36  ? 4.112   16.954  -11.489 1.00 52.20  ? 30   ILE A N   1 
ATOM   253  C  CA  . ILE A 1 36  ? 2.771   17.532  -11.669 1.00 53.01  ? 30   ILE A CA  1 
ATOM   254  C  C   . ILE A 1 36  ? 1.770   16.835  -10.738 1.00 47.87  ? 30   ILE A C   1 
ATOM   255  O  O   . ILE A 1 36  ? 0.996   17.509  -10.028 1.00 42.69  ? 30   ILE A O   1 
ATOM   256  C  CB  . ILE A 1 36  ? 2.315   17.441  -13.138 1.00 57.25  ? 30   ILE A CB  1 
ATOM   257  C  CG1 . ILE A 1 36  ? 3.244   18.214  -14.079 1.00 62.32  ? 30   ILE A CG1 1 
ATOM   258  C  CG2 . ILE A 1 36  ? 0.865   17.893  -13.272 1.00 55.49  ? 30   ILE A CG2 1 
ATOM   259  C  CD1 . ILE A 1 36  ? 2.983   17.949  -15.561 1.00 66.77  ? 30   ILE A CD1 1 
ATOM   260  N  N   . GLU A 1 37  ? 1.731   15.497  -10.781 1.00 40.87  ? 31   GLU A N   1 
ATOM   261  C  CA  . GLU A 1 37  ? 0.800   14.769  -9.940  1.00 45.62  ? 31   GLU A CA  1 
ATOM   262  C  C   . GLU A 1 37  ? 1.483   14.444  -8.606  1.00 46.86  ? 31   GLU A C   1 
ATOM   263  O  O   . GLU A 1 37  ? 1.728   13.275  -8.296  1.00 45.30  ? 31   GLU A O   1 
ATOM   264  C  CB  . GLU A 1 37  ? 0.284   13.535  -10.680 1.00 50.29  ? 31   GLU A CB  1 
ATOM   265  C  CG  . GLU A 1 37  ? -0.620  13.882  -11.861 1.00 57.17  ? 31   GLU A CG  1 
ATOM   266  C  CD  . GLU A 1 37  ? -1.720  14.881  -11.527 1.00 65.98  ? 31   GLU A CD  1 
ATOM   267  O  OE1 . GLU A 1 37  ? -1.817  15.897  -12.244 1.00 68.40  ? 31   GLU A OE1 1 
ATOM   268  O  OE2 . GLU A 1 37  ? -2.454  14.665  -10.522 1.00 67.54  ? 31   GLU A OE2 1 
ATOM   269  N  N   . THR A 1 38  ? 1.798   15.491  -7.830  1.00 43.62  ? 32   THR A N   1 
ATOM   270  C  CA  . THR A 1 38  ? 2.690   15.342  -6.699  1.00 47.42  ? 32   THR A CA  1 
ATOM   271  C  C   . THR A 1 38  ? 1.980   14.609  -5.548  1.00 49.74  ? 32   THR A C   1 
ATOM   272  O  O   . THR A 1 38  ? 2.660   13.901  -4.795  1.00 47.13  ? 32   THR A O   1 
ATOM   273  C  CB  . THR A 1 38  ? 3.289   16.682  -6.262  1.00 48.69  ? 32   THR A CB  1 
ATOM   274  O  OG1 . THR A 1 38  ? 2.199   17.495  -5.853  1.00 52.45  ? 32   THR A OG1 1 
ATOM   275  C  CG2 . THR A 1 38  ? 4.099   17.368  -7.343  1.00 47.60  ? 32   THR A CG2 1 
ATOM   276  N  N   . ASN A 1 39  ? 0.648   14.752  -5.436  1.00 40.62  ? 33   ASN A N   1 
ATOM   277  C  CA  . ASN A 1 39  ? -0.118  14.103  -4.370  1.00 46.82  ? 33   ASN A CA  1 
ATOM   278  C  C   . ASN A 1 39  ? -0.200  12.605  -4.666  1.00 45.33  ? 33   ASN A C   1 
ATOM   279  O  O   . ASN A 1 39  ? -0.086  11.789  -3.767  1.00 41.45  ? 33   ASN A O   1 
ATOM   280  C  CB  . ASN A 1 39  ? -1.481  14.763  -4.114  1.00 46.68  ? 33   ASN A CB  1 
ATOM   281  C  CG  . ASN A 1 39  ? -1.354  16.070  -3.349  1.00 46.73  ? 33   ASN A CG  1 
ATOM   282  O  OD1 . ASN A 1 39  ? -0.348  16.315  -2.694  1.00 46.12  ? 33   ASN A OD1 1 
ATOM   283  N  ND2 . ASN A 1 39  ? -2.356  16.927  -3.418  1.00 43.74  ? 33   ASN A ND2 1 
ATOM   284  N  N   . LYS A 1 40  ? -0.338  12.258  -5.938  1.00 47.52  ? 34   LYS A N   1 
ATOM   285  C  CA  . LYS A 1 40  ? -0.379  10.867  -6.356  1.00 51.29  ? 34   LYS A CA  1 
ATOM   286  C  C   . LYS A 1 40  ? 0.964   10.171  -6.078  1.00 49.21  ? 34   LYS A C   1 
ATOM   287  O  O   . LYS A 1 40  ? 1.005   9.058   -5.579  1.00 50.35  ? 34   LYS A O   1 
ATOM   288  C  CB  . LYS A 1 40  ? -0.741  10.787  -7.840  1.00 50.97  ? 34   LYS A CB  1 
ATOM   289  C  CG  . LYS A 1 40  ? -0.764  9.380   -8.406  1.00 54.14  ? 34   LYS A CG  1 
ATOM   290  C  CD  . LYS A 1 40  ? -1.730  9.182   -9.552  1.00 60.79  ? 34   LYS A CD  1 
ATOM   291  C  CE  . LYS A 1 40  ? -1.855  7.718   -9.923  1.00 62.91  ? 34   LYS A CE  1 
ATOM   292  N  NZ  . LYS A 1 40  ? -2.553  7.558   -11.221 1.00 66.05  ? 34   LYS A NZ  1 
ATOM   293  N  N   . PHE A 1 41  ? 2.049   10.837  -6.454  1.00 45.84  ? 35   PHE A N   1 
ATOM   294  C  CA  . PHE A 1 41  ? 3.421   10.429  -6.195  1.00 45.10  ? 35   PHE A CA  1 
ATOM   295  C  C   . PHE A 1 41  ? 3.609   10.132  -4.696  1.00 40.58  ? 35   PHE A C   1 
ATOM   296  O  O   . PHE A 1 41  ? 4.106   9.054   -4.307  1.00 39.43  ? 35   PHE A O   1 
ATOM   297  C  CB  . PHE A 1 41  ? 4.309   11.562  -6.725  1.00 46.25  ? 35   PHE A CB  1 
ATOM   298  C  CG  . PHE A 1 41  ? 5.801   11.374  -6.703  1.00 47.47  ? 35   PHE A CG  1 
ATOM   299  C  CD1 . PHE A 1 41  ? 6.380   10.127  -6.892  1.00 48.07  ? 35   PHE A CD1 1 
ATOM   300  C  CD2 . PHE A 1 41  ? 6.633   12.487  -6.558  1.00 49.62  ? 35   PHE A CD2 1 
ATOM   301  C  CE1 . PHE A 1 41  ? 7.766   9.997   -6.888  1.00 52.90  ? 35   PHE A CE1 1 
ATOM   302  C  CE2 . PHE A 1 41  ? 8.017   12.356  -6.557  1.00 49.75  ? 35   PHE A CE2 1 
ATOM   303  C  CZ  . PHE A 1 41  ? 8.579   11.110  -6.732  1.00 51.17  ? 35   PHE A CZ  1 
ATOM   304  N  N   . ALA A 1 42  ? 3.269   11.105  -3.849  1.00 41.79  ? 36   ALA A N   1 
ATOM   305  C  CA  . ALA A 1 42  ? 3.362   10.936  -2.397  1.00 43.39  ? 36   ALA A CA  1 
ATOM   306  C  C   . ALA A 1 42  ? 2.530   9.725   -1.946  1.00 46.54  ? 36   ALA A C   1 
ATOM   307  O  O   . ALA A 1 42  ? 2.949   9.011   -1.055  1.00 48.50  ? 36   ALA A O   1 
ATOM   308  C  CB  . ALA A 1 42  ? 2.936   12.186  -1.688  1.00 44.27  ? 36   ALA A CB  1 
ATOM   309  N  N   . ALA A 1 43  ? 1.384   9.472   -2.596  1.00 43.71  ? 37   ALA A N   1 
ATOM   310  C  CA  . ALA A 1 43  ? 0.482   8.363   -2.202  1.00 41.36  ? 37   ALA A CA  1 
ATOM   311  C  C   . ALA A 1 43  ? 1.052   7.019   -2.616  1.00 38.91  ? 37   ALA A C   1 
ATOM   312  O  O   . ALA A 1 43  ? 0.899   6.041   -1.896  1.00 36.32  ? 37   ALA A O   1 
ATOM   313  C  CB  . ALA A 1 43  ? -0.885  8.517   -2.806  1.00 38.85  ? 37   ALA A CB  1 
ATOM   314  N  N   . ILE A 1 44  ? 1.597   6.961   -3.836  1.00 44.55  ? 38   ILE A N   1 
ATOM   315  C  CA  . ILE A 1 44  ? 2.189   5.739   -4.359  1.00 47.01  ? 38   ILE A CA  1 
ATOM   316  C  C   . ILE A 1 44  ? 3.355   5.325   -3.442  1.00 49.02  ? 38   ILE A C   1 
ATOM   317  O  O   . ILE A 1 44  ? 3.443   4.157   -3.057  1.00 45.65  ? 38   ILE A O   1 
ATOM   318  C  CB  . ILE A 1 44  ? 2.609   5.905   -5.834  1.00 51.22  ? 38   ILE A CB  1 
ATOM   319  C  CG1 . ILE A 1 44  ? 1.380   5.896   -6.752  1.00 49.74  ? 38   ILE A CG1 1 
ATOM   320  C  CG2 . ILE A 1 44  ? 3.623   4.832   -6.221  1.00 50.35  ? 38   ILE A CG2 1 
ATOM   321  C  CD1 . ILE A 1 44  ? 1.639   6.320   -8.176  1.00 46.98  ? 38   ILE A CD1 1 
ATOM   322  N  N   . CYS A 1 45  ? 4.215   6.290   -3.081  1.00 42.64  ? 39   CYS A N   1 
ATOM   323  C  CA  . CYS A 1 45  ? 5.368   6.026   -2.227  1.00 42.60  ? 39   CYS A CA  1 
ATOM   324  C  C   . CYS A 1 45  ? 4.872   5.469   -0.898  1.00 44.01  ? 39   CYS A C   1 
ATOM   325  O  O   . CYS A 1 45  ? 5.332   4.370   -0.478  1.00 42.22  ? 39   CYS A O   1 
ATOM   326  C  CB  . CYS A 1 45  ? 6.229   7.262   -1.965  1.00 44.28  ? 39   CYS A CB  1 
ATOM   327  S  SG  . CYS A 1 45  ? 7.105   7.856   -3.440  1.00 48.00  ? 39   CYS A SG  1 
ATOM   328  N  N   . THR A 1 46  ? 3.913   6.198   -0.291  1.00 41.28  ? 40   THR A N   1 
ATOM   329  C  CA  . THR A 1 46  ? 3.365   5.864   1.032   1.00 39.82  ? 40   THR A CA  1 
ATOM   330  C  C   . THR A 1 46  ? 2.884   4.425   1.017   1.00 38.16  ? 40   THR A C   1 
ATOM   331  O  O   . THR A 1 46  ? 3.316   3.656   1.840   1.00 40.25  ? 40   THR A O   1 
ATOM   332  C  CB  . THR A 1 46  ? 2.224   6.778   1.495   1.00 42.92  ? 40   THR A CB  1 
ATOM   333  O  OG1 . THR A 1 46  ? 2.723   8.110   1.639   1.00 40.50  ? 40   THR A OG1 1 
ATOM   334  C  CG2 . THR A 1 46  ? 1.625   6.342   2.817   1.00 43.57  ? 40   THR A CG2 1 
ATOM   335  N  N   . HIS A 1 47  ? 2.038   4.090   0.042   1.00 40.21  ? 41   HIS A N   1 
ATOM   336  C  CA  . HIS A 1 47  ? 1.467   2.762   -0.065  1.00 42.93  ? 41   HIS A CA  1 
ATOM   337  C  C   . HIS A 1 47  ? 2.575   1.714   -0.295  1.00 46.15  ? 41   HIS A C   1 
ATOM   338  O  O   . HIS A 1 47  ? 2.531   0.623   0.284   1.00 42.90  ? 41   HIS A O   1 
ATOM   339  C  CB  . HIS A 1 47  ? 0.399   2.732   -1.161  1.00 35.95  ? 41   HIS A CB  1 
ATOM   340  C  CG  . HIS A 1 47  ? -0.139  1.373   -1.462  1.00 37.09  ? 41   HIS A CG  1 
ATOM   341  N  ND1 . HIS A 1 47  ? 0.335   0.598   -2.509  1.00 37.23  ? 41   HIS A ND1 1 
ATOM   342  C  CD2 . HIS A 1 47  ? -1.129  0.657   -0.889  1.00 39.10  ? 41   HIS A CD2 1 
ATOM   343  C  CE1 . HIS A 1 47  ? -0.315  -0.548  -2.544  1.00 35.81  ? 41   HIS A CE1 1 
ATOM   344  N  NE2 . HIS A 1 47  ? -1.232  -0.533  -1.559  1.00 39.47  ? 41   HIS A NE2 1 
ATOM   345  N  N   . LEU A 1 48  ? 3.525   2.014   -1.187  1.00 43.48  ? 42   LEU A N   1 
ATOM   346  C  CA  . LEU A 1 48  ? 4.662   1.100   -1.426  1.00 47.51  ? 42   LEU A CA  1 
ATOM   347  C  C   . LEU A 1 48  ? 5.381   0.802   -0.106  1.00 41.78  ? 42   LEU A C   1 
ATOM   348  O  O   . LEU A 1 48  ? 5.584   -0.364  0.247   1.00 44.58  ? 42   LEU A O   1 
ATOM   349  C  CB  . LEU A 1 48  ? 5.656   1.704   -2.418  1.00 51.60  ? 42   LEU A CB  1 
ATOM   350  C  CG  . LEU A 1 48  ? 5.627   1.109   -3.813  1.00 55.50  ? 42   LEU A CG  1 
ATOM   351  C  CD1 . LEU A 1 48  ? 6.524   1.906   -4.746  1.00 66.10  ? 42   LEU A CD1 1 
ATOM   352  C  CD2 . LEU A 1 48  ? 6.054   -0.341  -3.784  1.00 55.61  ? 42   LEU A CD2 1 
ATOM   353  N  N   . GLU A 1 49  ? 5.759   1.863   0.611   1.00 38.45  ? 43   GLU A N   1 
ATOM   354  C  CA  . GLU A 1 49  ? 6.467   1.718   1.867   1.00 41.41  ? 43   GLU A CA  1 
ATOM   355  C  C   . GLU A 1 49  ? 5.687   0.840   2.855   1.00 45.37  ? 43   GLU A C   1 
ATOM   356  O  O   . GLU A 1 49  ? 6.298   0.026   3.555   1.00 48.72  ? 43   GLU A O   1 
ATOM   357  C  CB  . GLU A 1 49  ? 6.758   3.059   2.534   1.00 42.44  ? 43   GLU A CB  1 
ATOM   358  C  CG  . GLU A 1 49  ? 7.781   2.907   3.645   1.00 46.55  ? 43   GLU A CG  1 
ATOM   359  C  CD  . GLU A 1 49  ? 8.257   4.180   4.312   1.00 51.67  ? 43   GLU A CD  1 
ATOM   360  O  OE1 . GLU A 1 49  ? 7.754   5.247   3.980   1.00 54.25  ? 43   GLU A OE1 1 
ATOM   361  O  OE2 . GLU A 1 49  ? 9.130   4.090   5.188   1.00 69.03  ? 43   GLU A OE2 1 
ATOM   362  N  N   . VAL A 1 50  ? 4.367   1.043   2.965   1.00 41.00  ? 44   VAL A N   1 
ATOM   363  C  CA  . VAL A 1 50  ? 3.542   0.234   3.864   1.00 38.58  ? 44   VAL A CA  1 
ATOM   364  C  C   . VAL A 1 50  ? 3.604   -1.230  3.428   1.00 34.59  ? 44   VAL A C   1 
ATOM   365  O  O   . VAL A 1 50  ? 3.718   -2.097  4.265   1.00 39.45  ? 44   VAL A O   1 
ATOM   366  C  CB  . VAL A 1 50  ? 2.078   0.712   3.953   1.00 38.14  ? 44   VAL A CB  1 
ATOM   367  C  CG1 . VAL A 1 50  ? 1.178   -0.329  4.597   1.00 36.49  ? 44   VAL A CG1 1 
ATOM   368  C  CG2 . VAL A 1 50  ? 1.976   2.011   4.713   1.00 39.23  ? 44   VAL A CG2 1 
ATOM   369  N  N   . CYS A 1 51  ? 3.481   -1.499  2.132   1.00 36.11  ? 45   CYS A N   1 
ATOM   370  C  CA  . CYS A 1 51  ? 3.520   -2.879  1.626   1.00 39.07  ? 45   CYS A CA  1 
ATOM   371  C  C   . CYS A 1 51  ? 4.858   -3.559  1.968   1.00 43.86  ? 45   CYS A C   1 
ATOM   372  O  O   . CYS A 1 51  ? 4.884   -4.754  2.286   1.00 42.81  ? 45   CYS A O   1 
ATOM   373  C  CB  . CYS A 1 51  ? 3.321   -2.929  0.117   1.00 39.65  ? 45   CYS A CB  1 
ATOM   374  S  SG  . CYS A 1 51  ? 1.600   -2.670  -0.403  1.00 43.69  ? 45   CYS A SG  1 
ATOM   375  N  N   . PHE A 1 52  ? 5.958   -2.810  1.820   1.00 45.25  ? 46   PHE A N   1 
ATOM   376  C  CA  . PHE A 1 52  ? 7.313   -3.285  2.071   1.00 45.96  ? 46   PHE A CA  1 
ATOM   377  C  C   . PHE A 1 52  ? 7.470   -3.508  3.572   1.00 49.04  ? 46   PHE A C   1 
ATOM   378  O  O   . PHE A 1 52  ? 7.976   -4.549  3.983   1.00 49.38  ? 46   PHE A O   1 
ATOM   379  C  CB  . PHE A 1 52  ? 8.366   -2.314  1.526   1.00 41.97  ? 46   PHE A CB  1 
ATOM   380  C  CG  . PHE A 1 52  ? 8.501   -2.287  0.025   1.00 43.87  ? 46   PHE A CG  1 
ATOM   381  C  CD1 . PHE A 1 52  ? 7.824   -3.187  -0.785  1.00 49.93  ? 46   PHE A CD1 1 
ATOM   382  C  CD2 . PHE A 1 52  ? 9.353   -1.388  -0.583  1.00 51.53  ? 46   PHE A CD2 1 
ATOM   383  C  CE1 . PHE A 1 52  ? 7.957   -3.158  -2.168  1.00 50.26  ? 46   PHE A CE1 1 
ATOM   384  C  CE2 . PHE A 1 52  ? 9.497   -1.366  -1.963  1.00 50.77  ? 46   PHE A CE2 1 
ATOM   385  C  CZ  . PHE A 1 52  ? 8.801   -2.244  -2.754  1.00 50.56  ? 46   PHE A CZ  1 
ATOM   386  N  N   . MET A 1 53  ? 6.978   -2.561  4.375   1.00 45.61  ? 47   MET A N   1 
ATOM   387  C  CA  . MET A 1 53  ? 7.041   -2.706  5.803   1.00 44.02  ? 47   MET A CA  1 
ATOM   388  C  C   . MET A 1 53  ? 6.282   -3.957  6.260   1.00 46.90  ? 47   MET A C   1 
ATOM   389  O  O   . MET A 1 53  ? 6.792   -4.703  7.123   1.00 46.44  ? 47   MET A O   1 
ATOM   390  C  CB  . MET A 1 53  ? 6.455   -1.498  6.517   1.00 47.47  ? 47   MET A CB  1 
ATOM   391  C  CG  . MET A 1 53  ? 7.447   -0.406  6.698   1.00 49.75  ? 47   MET A CG  1 
ATOM   392  S  SD  . MET A 1 53  ? 6.600   1.029   7.353   1.00 49.96  ? 47   MET A SD  1 
ATOM   393  C  CE  . MET A 1 53  ? 7.038   0.886   9.085   1.00 52.72  ? 47   MET A CE  1 
ATOM   394  N  N   . TYR A 1 54  ? 5.067   -4.143  5.724   1.00 44.73  ? 48   TYR A N   1 
ATOM   395  C  CA  . TYR A 1 54  ? 4.180   -5.247  6.065   1.00 41.05  ? 48   TYR A CA  1 
ATOM   396  C  C   . TYR A 1 54  ? 4.890   -6.574  5.774   1.00 44.89  ? 48   TYR A C   1 
ATOM   397  O  O   . TYR A 1 54  ? 4.845   -7.496  6.570   1.00 43.97  ? 48   TYR A O   1 
ATOM   398  C  CB  . TYR A 1 54  ? 2.899   -5.157  5.240   1.00 41.67  ? 48   TYR A CB  1 
ATOM   399  C  CG  . TYR A 1 54  ? 1.655   -5.813  5.793   1.00 43.41  ? 48   TYR A CG  1 
ATOM   400  C  CD1 . TYR A 1 54  ? 1.524   -7.190  5.900   1.00 45.91  ? 48   TYR A CD1 1 
ATOM   401  C  CD2 . TYR A 1 54  ? 0.558   -5.040  6.133   1.00 43.00  ? 48   TYR A CD2 1 
ATOM   402  C  CE1 . TYR A 1 54  ? 0.352   -7.776  6.361   1.00 46.62  ? 48   TYR A CE1 1 
ATOM   403  C  CE2 . TYR A 1 54  ? -0.616  -5.607  6.607   1.00 46.54  ? 48   TYR A CE2 1 
ATOM   404  C  CZ  . TYR A 1 54  ? -0.729  -6.981  6.711   1.00 45.43  ? 48   TYR A CZ  1 
ATOM   405  O  OH  . TYR A 1 54  ? -1.904  -7.510  7.170   1.00 42.75  ? 48   TYR A OH  1 
ATOM   406  N  N   . SER A 1 55  ? 5.503   -6.653  4.590   1.00 49.09  ? 49   SER A N   1 
ATOM   407  C  CA  . SER A 1 55  ? 6.302   -7.800  4.137   1.00 53.70  ? 49   SER A CA  1 
ATOM   408  C  C   . SER A 1 55  ? 7.480   -8.086  5.085   1.00 51.05  ? 49   SER A C   1 
ATOM   409  O  O   . SER A 1 55  ? 7.781   -9.225  5.386   1.00 59.72  ? 49   SER A O   1 
ATOM   410  C  CB  . SER A 1 55  ? 6.795   -7.552  2.746   1.00 53.55  ? 49   SER A CB  1 
ATOM   411  O  OG  . SER A 1 55  ? 7.341   -8.742  2.213   1.00 70.42  ? 49   SER A OG  1 
ATOM   412  N  N   . ASP A 1 56  ? 8.144   -7.028  5.540   1.00 51.40  ? 50   ASP A N   1 
ATOM   413  C  CA  . ASP A 1 56  ? 9.375   -7.137  6.282   1.00 59.06  ? 50   ASP A CA  1 
ATOM   414  C  C   . ASP A 1 56  ? 9.113   -7.674  7.683   1.00 59.81  ? 50   ASP A C   1 
ATOM   415  O  O   . ASP A 1 56  ? 10.019  -8.197  8.291   1.00 62.02  ? 50   ASP A O   1 
ATOM   416  C  CB  . ASP A 1 56  ? 10.092  -5.793  6.407   1.00 60.17  ? 50   ASP A CB  1 
ATOM   417  C  CG  . ASP A 1 56  ? 10.902  -5.431  5.179   1.00 65.48  ? 50   ASP A CG  1 
ATOM   418  O  OD1 . ASP A 1 56  ? 11.032  -6.295  4.269   1.00 72.78  ? 50   ASP A OD1 1 
ATOM   419  O  OD2 . ASP A 1 56  ? 11.374  -4.287  5.126   1.00 74.55  ? 50   ASP A OD2 1 
ATOM   420  N  N   . PHE A 1 57  ? 7.886   -7.528  8.181   1.00 71.82  ? 51   PHE A N   1 
ATOM   421  C  CA  . PHE A 1 57  ? 7.524   -8.046  9.504   1.00 76.25  ? 51   PHE A CA  1 
ATOM   422  C  C   . PHE A 1 57  ? 7.029   -9.492  9.380   1.00 72.67  ? 51   PHE A C   1 
ATOM   423  O  O   . PHE A 1 57  ? 5.955   -9.793  9.864   1.00 81.63  ? 51   PHE A O   1 
ATOM   424  C  CB  . PHE A 1 57  ? 6.470   -7.165  10.187  1.00 76.94  ? 51   PHE A CB  1 
ATOM   425  C  CG  . PHE A 1 57  ? 6.876   -5.733  10.427  1.00 75.60  ? 51   PHE A CG  1 
ATOM   426  C  CD1 . PHE A 1 57  ? 7.954   -5.422  11.239  1.00 79.07  ? 51   PHE A CD1 1 
ATOM   427  C  CD2 . PHE A 1 57  ? 6.158   -4.687  9.866   1.00 81.43  ? 51   PHE A CD2 1 
ATOM   428  C  CE1 . PHE A 1 57  ? 8.319   -4.100  11.459  1.00 83.26  ? 51   PHE A CE1 1 
ATOM   429  C  CE2 . PHE A 1 57  ? 6.524   -3.366  10.090  1.00 81.05  ? 51   PHE A CE2 1 
ATOM   430  C  CZ  . PHE A 1 57  ? 7.609   -3.073  10.880  1.00 80.17  ? 51   PHE A CZ  1 
ATOM   431  N  N   . GLY A 1 58  ? 7.825   -10.379 8.761   1.00 73.92  ? 52   GLY A N   1 
ATOM   432  C  CA  . GLY A 1 58  ? 7.494   -11.807 8.677   1.00 75.69  ? 52   GLY A CA  1 
ATOM   433  C  C   . GLY A 1 58  ? 8.671   -12.660 8.228   1.00 76.43  ? 52   GLY A C   1 
ATOM   434  O  O   . GLY A 1 58  ? 9.580   -12.171 7.562   1.00 81.61  ? 52   GLY A O   1 
ATOM   435  N  N   . HIS A 1 68  ? 10.393  -15.644 6.065   1.00 68.91  ? 74   HIS A N   1 
ATOM   436  C  CA  . HIS A 1 68  ? 9.779   -15.436 4.747   1.00 75.15  ? 74   HIS A CA  1 
ATOM   437  C  C   . HIS A 1 68  ? 8.284   -15.813 4.813   1.00 72.67  ? 74   HIS A C   1 
ATOM   438  O  O   . HIS A 1 68  ? 7.843   -16.778 4.179   1.00 73.00  ? 74   HIS A O   1 
ATOM   439  C  CB  . HIS A 1 68  ? 10.566  -16.214 3.667   1.00 81.39  ? 74   HIS A CB  1 
ATOM   440  C  CG  . HIS A 1 68  ? 10.180  -15.916 2.246   1.00 88.48  ? 74   HIS A CG  1 
ATOM   441  N  ND1 . HIS A 1 68  ? 10.083  -14.623 1.748   1.00 87.80  ? 74   HIS A ND1 1 
ATOM   442  C  CD2 . HIS A 1 68  ? 9.899   -16.735 1.203   1.00 87.50  ? 74   HIS A CD2 1 
ATOM   443  C  CE1 . HIS A 1 68  ? 9.736   -14.662 0.475   1.00 84.26  ? 74   HIS A CE1 1 
ATOM   444  N  NE2 . HIS A 1 68  ? 9.618   -15.947 0.115   1.00 83.02  ? 74   HIS A NE2 1 
ATOM   445  N  N   . ARG A 1 69  ? 7.501   -15.047 5.586   1.00 61.12  ? 75   ARG A N   1 
ATOM   446  C  CA  . ARG A 1 69  ? 6.047   -15.294 5.744   1.00 58.27  ? 75   ARG A CA  1 
ATOM   447  C  C   . ARG A 1 69  ? 5.234   -14.724 4.567   1.00 56.49  ? 75   ARG A C   1 
ATOM   448  O  O   . ARG A 1 69  ? 4.242   -15.324 4.165   1.00 59.44  ? 75   ARG A O   1 
ATOM   449  C  CB  . ARG A 1 69  ? 5.504   -14.671 7.030   1.00 57.63  ? 75   ARG A CB  1 
ATOM   450  C  CG  . ARG A 1 69  ? 4.099   -15.144 7.365   1.00 56.31  ? 75   ARG A CG  1 
ATOM   451  C  CD  . ARG A 1 69  ? 3.356   -14.239 8.326   1.00 57.98  ? 75   ARG A CD  1 
ATOM   452  N  NE  . ARG A 1 69  ? 1.925   -14.456 8.182   1.00 54.49  ? 75   ARG A NE  1 
ATOM   453  C  CZ  . ARG A 1 69  ? 1.023   -14.231 9.125   1.00 57.90  ? 75   ARG A CZ  1 
ATOM   454  N  NH1 . ARG A 1 69  ? 1.385   -13.695 10.276  1.00 61.85  ? 75   ARG A NH1 1 
ATOM   455  N  NH2 . ARG A 1 69  ? -0.240  -14.556 8.918   1.00 52.70  ? 75   ARG A NH2 1 
ATOM   456  N  N   . PHE A 1 70  ? 5.656   -13.563 4.040   1.00 55.89  ? 76   PHE A N   1 
ATOM   457  C  CA  . PHE A 1 70  ? 4.942   -12.843 3.007   1.00 52.83  ? 76   PHE A CA  1 
ATOM   458  C  C   . PHE A 1 70  ? 5.726   -12.846 1.695   1.00 54.51  ? 76   PHE A C   1 
ATOM   459  O  O   . PHE A 1 70  ? 6.931   -12.724 1.684   1.00 60.34  ? 76   PHE A O   1 
ATOM   460  C  CB  . PHE A 1 70  ? 4.673   -11.412 3.461   1.00 51.28  ? 76   PHE A CB  1 
ATOM   461  C  CG  . PHE A 1 70  ? 3.832   -11.326 4.711   1.00 48.07  ? 76   PHE A CG  1 
ATOM   462  C  CD1 . PHE A 1 70  ? 2.486   -11.658 4.682   1.00 46.39  ? 76   PHE A CD1 1 
ATOM   463  C  CD2 . PHE A 1 70  ? 4.379   -10.897 5.910   1.00 46.99  ? 76   PHE A CD2 1 
ATOM   464  C  CE1 . PHE A 1 70  ? 1.706   -11.574 5.825   1.00 49.50  ? 76   PHE A CE1 1 
ATOM   465  C  CE2 . PHE A 1 70  ? 3.598   -10.808 7.054   1.00 49.49  ? 76   PHE A CE2 1 
ATOM   466  C  CZ  . PHE A 1 70  ? 2.257   -11.130 7.008   1.00 51.40  ? 76   PHE A CZ  1 
ATOM   467  N  N   . GLU A 1 71  ? 5.003   -13.014 0.587   1.00 54.73  ? 77   GLU A N   1 
ATOM   468  C  CA  . GLU A 1 71  ? 5.521   -12.723 -0.743  1.00 57.21  ? 77   GLU A CA  1 
ATOM   469  C  C   . GLU A 1 71  ? 5.070   -11.315 -1.152  1.00 50.98  ? 77   GLU A C   1 
ATOM   470  O  O   . GLU A 1 71  ? 3.898   -11.029 -1.138  1.00 57.71  ? 77   GLU A O   1 
ATOM   471  C  CB  . GLU A 1 71  ? 5.003   -13.730 -1.773  1.00 57.18  ? 77   GLU A CB  1 
ATOM   472  C  CG  . GLU A 1 71  ? 5.781   -13.686 -3.069  1.00 58.91  ? 77   GLU A CG  1 
ATOM   473  C  CD  . GLU A 1 71  ? 7.204   -14.150 -2.865  1.00 59.14  ? 77   GLU A CD  1 
ATOM   474  O  OE1 . GLU A 1 71  ? 7.373   -15.254 -2.304  1.00 55.93  ? 77   GLU A OE1 1 
ATOM   475  O  OE2 . GLU A 1 71  ? 8.111   -13.380 -3.182  1.00 64.01  ? 77   GLU A OE2 1 
ATOM   476  N  N   . ILE A 1 72  ? 6.019   -10.473 -1.563  1.00 51.81  ? 78   ILE A N   1 
ATOM   477  C  CA  . ILE A 1 72  ? 5.717   -9.126  -2.005  1.00 52.37  ? 78   ILE A CA  1 
ATOM   478  C  C   . ILE A 1 72  ? 5.295   -9.197  -3.479  1.00 54.80  ? 78   ILE A C   1 
ATOM   479  O  O   . ILE A 1 72  ? 6.043   -9.679  -4.314  1.00 50.31  ? 78   ILE A O   1 
ATOM   480  C  CB  . ILE A 1 72  ? 6.900   -8.168  -1.737  1.00 58.00  ? 78   ILE A CB  1 
ATOM   481  C  CG1 . ILE A 1 72  ? 6.627   -6.777  -2.306  1.00 65.39  ? 78   ILE A CG1 1 
ATOM   482  C  CG2 . ILE A 1 72  ? 8.227   -8.711  -2.237  1.00 63.13  ? 78   ILE A CG2 1 
ATOM   483  C  CD1 . ILE A 1 72  ? 5.434   -6.090  -1.683  1.00 65.64  ? 78   ILE A CD1 1 
ATOM   484  N  N   . ILE A 1 73  ? 4.072   -8.750  -3.796  1.00 48.30  ? 79   ILE A N   1 
ATOM   485  C  CA  . ILE A 1 73  ? 3.640   -8.712  -5.194  1.00 48.37  ? 79   ILE A CA  1 
ATOM   486  C  C   . ILE A 1 73  ? 3.700   -7.269  -5.705  1.00 44.88  ? 79   ILE A C   1 
ATOM   487  O  O   . ILE A 1 73  ? 4.171   -7.017  -6.812  1.00 47.08  ? 79   ILE A O   1 
ATOM   488  C  CB  . ILE A 1 73  ? 2.245   -9.343  -5.344  1.00 48.24  ? 79   ILE A CB  1 
ATOM   489  C  CG1 . ILE A 1 73  ? 2.267   -10.799 -4.887  1.00 48.34  ? 79   ILE A CG1 1 
ATOM   490  C  CG2 . ILE A 1 73  ? 1.705   -9.216  -6.771  1.00 46.14  ? 79   ILE A CG2 1 
ATOM   491  C  CD1 . ILE A 1 73  ? 0.979   -11.244 -4.269  1.00 51.75  ? 79   ILE A CD1 1 
ATOM   492  N  N   . GLU A 1 74  ? 3.190   -6.340  -4.893  1.00 42.79  ? 80   GLU A N   1 
ATOM   493  C  CA  . GLU A 1 74  ? 3.228   -4.897  -5.178  1.00 45.78  ? 80   GLU A CA  1 
ATOM   494  C  C   . GLU A 1 74  ? 4.685   -4.433  -5.334  1.00 46.35  ? 80   GLU A C   1 
ATOM   495  O  O   . GLU A 1 74  ? 5.586   -4.917  -4.648  1.00 46.29  ? 80   GLU A O   1 
ATOM   496  C  CB  . GLU A 1 74  ? 2.539   -4.147  -4.043  1.00 44.49  ? 80   GLU A CB  1 
ATOM   497  C  CG  . GLU A 1 74  ? 2.452   -2.650  -4.238  1.00 47.51  ? 80   GLU A CG  1 
ATOM   498  C  CD  . GLU A 1 74  ? 1.710   -2.209  -5.476  1.00 45.26  ? 80   GLU A CD  1 
ATOM   499  O  OE1 . GLU A 1 74  ? 2.382   -1.963  -6.471  1.00 55.11  ? 80   GLU A OE1 1 
ATOM   500  O  OE2 . GLU A 1 74  ? 0.468   -2.099  -5.435  1.00 45.03  ? 80   GLU A OE2 1 
ATOM   501  N  N   . GLY A 1 75  ? 4.917   -3.534  -6.286  1.00 44.63  ? 81   GLY A N   1 
ATOM   502  C  CA  . GLY A 1 75  ? 6.235   -2.952  -6.475  1.00 51.61  ? 81   GLY A CA  1 
ATOM   503  C  C   . GLY A 1 75  ? 7.057   -3.644  -7.554  1.00 48.69  ? 81   GLY A C   1 
ATOM   504  O  O   . GLY A 1 75  ? 8.089   -3.134  -7.938  1.00 59.72  ? 81   GLY A O   1 
ATOM   505  N  N   . ARG A 1 76  ? 6.624   -4.810  -8.020  1.00 46.10  ? 82   ARG A N   1 
ATOM   506  C  CA  . ARG A 1 76  ? 7.273   -5.478  -9.132  1.00 48.43  ? 82   ARG A CA  1 
ATOM   507  C  C   . ARG A 1 76  ? 6.597   -5.047  -10.422 1.00 50.20  ? 82   ARG A C   1 
ATOM   508  O  O   . ARG A 1 76  ? 5.456   -4.660  -10.394 1.00 46.05  ? 82   ARG A O   1 
ATOM   509  C  CB  . ARG A 1 76  ? 7.099   -6.994  -9.085  1.00 51.96  ? 82   ARG A CB  1 
ATOM   510  C  CG  . ARG A 1 76  ? 7.460   -7.636  -7.758  1.00 58.03  ? 82   ARG A CG  1 
ATOM   511  C  CD  . ARG A 1 76  ? 6.978   -9.068  -7.778  1.00 64.20  ? 82   ARG A CD  1 
ATOM   512  N  NE  . ARG A 1 76  ? 7.353   -9.770  -6.564  1.00 70.53  ? 82   ARG A NE  1 
ATOM   513  C  CZ  . ARG A 1 76  ? 8.521   -10.370 -6.370  1.00 68.85  ? 82   ARG A CZ  1 
ATOM   514  N  NH1 . ARG A 1 76  ? 9.453   -10.317 -7.310  1.00 59.94  ? 82   ARG A NH1 1 
ATOM   515  N  NH2 . ARG A 1 76  ? 8.726   -11.033 -5.242  1.00 59.96  ? 82   ARG A NH2 1 
ATOM   516  N  N   . ASP A 1 77  ? 7.302   -5.202  -11.546 1.00 55.49  ? 83   ASP A N   1 
ATOM   517  C  CA  . ASP A 1 77  ? 6.702   -5.050  -12.859 1.00 55.82  ? 83   ASP A CA  1 
ATOM   518  C  C   . ASP A 1 77  ? 5.607   -6.119  -13.031 1.00 59.60  ? 83   ASP A C   1 
ATOM   519  O  O   . ASP A 1 77  ? 5.565   -7.149  -12.315 1.00 55.16  ? 83   ASP A O   1 
ATOM   520  C  CB  . ASP A 1 77  ? 7.773   -5.080  -13.954 1.00 61.95  ? 83   ASP A CB  1 
ATOM   521  C  CG  . ASP A 1 77  ? 8.091   -6.460  -14.517 1.00 62.96  ? 83   ASP A CG  1 
ATOM   522  O  OD1 . ASP A 1 77  ? 8.388   -7.373  -13.735 1.00 68.09  ? 83   ASP A OD1 1 
ATOM   523  O  OD2 . ASP A 1 77  ? 8.039   -6.601  -15.736 1.00 74.23  ? 83   ASP A OD2 1 
ATOM   524  N  N   . ARG A 1 78  ? 4.724   -5.871  -14.002 1.00 57.40  ? 84   ARG A N   1 
ATOM   525  C  CA  . ARG A 1 78  ? 3.471   -6.604  -14.129 1.00 59.39  ? 84   ARG A CA  1 
ATOM   526  C  C   . ARG A 1 78  ? 3.733   -8.065  -14.501 1.00 56.36  ? 84   ARG A C   1 
ATOM   527  O  O   . ARG A 1 78  ? 3.064   -8.960  -13.971 1.00 51.78  ? 84   ARG A O   1 
ATOM   528  C  CB  . ARG A 1 78  ? 2.537   -5.877  -15.101 1.00 61.58  ? 84   ARG A CB  1 
ATOM   529  C  CG  . ARG A 1 78  ? 1.680   -4.844  -14.388 1.00 61.98  ? 84   ARG A CG  1 
ATOM   530  C  CD  . ARG A 1 78  ? 1.084   -3.764  -15.261 1.00 68.41  ? 84   ARG A CD  1 
ATOM   531  N  NE  . ARG A 1 78  ? -0.071  -3.240  -14.544 1.00 77.86  ? 84   ARG A NE  1 
ATOM   532  C  CZ  . ARG A 1 78  ? -0.796  -2.197  -14.912 1.00 80.26  ? 84   ARG A CZ  1 
ATOM   533  N  NH1 . ARG A 1 78  ? -1.866  -1.872  -14.211 1.00 85.44  ? 84   ARG A NH1 1 
ATOM   534  N  NH2 . ARG A 1 78  ? -0.452  -1.482  -15.966 1.00 88.53  ? 84   ARG A NH2 1 
ATOM   535  N  N   . ILE A 1 79  ? 4.724   -8.290  -15.370 1.00 55.85  ? 85   ILE A N   1 
ATOM   536  C  CA  . ILE A 1 79  ? 5.156   -9.637  -15.766 1.00 55.04  ? 85   ILE A CA  1 
ATOM   537  C  C   . ILE A 1 79  ? 5.546   -10.433 -14.519 1.00 52.27  ? 85   ILE A C   1 
ATOM   538  O  O   . ILE A 1 79  ? 5.074   -11.559 -14.326 1.00 54.06  ? 85   ILE A O   1 
ATOM   539  C  CB  . ILE A 1 79  ? 6.318   -9.570  -16.779 1.00 60.74  ? 85   ILE A CB  1 
ATOM   540  C  CG1 . ILE A 1 79  ? 5.867   -8.955  -18.107 1.00 62.99  ? 85   ILE A CG1 1 
ATOM   541  C  CG2 . ILE A 1 79  ? 6.939   -10.943 -16.989 1.00 58.50  ? 85   ILE A CG2 1 
ATOM   542  C  CD1 . ILE A 1 79  ? 6.880   -8.037  -18.732 1.00 66.02  ? 85   ILE A CD1 1 
ATOM   543  N  N   . MET A 1 80  ? 6.401   -9.840  -13.683 1.00 56.11  ? 86   MET A N   1 
ATOM   544  C  CA  . MET A 1 80  ? 6.882   -10.498 -12.463 1.00 59.70  ? 86   MET A CA  1 
ATOM   545  C  C   . MET A 1 80  ? 5.742   -10.693 -11.450 1.00 54.37  ? 86   MET A C   1 
ATOM   546  O  O   . MET A 1 80  ? 5.601   -11.777 -10.900 1.00 56.61  ? 86   MET A O   1 
ATOM   547  C  CB  . MET A 1 80  ? 8.037   -9.731  -11.805 1.00 60.74  ? 86   MET A CB  1 
ATOM   548  C  CG  . MET A 1 80  ? 9.368   -9.916  -12.526 1.00 66.43  ? 86   MET A CG  1 
ATOM   549  S  SD  . MET A 1 80  ? 9.828   -11.653 -12.863 1.00 74.97  ? 86   MET A SD  1 
ATOM   550  C  CE  . MET A 1 80  ? 9.472   -12.452 -11.300 1.00 62.75  ? 86   MET A CE  1 
ATOM   551  N  N   . ALA A 1 81  ? 4.941   -9.655  -11.197 1.00 51.71  ? 87   ALA A N   1 
ATOM   552  C  CA  . ALA A 1 81  ? 3.784   -9.786  -10.287 1.00 50.99  ? 87   ALA A CA  1 
ATOM   553  C  C   . ALA A 1 81  ? 2.901   -10.979 -10.693 1.00 46.08  ? 87   ALA A C   1 
ATOM   554  O  O   . ALA A 1 81  ? 2.583   -11.849 -9.862  1.00 46.94  ? 87   ALA A O   1 
ATOM   555  C  CB  . ALA A 1 81  ? 3.003   -8.497  -10.267 1.00 51.20  ? 87   ALA A CB  1 
ATOM   556  N  N   . TRP A 1 82  ? 2.541   -11.060 -11.977 1.00 45.35  ? 88   TRP A N   1 
ATOM   557  C  CA  . TRP A 1 82  ? 1.710   -12.173 -12.452 1.00 47.38  ? 88   TRP A CA  1 
ATOM   558  C  C   . TRP A 1 82  ? 2.472   -13.497 -12.418 1.00 50.61  ? 88   TRP A C   1 
ATOM   559  O  O   . TRP A 1 82  ? 1.858   -14.518 -12.114 1.00 49.13  ? 88   TRP A O   1 
ATOM   560  C  CB  . TRP A 1 82  ? 1.127   -11.910 -13.842 1.00 50.03  ? 88   TRP A CB  1 
ATOM   561  C  CG  . TRP A 1 82  ? -0.036  -10.982 -13.752 1.00 47.64  ? 88   TRP A CG  1 
ATOM   562  C  CD1 . TRP A 1 82  ? -0.092  -9.698  -14.192 1.00 49.73  ? 88   TRP A CD1 1 
ATOM   563  C  CD2 . TRP A 1 82  ? -1.283  -11.237 -13.090 1.00 48.34  ? 88   TRP A CD2 1 
ATOM   564  N  NE1 . TRP A 1 82  ? -1.298  -9.147  -13.870 1.00 49.61  ? 88   TRP A NE1 1 
ATOM   565  C  CE2 . TRP A 1 82  ? -2.053  -10.063 -13.200 1.00 45.22  ? 88   TRP A CE2 1 
ATOM   566  C  CE3 . TRP A 1 82  ? -1.838  -12.349 -12.452 1.00 49.75  ? 88   TRP A CE3 1 
ATOM   567  C  CZ2 . TRP A 1 82  ? -3.344  -9.968  -12.693 1.00 47.05  ? 88   TRP A CZ2 1 
ATOM   568  C  CZ3 . TRP A 1 82  ? -3.113  -12.253 -11.942 1.00 51.15  ? 88   TRP A CZ3 1 
ATOM   569  C  CH2 . TRP A 1 82  ? -3.855  -11.080 -12.065 1.00 48.09  ? 88   TRP A CH2 1 
ATOM   570  N  N   . THR A 1 83  ? 3.776   -13.481 -12.728 1.00 46.04  ? 89   THR A N   1 
ATOM   571  C  CA  . THR A 1 83  ? 4.588   -14.686 -12.585 1.00 46.36  ? 89   THR A CA  1 
ATOM   572  C  C   . THR A 1 83  ? 4.494   -15.182 -11.141 1.00 47.29  ? 89   THR A C   1 
ATOM   573  O  O   . THR A 1 83  ? 4.367   -16.372 -10.902 1.00 45.71  ? 89   THR A O   1 
ATOM   574  C  CB  . THR A 1 83  ? 6.052   -14.460 -12.999 1.00 49.36  ? 89   THR A CB  1 
ATOM   575  O  OG1 . THR A 1 83  ? 6.011   -14.071 -14.369 1.00 49.04  ? 89   THR A OG1 1 
ATOM   576  C  CG2 . THR A 1 83  ? 6.933   -15.687 -12.858 1.00 46.14  ? 89   THR A CG2 1 
ATOM   577  N  N   . VAL A 1 84  ? 4.552   -14.251 -10.179 1.00 49.02  ? 90   VAL A N   1 
ATOM   578  C  CA  . VAL A 1 84  ? 4.587   -14.628 -8.774  1.00 48.67  ? 90   VAL A CA  1 
ATOM   579  C  C   . VAL A 1 84  ? 3.207   -15.169 -8.363  1.00 51.42  ? 90   VAL A C   1 
ATOM   580  O  O   . VAL A 1 84  ? 3.096   -16.237 -7.734  1.00 54.55  ? 90   VAL A O   1 
ATOM   581  C  CB  . VAL A 1 84  ? 5.079   -13.462 -7.896  1.00 45.10  ? 90   VAL A CB  1 
ATOM   582  C  CG1 . VAL A 1 84  ? 4.909   -13.749 -6.417  1.00 51.91  ? 90   VAL A CG1 1 
ATOM   583  C  CG2 . VAL A 1 84  ? 6.532   -13.118 -8.172  1.00 48.99  ? 90   VAL A CG2 1 
ATOM   584  N  N   . VAL A 1 85  ? 2.152   -14.447 -8.750  1.00 54.49  ? 91   VAL A N   1 
ATOM   585  C  CA  . VAL A 1 85  ? 0.771   -14.865 -8.490  1.00 51.27  ? 91   VAL A CA  1 
ATOM   586  C  C   . VAL A 1 85  ? 0.505   -16.262 -9.081  1.00 49.62  ? 91   VAL A C   1 
ATOM   587  O  O   . VAL A 1 85  ? 0.037   -17.147 -8.368  1.00 49.36  ? 91   VAL A O   1 
ATOM   588  C  CB  . VAL A 1 85  ? -0.226  -13.815 -9.013  1.00 53.82  ? 91   VAL A CB  1 
ATOM   589  C  CG1 . VAL A 1 85  ? -1.641  -14.371 -9.079  1.00 54.99  ? 91   VAL A CG1 1 
ATOM   590  C  CG2 . VAL A 1 85  ? -0.179  -12.536 -8.175  1.00 49.87  ? 91   VAL A CG2 1 
ATOM   591  N  N   . ASN A 1 86  ? 0.831   -16.478 -10.357 1.00 52.80  ? 92   ASN A N   1 
ATOM   592  C  CA  . ASN A 1 86  ? 0.595   -17.784 -11.009 1.00 65.51  ? 92   ASN A CA  1 
ATOM   593  C  C   . ASN A 1 86  ? 1.310   -18.899 -10.240 1.00 70.19  ? 92   ASN A C   1 
ATOM   594  O  O   . ASN A 1 86  ? 0.744   -19.983 -10.017 1.00 67.73  ? 92   ASN A O   1 
ATOM   595  C  CB  . ASN A 1 86  ? 1.079   -17.838 -12.457 1.00 70.61  ? 92   ASN A CB  1 
ATOM   596  C  CG  . ASN A 1 86  ? 0.124   -17.162 -13.418 1.00 81.21  ? 92   ASN A CG  1 
ATOM   597  O  OD1 . ASN A 1 86  ? -0.582  -16.218 -13.062 1.00 80.41  ? 92   ASN A OD1 1 
ATOM   598  N  ND2 . ASN A 1 86  ? 0.103   -17.640 -14.649 1.00 95.16  ? 92   ASN A ND2 1 
ATOM   599  N  N   . SER A 1 87  ? 2.560   -18.620 -9.858  1.00 65.90  ? 93   SER A N   1 
ATOM   600  C  CA  . SER A 1 87  ? 3.414   -19.590 -9.211  1.00 64.15  ? 93   SER A CA  1 
ATOM   601  C  C   . SER A 1 87  ? 2.830   -19.947 -7.837  1.00 58.21  ? 93   SER A C   1 
ATOM   602  O  O   . SER A 1 87  ? 2.798   -21.111 -7.431  1.00 57.67  ? 93   SER A O   1 
ATOM   603  C  CB  . SER A 1 87  ? 4.824   -19.067 -9.129  1.00 66.37  ? 93   SER A CB  1 
ATOM   604  O  OG  . SER A 1 87  ? 5.682   -20.031 -8.548  1.00 73.64  ? 93   SER A OG  1 
ATOM   605  N  N   . ILE A 1 88  ? 2.310   -18.942 -7.142  1.00 52.84  ? 94   ILE A N   1 
ATOM   606  C  CA  . ILE A 1 88  ? 1.641   -19.207 -5.874  1.00 56.69  ? 94   ILE A CA  1 
ATOM   607  C  C   . ILE A 1 88  ? 0.398   -20.076 -6.115  1.00 54.58  ? 94   ILE A C   1 
ATOM   608  O  O   . ILE A 1 88  ? 0.157   -21.011 -5.348  1.00 54.95  ? 94   ILE A O   1 
ATOM   609  C  CB  . ILE A 1 88  ? 1.298   -17.902 -5.125  1.00 53.90  ? 94   ILE A CB  1 
ATOM   610  C  CG1 . ILE A 1 88  ? 2.571   -17.235 -4.602  1.00 54.16  ? 94   ILE A CG1 1 
ATOM   611  C  CG2 . ILE A 1 88  ? 0.309   -18.166 -3.999  1.00 54.16  ? 94   ILE A CG2 1 
ATOM   612  C  CD1 . ILE A 1 88  ? 2.437   -15.761 -4.365  1.00 55.48  ? 94   ILE A CD1 1 
ATOM   613  N  N   . CYS A 1 89  ? -0.386  -19.750 -7.151  1.00 51.78  ? 95   CYS A N   1 
ATOM   614  C  CA  . CYS A 1 89  ? -1.660  -20.437 -7.417  1.00 60.07  ? 95   CYS A CA  1 
ATOM   615  C  C   . CYS A 1 89  ? -1.389  -21.920 -7.728  1.00 65.43  ? 95   CYS A C   1 
ATOM   616  O  O   . CYS A 1 89  ? -1.976  -22.800 -7.081  1.00 68.22  ? 95   CYS A O   1 
ATOM   617  C  CB  . CYS A 1 89  ? -2.450  -19.717 -8.509  1.00 62.62  ? 95   CYS A CB  1 
ATOM   618  S  SG  . CYS A 1 89  ? -3.140  -18.127 -7.958  1.00 64.94  ? 95   CYS A SG  1 
ATOM   619  N  N   . ASN A 1 90  ? -0.433  -22.187 -8.630  1.00 61.68  ? 96   ASN A N   1 
ATOM   620  C  CA  . ASN A 1 90  ? -0.091  -23.543 -9.078  1.00 65.67  ? 96   ASN A CA  1 
ATOM   621  C  C   . ASN A 1 90  ? 0.351   -24.437 -7.912  1.00 65.37  ? 96   ASN A C   1 
ATOM   622  O  O   . ASN A 1 90  ? 0.038   -25.631 -7.900  1.00 77.47  ? 96   ASN A O   1 
ATOM   623  C  CB  . ASN A 1 90  ? 0.992   -23.538 -10.152 1.00 69.59  ? 96   ASN A CB  1 
ATOM   624  C  CG  . ASN A 1 90  ? 0.550   -22.851 -11.425 1.00 72.13  ? 96   ASN A CG  1 
ATOM   625  O  OD1 . ASN A 1 90  ? -0.644  -22.725 -11.691 1.00 77.63  ? 96   ASN A OD1 1 
ATOM   626  N  ND2 . ASN A 1 90  ? 1.506   -22.396 -12.216 1.00 76.19  ? 96   ASN A ND2 1 
ATOM   627  N  N   . THR A 1 91  ? 1.056   -23.875 -6.933  1.00 64.89  ? 97   THR A N   1 
ATOM   628  C  CA  . THR A 1 91  ? 1.662   -24.691 -5.893  1.00 66.88  ? 97   THR A CA  1 
ATOM   629  C  C   . THR A 1 91  ? 0.755   -24.802 -4.654  1.00 65.37  ? 97   THR A C   1 
ATOM   630  O  O   . THR A 1 91  ? 0.906   -25.744 -3.887  1.00 68.96  ? 97   THR A O   1 
ATOM   631  C  CB  . THR A 1 91  ? 3.068   -24.181 -5.557  1.00 68.35  ? 97   THR A CB  1 
ATOM   632  O  OG1 . THR A 1 91  ? 2.958   -22.981 -4.794  1.00 71.45  ? 97   THR A OG1 1 
ATOM   633  C  CG2 . THR A 1 91  ? 3.905   -23.934 -6.794  1.00 68.84  ? 97   THR A CG2 1 
ATOM   634  N  N   . THR A 1 92  ? -0.182  -23.867 -4.458  1.00 69.14  ? 98   THR A N   1 
ATOM   635  C  CA  . THR A 1 92  ? -1.068  -23.870 -3.266  1.00 68.17  ? 98   THR A CA  1 
ATOM   636  C  C   . THR A 1 92  ? -2.500  -24.315 -3.613  1.00 66.80  ? 98   THR A C   1 
ATOM   637  O  O   . THR A 1 92  ? -3.190  -24.906 -2.774  1.00 74.41  ? 98   THR A O   1 
ATOM   638  C  CB  . THR A 1 92  ? -1.075  -22.496 -2.597  1.00 63.53  ? 98   THR A CB  1 
ATOM   639  O  OG1 . THR A 1 92  ? -1.455  -21.562 -3.610  1.00 58.65  ? 98   THR A OG1 1 
ATOM   640  C  CG2 . THR A 1 92  ? 0.269   -22.150 -1.997  1.00 62.59  ? 98   THR A CG2 1 
ATOM   641  N  N   . GLY A 1 93  ? -2.942  -24.019 -4.838  1.00 66.31  ? 99   GLY A N   1 
ATOM   642  C  CA  . GLY A 1 93  ? -4.278  -24.328 -5.305  1.00 66.62  ? 99   GLY A CA  1 
ATOM   643  C  C   . GLY A 1 93  ? -5.226  -23.144 -5.173  1.00 77.05  ? 99   GLY A C   1 
ATOM   644  O  O   . GLY A 1 93  ? -6.362  -23.222 -5.668  1.00 79.11  ? 99   GLY A O   1 
ATOM   645  N  N   . VAL A 1 94  ? -4.763  -22.048 -4.534  1.00 71.39  ? 100  VAL A N   1 
ATOM   646  C  CA  . VAL A 1 94  ? -5.619  -20.897 -4.231  1.00 65.75  ? 100  VAL A CA  1 
ATOM   647  C  C   . VAL A 1 94  ? -6.048  -20.249 -5.551  1.00 59.89  ? 100  VAL A C   1 
ATOM   648  O  O   . VAL A 1 94  ? -5.282  -20.157 -6.499  1.00 55.18  ? 100  VAL A O   1 
ATOM   649  C  CB  . VAL A 1 94  ? -4.977  -19.859 -3.286  1.00 64.10  ? 100  VAL A CB  1 
ATOM   650  C  CG1 . VAL A 1 94  ? -4.219  -20.487 -2.126  1.00 61.27  ? 100  VAL A CG1 1 
ATOM   651  C  CG2 . VAL A 1 94  ? -4.091  -18.880 -4.024  1.00 71.10  ? 100  VAL A CG2 1 
ATOM   652  N  N   . GLU A 1 95  ? -7.307  -19.809 -5.572  1.00 63.20  ? 101  GLU A N   1 
ATOM   653  C  CA  . GLU A 1 95  ? -7.925  -19.094 -6.672  1.00 64.73  ? 101  GLU A CA  1 
ATOM   654  C  C   . GLU A 1 95  ? -7.049  -17.907 -7.080  1.00 59.88  ? 101  GLU A C   1 
ATOM   655  O  O   . GLU A 1 95  ? -6.451  -17.236 -6.253  1.00 58.06  ? 101  GLU A O   1 
ATOM   656  C  CB  . GLU A 1 95  ? -9.320  -18.618 -6.252  1.00 74.31  ? 101  GLU A CB  1 
ATOM   657  C  CG  . GLU A 1 95  ? -10.192 -18.109 -7.392  1.00 80.30  ? 101  GLU A CG  1 
ATOM   658  C  CD  . GLU A 1 95  ? -11.597 -17.718 -6.955  1.00 85.95  ? 101  GLU A CD  1 
ATOM   659  O  OE1 . GLU A 1 95  ? -11.843 -16.489 -6.775  1.00 75.65  ? 101  GLU A OE1 1 
ATOM   660  O  OE2 . GLU A 1 95  ? -12.440 -18.641 -6.778  1.00 76.12  ? 101  GLU A OE2 1 
ATOM   661  N  N   . LYS A 1 96  ? -7.030  -17.670 -8.384  1.00 58.07  ? 102  LYS A N   1 
ATOM   662  C  CA  . LYS A 1 96  ? -6.255  -16.658 -9.040  1.00 62.91  ? 102  LYS A CA  1 
ATOM   663  C  C   . LYS A 1 96  ? -7.039  -15.354 -9.004  1.00 63.30  ? 102  LYS A C   1 
ATOM   664  O  O   . LYS A 1 96  ? -8.120  -15.280 -9.569  1.00 60.51  ? 102  LYS A O   1 
ATOM   665  C  CB  . LYS A 1 96  ? -6.032  -17.124 -10.480 1.00 62.82  ? 102  LYS A CB  1 
ATOM   666  C  CG  . LYS A 1 96  ? -4.977  -16.393 -11.285 1.00 69.82  ? 102  LYS A CG  1 
ATOM   667  C  CD  . LYS A 1 96  ? -4.281  -17.339 -12.237 1.00 73.29  ? 102  LYS A CD  1 
ATOM   668  C  CE  . LYS A 1 96  ? -4.001  -16.728 -13.592 1.00 78.37  ? 102  LYS A CE  1 
ATOM   669  N  NZ  . LYS A 1 96  ? -3.496  -17.757 -14.531 1.00 78.93  ? 102  LYS A NZ  1 
ATOM   670  N  N   . PRO A 1 97  ? -6.535  -14.280 -8.367  1.00 65.55  ? 103  PRO A N   1 
ATOM   671  C  CA  . PRO A 1 97  ? -7.290  -13.031 -8.288  1.00 65.95  ? 103  PRO A CA  1 
ATOM   672  C  C   . PRO A 1 97  ? -7.341  -12.355 -9.665  1.00 63.66  ? 103  PRO A C   1 
ATOM   673  O  O   . PRO A 1 97  ? -6.442  -12.563 -10.474 1.00 65.09  ? 103  PRO A O   1 
ATOM   674  C  CB  . PRO A 1 97  ? -6.475  -12.218 -7.272  1.00 66.14  ? 103  PRO A CB  1 
ATOM   675  C  CG  . PRO A 1 97  ? -5.052  -12.682 -7.516  1.00 63.83  ? 103  PRO A CG  1 
ATOM   676  C  CD  . PRO A 1 97  ? -5.200  -14.172 -7.757  1.00 65.30  ? 103  PRO A CD  1 
ATOM   677  N  N   . LYS A 1 98  ? -8.393  -11.568 -9.907  1.00 64.13  ? 104  LYS A N   1 
ATOM   678  C  CA  . LYS A 1 98  ? -8.578  -10.820 -11.145 1.00 66.84  ? 104  LYS A CA  1 
ATOM   679  C  C   . LYS A 1 98  ? -7.612  -9.641  -11.187 1.00 59.90  ? 104  LYS A C   1 
ATOM   680  O  O   . LYS A 1 98  ? -7.134  -9.266  -12.245 1.00 69.73  ? 104  LYS A O   1 
ATOM   681  C  CB  . LYS A 1 98  ? -9.985  -10.224 -11.248 1.00 75.77  ? 104  LYS A CB  1 
ATOM   682  C  CG  . LYS A 1 98  ? -11.094 -11.190 -11.627 1.00 87.21  ? 104  LYS A CG  1 
ATOM   683  C  CD  . LYS A 1 98  ? -12.475 -10.605 -11.367 1.00 98.42  ? 104  LYS A CD  1 
ATOM   684  C  CE  . LYS A 1 98  ? -12.849 -10.558 -9.895  1.00 98.42  ? 104  LYS A CE  1 
ATOM   685  N  NZ  . LYS A 1 98  ? -13.328 -11.875 -9.411  1.00 93.60  ? 104  LYS A NZ  1 
ATOM   686  N  N   . PHE A 1 99  ? -7.410  -9.025  -10.022 1.00 59.62  ? 105  PHE A N   1 
ATOM   687  C  CA  . PHE A 1 99  ? -6.524  -7.885  -9.839  1.00 57.04  ? 105  PHE A CA  1 
ATOM   688  C  C   . PHE A 1 99  ? -5.287  -8.338  -9.053  1.00 51.55  ? 105  PHE A C   1 
ATOM   689  O  O   . PHE A 1 99  ? -5.350  -9.188  -8.172  1.00 48.35  ? 105  PHE A O   1 
ATOM   690  C  CB  . PHE A 1 99  ? -7.236  -6.751  -9.092  1.00 69.70  ? 105  PHE A CB  1 
ATOM   691  C  CG  . PHE A 1 99  ? -8.488  -6.211  -9.749  1.00 82.39  ? 105  PHE A CG  1 
ATOM   692  C  CD1 . PHE A 1 99  ? -9.676  -6.936  -9.735  1.00 90.56  ? 105  PHE A CD1 1 
ATOM   693  C  CD2 . PHE A 1 99  ? -8.492  -4.960  -10.354 1.00 87.28  ? 105  PHE A CD2 1 
ATOM   694  C  CE1 . PHE A 1 99  ? -10.825 -6.437  -10.336 1.00 91.79  ? 105  PHE A CE1 1 
ATOM   695  C  CE2 . PHE A 1 99  ? -9.644  -4.457  -10.945 1.00 88.79  ? 105  PHE A CE2 1 
ATOM   696  C  CZ  . PHE A 1 99  ? -10.807 -5.195  -10.935 1.00 93.68  ? 105  PHE A CZ  1 
ATOM   697  N  N   . LEU A 1 100 ? -4.150  -7.747  -9.386  1.00 47.40  ? 106  LEU A N   1 
ATOM   698  C  CA  . LEU A 1 100 ? -2.953  -7.945  -8.643  1.00 44.21  ? 106  LEU A CA  1 
ATOM   699  C  C   . LEU A 1 100 ? -3.170  -7.482  -7.209  1.00 39.41  ? 106  LEU A C   1 
ATOM   700  O  O   . LEU A 1 100 ? -3.387  -6.308  -6.949  1.00 42.96  ? 106  LEU A O   1 
ATOM   701  C  CB  . LEU A 1 100 ? -1.831  -7.153  -9.314  1.00 42.53  ? 106  LEU A CB  1 
ATOM   702  C  CG  . LEU A 1 100 ? -1.219  -7.823  -10.536 1.00 45.20  ? 106  LEU A CG  1 
ATOM   703  C  CD1 . LEU A 1 100 ? -0.038  -7.012  -11.047 1.00 44.31  ? 106  LEU A CD1 1 
ATOM   704  C  CD2 . LEU A 1 100 ? -0.780  -9.250  -10.212 1.00 46.03  ? 106  LEU A CD2 1 
ATOM   705  N  N   . PRO A 1 101 ? -3.074  -8.372  -6.206  1.00 39.93  ? 107  PRO A N   1 
ATOM   706  C  CA  . PRO A 1 101 ? -3.046  -7.923  -4.819  1.00 38.09  ? 107  PRO A CA  1 
ATOM   707  C  C   . PRO A 1 101 ? -1.630  -7.432  -4.499  1.00 37.33  ? 107  PRO A C   1 
ATOM   708  O  O   . PRO A 1 101 ? -0.788  -7.337  -5.393  1.00 34.75  ? 107  PRO A O   1 
ATOM   709  C  CB  . PRO A 1 101 ? -3.505  -9.171  -4.051  1.00 39.60  ? 107  PRO A CB  1 
ATOM   710  C  CG  . PRO A 1 101 ? -3.078  -10.327 -4.906  1.00 40.17  ? 107  PRO A CG  1 
ATOM   711  C  CD  . PRO A 1 101 ? -2.990  -9.830  -6.332  1.00 39.15  ? 107  PRO A CD  1 
ATOM   712  N  N   . ASP A 1 102 ? -1.403  -7.138  -3.222  1.00 40.38  ? 108  ASP A N   1 
ATOM   713  C  CA  . ASP A 1 102 ? -0.185  -6.527  -2.707  1.00 46.11  ? 108  ASP A CA  1 
ATOM   714  C  C   . ASP A 1 102 ? 0.807   -7.558  -2.134  1.00 45.09  ? 108  ASP A C   1 
ATOM   715  O  O   . ASP A 1 102 ? 2.003   -7.404  -2.333  1.00 45.36  ? 108  ASP A O   1 
ATOM   716  C  CB  . ASP A 1 102 ? -0.559  -5.520  -1.630  1.00 42.84  ? 108  ASP A CB  1 
ATOM   717  C  CG  . ASP A 1 102 ? -1.141  -4.267  -2.239  1.00 47.16  ? 108  ASP A CG  1 
ATOM   718  O  OD1 . ASP A 1 102 ? -0.606  -3.816  -3.276  1.00 45.76  ? 108  ASP A OD1 1 
ATOM   719  O  OD2 . ASP A 1 102 ? -2.084  -3.737  -1.654  1.00 44.78  ? 108  ASP A OD2 1 
ATOM   720  N  N   . LEU A 1 103 ? 0.315   -8.533  -1.360  1.00 50.22  ? 109  LEU A N   1 
ATOM   721  C  CA  . LEU A 1 103 ? 1.153   -9.594  -0.749  1.00 53.46  ? 109  LEU A CA  1 
ATOM   722  C  C   . LEU A 1 103 ? 0.445   -10.947 -0.878  1.00 53.67  ? 109  LEU A C   1 
ATOM   723  O  O   . LEU A 1 103 ? -0.754  -11.000 -1.141  1.00 52.90  ? 109  LEU A O   1 
ATOM   724  C  CB  . LEU A 1 103 ? 1.401   -9.316  0.744   1.00 51.92  ? 109  LEU A CB  1 
ATOM   725  C  CG  . LEU A 1 103 ? 1.879   -7.917  1.136   1.00 55.58  ? 109  LEU A CG  1 
ATOM   726  C  CD1 . LEU A 1 103 ? 1.764   -7.701  2.635   1.00 59.70  ? 109  LEU A CD1 1 
ATOM   727  C  CD2 . LEU A 1 103 ? 3.309   -7.678  0.707   1.00 57.39  ? 109  LEU A CD2 1 
ATOM   728  N  N   . TYR A 1 104 ? 1.200   -12.028 -0.622  1.00 54.57  ? 110  TYR A N   1 
ATOM   729  C  CA  . TYR A 1 104 ? 0.630   -13.340 -0.274  1.00 51.00  ? 110  TYR A CA  1 
ATOM   730  C  C   . TYR A 1 104 ? 1.133   -13.731 1.123   1.00 50.76  ? 110  TYR A C   1 
ATOM   731  O  O   . TYR A 1 104 ? 2.279   -13.451 1.482   1.00 51.52  ? 110  TYR A O   1 
ATOM   732  C  CB  . TYR A 1 104 ? 0.960   -14.369 -1.357  1.00 50.61  ? 110  TYR A CB  1 
ATOM   733  C  CG  . TYR A 1 104 ? 0.353   -15.723 -1.106  1.00 56.46  ? 110  TYR A CG  1 
ATOM   734  C  CD1 . TYR A 1 104 ? -0.977  -15.979 -1.393  1.00 57.66  ? 110  TYR A CD1 1 
ATOM   735  C  CD2 . TYR A 1 104 ? 1.103   -16.755 -0.566  1.00 57.92  ? 110  TYR A CD2 1 
ATOM   736  C  CE1 . TYR A 1 104 ? -1.546  -17.221 -1.161  1.00 58.66  ? 110  TYR A CE1 1 
ATOM   737  C  CE2 . TYR A 1 104 ? 0.545   -17.996 -0.308  1.00 58.95  ? 110  TYR A CE2 1 
ATOM   738  C  CZ  . TYR A 1 104 ? -0.782  -18.240 -0.619  1.00 59.68  ? 110  TYR A CZ  1 
ATOM   739  O  OH  . TYR A 1 104 ? -1.332  -19.474 -0.381  1.00 63.83  ? 110  TYR A OH  1 
ATOM   740  N  N   . ASP A 1 105 ? 0.238   -14.325 1.921   1.00 45.62  ? 111  ASP A N   1 
ATOM   741  C  CA  . ASP A 1 105 ? 0.516   -14.786 3.279   1.00 51.65  ? 111  ASP A CA  1 
ATOM   742  C  C   . ASP A 1 105 ? 0.620   -16.319 3.237   1.00 56.08  ? 111  ASP A C   1 
ATOM   743  O  O   . ASP A 1 105 ? -0.395  -17.001 3.044   1.00 51.97  ? 111  ASP A O   1 
ATOM   744  C  CB  . ASP A 1 105 ? -0.576  -14.299 4.242   1.00 46.95  ? 111  ASP A CB  1 
ATOM   745  C  CG  . ASP A 1 105 ? -0.324  -14.573 5.718   1.00 49.34  ? 111  ASP A CG  1 
ATOM   746  O  OD1 . ASP A 1 105 ? 0.497   -15.466 6.030   1.00 48.55  ? 111  ASP A OD1 1 
ATOM   747  O  OD2 . ASP A 1 105 ? -0.977  -13.904 6.563   1.00 48.60  ? 111  ASP A OD2 1 
ATOM   748  N  N   . TYR A 1 106 ? 1.842   -16.851 3.388   1.00 62.52  ? 112  TYR A N   1 
ATOM   749  C  CA  . TYR A 1 106 ? 2.094   -18.307 3.316   1.00 59.02  ? 112  TYR A CA  1 
ATOM   750  C  C   . TYR A 1 106 ? 1.635   -19.029 4.593   1.00 55.87  ? 112  TYR A C   1 
ATOM   751  O  O   . TYR A 1 106 ? 1.462   -20.249 4.583   1.00 69.84  ? 112  TYR A O   1 
ATOM   752  C  CB  . TYR A 1 106 ? 3.576   -18.609 3.115   1.00 60.44  ? 112  TYR A CB  1 
ATOM   753  C  CG  . TYR A 1 106 ? 4.142   -18.254 1.768   1.00 49.53  ? 112  TYR A CG  1 
ATOM   754  C  CD1 . TYR A 1 106 ? 3.843   -18.995 0.639   1.00 47.68  ? 112  TYR A CD1 1 
ATOM   755  C  CD2 . TYR A 1 106 ? 5.059   -17.227 1.647   1.00 48.91  ? 112  TYR A CD2 1 
ATOM   756  C  CE1 . TYR A 1 106 ? 4.383   -18.673 -0.595  1.00 42.34  ? 112  TYR A CE1 1 
ATOM   757  C  CE2 . TYR A 1 106 ? 5.615   -16.901 0.426   1.00 43.29  ? 112  TYR A CE2 1 
ATOM   758  C  CZ  . TYR A 1 106 ? 5.268   -17.617 -0.697  1.00 42.64  ? 112  TYR A CZ  1 
ATOM   759  O  OH  . TYR A 1 106 ? 5.850   -17.260 -1.884  1.00 51.34  ? 112  TYR A OH  1 
ATOM   760  N  N   . LYS A 1 107 ? 1.448   -18.286 5.683   1.00 55.95  ? 113  LYS A N   1 
ATOM   761  C  CA  . LYS A 1 107 ? 0.944   -18.849 6.916   1.00 57.37  ? 113  LYS A CA  1 
ATOM   762  C  C   . LYS A 1 107 ? -0.568  -19.055 6.816   1.00 60.49  ? 113  LYS A C   1 
ATOM   763  O  O   . LYS A 1 107 ? -1.061  -20.129 7.104   1.00 61.70  ? 113  LYS A O   1 
ATOM   764  C  CB  . LYS A 1 107 ? 1.256   -17.949 8.109   1.00 61.69  ? 113  LYS A CB  1 
ATOM   765  C  CG  . LYS A 1 107 ? 0.692   -18.456 9.425   1.00 67.69  ? 113  LYS A CG  1 
ATOM   766  C  CD  . LYS A 1 107 ? 1.114   -17.654 10.624  1.00 70.32  ? 113  LYS A CD  1 
ATOM   767  C  CE  . LYS A 1 107 ? 0.306   -18.018 11.849  1.00 76.06  ? 113  LYS A CE  1 
ATOM   768  N  NZ  . LYS A 1 107 ? 0.653   -17.155 13.001  1.00 78.81  ? 113  LYS A NZ  1 
ATOM   769  N  N   . GLU A 1 108 ? -1.288  -18.004 6.419   1.00 64.68  ? 114  GLU A N   1 
ATOM   770  C  CA  . GLU A 1 108 ? -2.752  -18.036 6.291   1.00 60.34  ? 114  GLU A CA  1 
ATOM   771  C  C   . GLU A 1 108 ? -3.173  -18.524 4.897   1.00 56.60  ? 114  GLU A C   1 
ATOM   772  O  O   . GLU A 1 108 ? -4.350  -18.716 4.636   1.00 58.61  ? 114  GLU A O   1 
ATOM   773  C  CB  . GLU A 1 108 ? -3.321  -16.642 6.548   1.00 61.20  ? 114  GLU A CB  1 
ATOM   774  C  CG  . GLU A 1 108 ? -2.912  -16.073 7.888   1.00 62.13  ? 114  GLU A CG  1 
ATOM   775  C  CD  . GLU A 1 108 ? -3.421  -16.875 9.071   1.00 72.11  ? 114  GLU A CD  1 
ATOM   776  O  OE1 . GLU A 1 108 ? -4.397  -17.652 8.891   1.00 65.94  ? 114  GLU A OE1 1 
ATOM   777  O  OE2 . GLU A 1 108 ? -2.837  -16.729 10.170  1.00 80.14  ? 114  GLU A OE2 1 
ATOM   778  N  N   . ASN A 1 109 ? -2.209  -18.651 3.983   1.00 55.76  ? 115  ASN A N   1 
ATOM   779  C  CA  . ASN A 1 109 ? -2.447  -19.177 2.654   1.00 60.08  ? 115  ASN A CA  1 
ATOM   780  C  C   . ASN A 1 109 ? -3.550  -18.351 1.982   1.00 55.75  ? 115  ASN A C   1 
ATOM   781  O  O   . ASN A 1 109 ? -4.601  -18.858 1.653   1.00 55.24  ? 115  ASN A O   1 
ATOM   782  C  CB  . ASN A 1 109 ? -2.705  -20.685 2.726   1.00 65.90  ? 115  ASN A CB  1 
ATOM   783  C  CG  . ASN A 1 109 ? -1.540  -21.422 3.360   1.00 70.14  ? 115  ASN A CG  1 
ATOM   784  O  OD1 . ASN A 1 109 ? -0.507  -21.645 2.720   1.00 75.94  ? 115  ASN A OD1 1 
ATOM   785  N  ND2 . ASN A 1 109 ? -1.678  -21.773 4.629   1.00 66.40  ? 115  ASN A ND2 1 
ATOM   786  N  N   . ARG A 1 110 ? -3.268  -17.062 1.785   1.00 51.85  ? 116  ARG A N   1 
ATOM   787  C  CA  . ARG A 1 110 ? -4.214  -16.113 1.192   1.00 52.00  ? 116  ARG A CA  1 
ATOM   788  C  C   . ARG A 1 110 ? -3.491  -14.834 0.789   1.00 47.31  ? 116  ARG A C   1 
ATOM   789  O  O   . ARG A 1 110 ? -2.594  -14.384 1.501   1.00 43.01  ? 116  ARG A O   1 
ATOM   790  C  CB  . ARG A 1 110 ? -5.315  -15.709 2.176   1.00 48.63  ? 116  ARG A CB  1 
ATOM   791  C  CG  . ARG A 1 110 ? -4.868  -14.820 3.325   1.00 49.65  ? 116  ARG A CG  1 
ATOM   792  C  CD  . ARG A 1 110 ? -5.830  -14.954 4.489   1.00 48.31  ? 116  ARG A CD  1 
ATOM   793  N  NE  . ARG A 1 110 ? -5.476  -14.079 5.597   1.00 51.26  ? 116  ARG A NE  1 
ATOM   794  C  CZ  . ARG A 1 110 ? -5.959  -14.215 6.829   1.00 51.40  ? 116  ARG A CZ  1 
ATOM   795  N  NH1 . ARG A 1 110 ? -6.829  -15.176 7.089   1.00 55.11  ? 116  ARG A NH1 1 
ATOM   796  N  NH2 . ARG A 1 110 ? -5.573  -13.409 7.799   1.00 42.62  ? 116  ARG A NH2 1 
ATOM   797  N  N   . PHE A 1 111 ? -3.941  -14.249 -0.319  1.00 46.20  ? 117  PHE A N   1 
ATOM   798  C  CA  . PHE A 1 111 ? -3.520  -12.920 -0.747  1.00 49.05  ? 117  PHE A CA  1 
ATOM   799  C  C   . PHE A 1 111 ? -4.046  -11.843 0.214   1.00 50.34  ? 117  PHE A C   1 
ATOM   800  O  O   . PHE A 1 111 ? -5.033  -12.043 0.937   1.00 52.11  ? 117  PHE A O   1 
ATOM   801  C  CB  . PHE A 1 111 ? -3.968  -12.678 -2.184  1.00 51.21  ? 117  PHE A CB  1 
ATOM   802  C  CG  . PHE A 1 111 ? -3.358  -13.626 -3.181  1.00 51.71  ? 117  PHE A CG  1 
ATOM   803  C  CD1 . PHE A 1 111 ? -2.056  -13.450 -3.624  1.00 51.86  ? 117  PHE A CD1 1 
ATOM   804  C  CD2 . PHE A 1 111 ? -4.075  -14.707 -3.661  1.00 51.75  ? 117  PHE A CD2 1 
ATOM   805  C  CE1 . PHE A 1 111 ? -1.503  -14.316 -4.551  1.00 52.36  ? 117  PHE A CE1 1 
ATOM   806  C  CE2 . PHE A 1 111 ? -3.514  -15.574 -4.582  1.00 51.76  ? 117  PHE A CE2 1 
ATOM   807  C  CZ  . PHE A 1 111 ? -2.232  -15.376 -5.028  1.00 50.57  ? 117  PHE A CZ  1 
ATOM   808  N  N   . ILE A 1 112 ? -3.314  -10.723 0.250   1.00 49.16  ? 118  ILE A N   1 
ATOM   809  C  CA  . ILE A 1 112 ? -3.672  -9.519  0.989   1.00 49.68  ? 118  ILE A CA  1 
ATOM   810  C  C   . ILE A 1 112 ? -3.707  -8.351  0.004   1.00 47.07  ? 118  ILE A C   1 
ATOM   811  O  O   . ILE A 1 112 ? -2.801  -8.199  -0.800  1.00 45.67  ? 118  ILE A O   1 
ATOM   812  C  CB  . ILE A 1 112 ? -2.676  -9.212  2.128   1.00 49.70  ? 118  ILE A CB  1 
ATOM   813  C  CG1 . ILE A 1 112 ? -2.558  -10.367 3.123   1.00 52.21  ? 118  ILE A CG1 1 
ATOM   814  C  CG2 . ILE A 1 112 ? -3.043  -7.911  2.825   1.00 46.37  ? 118  ILE A CG2 1 
ATOM   815  C  CD1 . ILE A 1 112 ? -1.301  -10.304 3.972   1.00 55.14  ? 118  ILE A CD1 1 
ATOM   816  N  N   . GLU A 1 113 ? -4.770  -7.553  0.096   1.00 46.90  ? 119  GLU A N   1 
ATOM   817  C  CA  . GLU A 1 113 ? -4.829  -6.219  -0.453  1.00 44.38  ? 119  GLU A CA  1 
ATOM   818  C  C   . GLU A 1 113 ? -4.598  -5.223  0.688   1.00 40.65  ? 119  GLU A C   1 
ATOM   819  O  O   . GLU A 1 113 ? -5.325  -5.219  1.657   1.00 37.04  ? 119  GLU A O   1 
ATOM   820  C  CB  . GLU A 1 113 ? -6.193  -5.978  -1.109  1.00 46.02  ? 119  GLU A CB  1 
ATOM   821  C  CG  . GLU A 1 113 ? -6.363  -4.566  -1.644  1.00 43.38  ? 119  GLU A CG  1 
ATOM   822  C  CD  . GLU A 1 113 ? -5.241  -4.100  -2.542  1.00 42.00  ? 119  GLU A CD  1 
ATOM   823  O  OE1 . GLU A 1 113 ? -4.736  -4.920  -3.316  1.00 45.98  ? 119  GLU A OE1 1 
ATOM   824  O  OE2 . GLU A 1 113 ? -4.867  -2.924  -2.449  1.00 41.81  ? 119  GLU A OE2 1 
ATOM   825  N  N   . ILE A 1 114 ? -3.584  -4.371  0.540   1.00 40.68  ? 120  ILE A N   1 
ATOM   826  C  CA  . ILE A 1 114 ? -3.273  -3.353  1.515   1.00 40.70  ? 120  ILE A CA  1 
ATOM   827  C  C   . ILE A 1 114 ? -3.903  -2.034  1.069   1.00 39.80  ? 120  ILE A C   1 
ATOM   828  O  O   . ILE A 1 114 ? -3.630  -1.588  -0.053  1.00 38.83  ? 120  ILE A O   1 
ATOM   829  C  CB  . ILE A 1 114 ? -1.750  -3.179  1.660   1.00 43.93  ? 120  ILE A CB  1 
ATOM   830  C  CG1 . ILE A 1 114 ? -1.039  -4.487  2.018   1.00 48.09  ? 120  ILE A CG1 1 
ATOM   831  C  CG2 . ILE A 1 114 ? -1.460  -2.072  2.657   1.00 41.19  ? 120  ILE A CG2 1 
ATOM   832  C  CD1 . ILE A 1 114 ? -1.220  -4.889  3.453   1.00 54.18  ? 120  ILE A CD1 1 
ATOM   833  N  N   . GLY A 1 115 ? -4.668  -1.390  1.965   1.00 38.26  ? 121  GLY A N   1 
ATOM   834  C  CA  . GLY A 1 115 ? -5.199  -0.055  1.703   1.00 42.04  ? 121  GLY A CA  1 
ATOM   835  C  C   . GLY A 1 115 ? -4.612  0.987   2.634   1.00 41.24  ? 121  GLY A C   1 
ATOM   836  O  O   . GLY A 1 115 ? -4.489  0.736   3.810   1.00 43.12  ? 121  GLY A O   1 
ATOM   837  N  N   . VAL A 1 116 ? -4.218  2.143   2.087   1.00 39.64  ? 122  VAL A N   1 
ATOM   838  C  CA  . VAL A 1 116 ? -3.877  3.305   2.895   1.00 41.30  ? 122  VAL A CA  1 
ATOM   839  C  C   . VAL A 1 116 ? -4.778  4.466   2.460   1.00 41.11  ? 122  VAL A C   1 
ATOM   840  O  O   . VAL A 1 116 ? -4.795  4.780   1.272   1.00 37.93  ? 122  VAL A O   1 
ATOM   841  C  CB  . VAL A 1 116 ? -2.393  3.691   2.776   1.00 42.32  ? 122  VAL A CB  1 
ATOM   842  C  CG1 . VAL A 1 116 ? -2.055  4.885   3.668   1.00 42.97  ? 122  VAL A CG1 1 
ATOM   843  C  CG2 . VAL A 1 116 ? -1.495  2.507   3.084   1.00 44.04  ? 122  VAL A CG2 1 
ATOM   844  N  N   . THR A 1 117 ? -5.476  5.096   3.422   1.00 42.25  ? 123  THR A N   1 
ATOM   845  C  CA  . THR A 1 117 ? -6.545  6.074   3.142   1.00 44.50  ? 123  THR A CA  1 
ATOM   846  C  C   . THR A 1 117 ? -6.356  7.360   3.965   1.00 44.40  ? 123  THR A C   1 
ATOM   847  O  O   . THR A 1 117 ? -6.011  7.321   5.122   1.00 41.57  ? 123  THR A O   1 
ATOM   848  C  CB  . THR A 1 117 ? -7.936  5.450   3.375   1.00 45.55  ? 123  THR A CB  1 
ATOM   849  O  OG1 . THR A 1 117 ? -8.927  6.383   2.937   1.00 46.96  ? 123  THR A OG1 1 
ATOM   850  C  CG2 . THR A 1 117 ? -8.214  5.069   4.817   1.00 44.91  ? 123  THR A CG2 1 
ATOM   851  N  N   . ARG A 1 118 ? -6.658  8.504   3.343   1.00 46.54  ? 124  ARG A N   1 
ATOM   852  C  CA  . ARG A 1 118 ? -6.789  9.788   4.023   1.00 45.60  ? 124  ARG A CA  1 
ATOM   853  C  C   . ARG A 1 118 ? -8.200  9.944   4.604   1.00 45.53  ? 124  ARG A C   1 
ATOM   854  O  O   . ARG A 1 118 ? -8.409  10.823  5.432   1.00 47.00  ? 124  ARG A O   1 
ATOM   855  C  CB  . ARG A 1 118 ? -6.480  10.958  3.080   1.00 48.80  ? 124  ARG A CB  1 
ATOM   856  C  CG  . ARG A 1 118 ? -5.015  11.053  2.684   1.00 51.13  ? 124  ARG A CG  1 
ATOM   857  C  CD  . ARG A 1 118 ? -4.689  10.232  1.454   1.00 49.12  ? 124  ARG A CD  1 
ATOM   858  N  NE  . ARG A 1 118 ? -4.524  11.043  0.269   1.00 48.11  ? 124  ARG A NE  1 
ATOM   859  C  CZ  . ARG A 1 118 ? -4.389  10.543  -0.946  1.00 46.19  ? 124  ARG A CZ  1 
ATOM   860  N  NH1 . ARG A 1 118 ? -4.232  9.245   -1.092  1.00 39.56  ? 124  ARG A NH1 1 
ATOM   861  N  NH2 . ARG A 1 118 ? -4.460  11.326  -2.011  1.00 56.84  ? 124  ARG A NH2 1 
ATOM   862  N  N   . ARG A 1 119 ? -9.140  9.086   4.189   1.00 48.89  ? 125  ARG A N   1 
ATOM   863  C  CA  . ARG A 1 119 ? -10.551 9.099   4.649   1.00 46.35  ? 125  ARG A CA  1 
ATOM   864  C  C   . ARG A 1 119 ? -10.739 8.099   5.799   1.00 54.25  ? 125  ARG A C   1 
ATOM   865  O  O   . ARG A 1 119 ? -9.778  7.590   6.363   1.00 63.59  ? 125  ARG A O   1 
ATOM   866  C  CB  . ARG A 1 119 ? -11.447 8.747   3.467   1.00 45.24  ? 125  ARG A CB  1 
ATOM   867  C  CG  . ARG A 1 119 ? -11.436 9.796   2.360   1.00 47.45  ? 125  ARG A CG  1 
ATOM   868  C  CD  . ARG A 1 119 ? -12.215 9.331   1.148   1.00 48.92  ? 125  ARG A CD  1 
ATOM   869  N  NE  . ARG A 1 119 ? -11.543 8.258   0.425   1.00 48.99  ? 125  ARG A NE  1 
ATOM   870  C  CZ  . ARG A 1 119 ? -12.161 7.350   -0.337  1.00 54.52  ? 125  ARG A CZ  1 
ATOM   871  N  NH1 . ARG A 1 119 ? -13.472 7.414   -0.530  1.00 49.01  ? 125  ARG A NH1 1 
ATOM   872  N  NH2 . ARG A 1 119 ? -11.470 6.353   -0.871  1.00 52.23  ? 125  ARG A NH2 1 
ATOM   873  N  N   . GLU A 1 120 ? -11.992 7.803   6.130   1.00 57.94  ? 126  GLU A N   1 
ATOM   874  C  CA  . GLU A 1 120 ? -12.332 6.867   7.186   1.00 58.18  ? 126  GLU A CA  1 
ATOM   875  C  C   . GLU A 1 120 ? -12.032 5.453   6.686   1.00 53.55  ? 126  GLU A C   1 
ATOM   876  O  O   . GLU A 1 120 ? -12.280 5.151   5.524   1.00 47.54  ? 126  GLU A O   1 
ATOM   877  C  CB  . GLU A 1 120 ? -13.810 7.008   7.564   1.00 66.71  ? 126  GLU A CB  1 
ATOM   878  C  CG  . GLU A 1 120 ? -14.206 8.384   8.085   1.00 70.26  ? 126  GLU A CG  1 
ATOM   879  C  CD  . GLU A 1 120 ? -14.196 8.544   9.599   1.00 77.57  ? 126  GLU A CD  1 
ATOM   880  O  OE1 . GLU A 1 120 ? -14.569 9.630   10.072  1.00 83.67  ? 126  GLU A OE1 1 
ATOM   881  O  OE2 . GLU A 1 120 ? -13.830 7.587   10.309  1.00 81.75  ? 126  GLU A OE2 1 
ATOM   882  N  N   . VAL A 1 121 ? -11.547 4.583   7.584   1.00 47.77  ? 127  VAL A N   1 
ATOM   883  C  CA  . VAL A 1 121 ? -11.106 3.233   7.191   1.00 48.21  ? 127  VAL A CA  1 
ATOM   884  C  C   . VAL A 1 121 ? -12.280 2.367   6.676   1.00 49.06  ? 127  VAL A C   1 
ATOM   885  O  O   . VAL A 1 121 ? -12.067 1.518   5.786   1.00 45.50  ? 127  VAL A O   1 
ATOM   886  C  CB  . VAL A 1 121 ? -10.320 2.533   8.324   1.00 48.56  ? 127  VAL A CB  1 
ATOM   887  C  CG1 . VAL A 1 121 ? -8.963  3.190   8.573   1.00 45.53  ? 127  VAL A CG1 1 
ATOM   888  C  CG2 . VAL A 1 121 ? -11.110 2.453   9.620   1.00 47.21  ? 127  VAL A CG2 1 
ATOM   889  N  N   . HIS A 1 122 ? -13.490 2.542   7.224   1.00 45.41  ? 128  HIS A N   1 
ATOM   890  C  CA  . HIS A 1 122 ? -14.656 1.736   6.830   1.00 51.98  ? 128  HIS A CA  1 
ATOM   891  C  C   . HIS A 1 122 ? -15.046 2.079   5.389   1.00 49.70  ? 128  HIS A C   1 
ATOM   892  O  O   . HIS A 1 122 ? -15.317 1.187   4.592   1.00 45.71  ? 128  HIS A O   1 
ATOM   893  C  CB  . HIS A 1 122 ? -15.819 1.865   7.840   1.00 62.22  ? 128  HIS A CB  1 
ATOM   894  C  CG  . HIS A 1 122 ? -16.540 3.170   7.824   1.00 69.97  ? 128  HIS A CG  1 
ATOM   895  N  ND1 . HIS A 1 122 ? -16.127 4.256   8.583   1.00 81.23  ? 128  HIS A ND1 1 
ATOM   896  C  CD2 . HIS A 1 122 ? -17.643 3.573   7.154   1.00 75.80  ? 128  HIS A CD2 1 
ATOM   897  C  CE1 . HIS A 1 122 ? -16.938 5.275   8.373   1.00 72.75  ? 128  HIS A CE1 1 
ATOM   898  N  NE2 . HIS A 1 122 ? -17.872 4.882   7.498   1.00 81.62  ? 128  HIS A NE2 1 
ATOM   899  N  N   . ILE A 1 123 ? -15.006 3.376   5.065   1.00 47.68  ? 129  ILE A N   1 
ATOM   900  C  CA  . ILE A 1 123 ? -15.288 3.881   3.732   1.00 51.51  ? 129  ILE A CA  1 
ATOM   901  C  C   . ILE A 1 123 ? -14.326 3.251   2.714   1.00 52.43  ? 129  ILE A C   1 
ATOM   902  O  O   . ILE A 1 123 ? -14.777 2.773   1.649   1.00 50.05  ? 129  ILE A O   1 
ATOM   903  C  CB  . ILE A 1 123 ? -15.217 5.421   3.718   1.00 54.56  ? 129  ILE A CB  1 
ATOM   904  C  CG1 . ILE A 1 123 ? -16.444 6.033   4.405   1.00 61.32  ? 129  ILE A CG1 1 
ATOM   905  C  CG2 . ILE A 1 123 ? -15.038 5.954   2.306   1.00 55.84  ? 129  ILE A CG2 1 
ATOM   906  C  CD1 . ILE A 1 123 ? -16.387 7.541   4.533   1.00 64.74  ? 129  ILE A CD1 1 
ATOM   907  N  N   . TYR A 1 124 ? -13.017 3.278   3.014   1.00 49.51  ? 130  TYR A N   1 
ATOM   908  C  CA  . TYR A 1 124 ? -12.020 2.789   2.044   1.00 49.13  ? 130  TYR A CA  1 
ATOM   909  C  C   . TYR A 1 124 ? -12.129 1.262   1.965   1.00 43.75  ? 130  TYR A C   1 
ATOM   910  O  O   . TYR A 1 124 ? -12.061 0.691   0.879   1.00 42.91  ? 130  TYR A O   1 
ATOM   911  C  CB  . TYR A 1 124 ? -10.609 3.306   2.352   1.00 52.18  ? 130  TYR A CB  1 
ATOM   912  C  CG  . TYR A 1 124 ? -9.615  3.090   1.234   1.00 51.53  ? 130  TYR A CG  1 
ATOM   913  C  CD1 . TYR A 1 124 ? -9.836  3.602   -0.039  1.00 53.24  ? 130  TYR A CD1 1 
ATOM   914  C  CD2 . TYR A 1 124 ? -8.456  2.361   1.438   1.00 52.69  ? 130  TYR A CD2 1 
ATOM   915  C  CE1 . TYR A 1 124 ? -8.951  3.381   -1.086  1.00 55.02  ? 130  TYR A CE1 1 
ATOM   916  C  CE2 . TYR A 1 124 ? -7.543  2.157   0.412   1.00 56.91  ? 130  TYR A CE2 1 
ATOM   917  C  CZ  . TYR A 1 124 ? -7.790  2.660   -0.855  1.00 57.03  ? 130  TYR A CZ  1 
ATOM   918  O  OH  . TYR A 1 124 ? -6.890  2.433   -1.857  1.00 51.88  ? 130  TYR A OH  1 
ATOM   919  N  N   . TYR A 1 125 ? -12.401 0.630   3.110   1.00 42.61  ? 131  TYR A N   1 
ATOM   920  C  CA  . TYR A 1 125 ? -12.580 -0.792  3.183   1.00 47.53  ? 131  TYR A CA  1 
ATOM   921  C  C   . TYR A 1 125 ? -13.679 -1.253  2.210   1.00 49.90  ? 131  TYR A C   1 
ATOM   922  O  O   . TYR A 1 125 ? -13.492 -2.222  1.466   1.00 49.10  ? 131  TYR A O   1 
ATOM   923  C  CB  . TYR A 1 125 ? -12.873 -1.256  4.617   1.00 48.02  ? 131  TYR A CB  1 
ATOM   924  C  CG  . TYR A 1 125 ? -13.016 -2.755  4.692   1.00 51.82  ? 131  TYR A CG  1 
ATOM   925  C  CD1 . TYR A 1 125 ? -14.188 -3.372  4.286   1.00 53.45  ? 131  TYR A CD1 1 
ATOM   926  C  CD2 . TYR A 1 125 ? -11.955 -3.567  5.062   1.00 49.54  ? 131  TYR A CD2 1 
ATOM   927  C  CE1 . TYR A 1 125 ? -14.329 -4.751  4.302   1.00 51.01  ? 131  TYR A CE1 1 
ATOM   928  C  CE2 . TYR A 1 125 ? -12.070 -4.949  5.057   1.00 49.81  ? 131  TYR A CE2 1 
ATOM   929  C  CZ  . TYR A 1 125 ? -13.264 -5.540  4.683   1.00 51.24  ? 131  TYR A CZ  1 
ATOM   930  O  OH  . TYR A 1 125 ? -13.415 -6.890  4.685   1.00 57.48  ? 131  TYR A OH  1 
ATOM   931  N  N   . LEU A 1 126 ? -14.842 -0.596  2.239   1.00 51.72  ? 132  LEU A N   1 
ATOM   932  C  CA  . LEU A 1 126 ? -15.950 -0.983  1.341   1.00 49.71  ? 132  LEU A CA  1 
ATOM   933  C  C   . LEU A 1 126 ? -15.516 -0.798  -0.112  1.00 42.12  ? 132  LEU A C   1 
ATOM   934  O  O   . LEU A 1 126 ? -15.821 -1.618  -0.933  1.00 47.33  ? 132  LEU A O   1 
ATOM   935  C  CB  . LEU A 1 126 ? -17.190 -0.139  1.659   1.00 51.18  ? 132  LEU A CB  1 
ATOM   936  C  CG  . LEU A 1 126 ? -17.849 -0.492  2.986   1.00 50.87  ? 132  LEU A CG  1 
ATOM   937  C  CD1 . LEU A 1 126 ? -18.692 0.652   3.499   1.00 54.27  ? 132  LEU A CD1 1 
ATOM   938  C  CD2 . LEU A 1 126 ? -18.674 -1.757  2.842   1.00 55.89  ? 132  LEU A CD2 1 
ATOM   939  N  N   . GLU A 1 127 ? -14.808 0.295   -0.404  1.00 44.72  ? 133  GLU A N   1 
ATOM   940  C  CA  . GLU A 1 127 ? -14.334 0.572   -1.757  1.00 48.22  ? 133  GLU A CA  1 
ATOM   941  C  C   . GLU A 1 127 ? -13.490 -0.607  -2.263  1.00 49.67  ? 133  GLU A C   1 
ATOM   942  O  O   . GLU A 1 127 ? -13.666 -1.057  -3.392  1.00 51.30  ? 133  GLU A O   1 
ATOM   943  C  CB  . GLU A 1 127 ? -13.553 1.885   -1.811  1.00 53.49  ? 133  GLU A CB  1 
ATOM   944  C  CG  . GLU A 1 127 ? -14.381 3.111   -2.176  1.00 59.50  ? 133  GLU A CG  1 
ATOM   945  C  CD  . GLU A 1 127 ? -13.584 4.320   -2.671  1.00 69.64  ? 133  GLU A CD  1 
ATOM   946  O  OE1 . GLU A 1 127 ? -12.353 4.193   -2.898  1.00 67.98  ? 133  GLU A OE1 1 
ATOM   947  O  OE2 . GLU A 1 127 ? -14.195 5.399   -2.846  1.00 71.50  ? 133  GLU A OE2 1 
ATOM   948  N  N   . LYS A 1 128 ? -12.614 -1.142  -1.403  1.00 50.08  ? 134  LYS A N   1 
ATOM   949  C  CA  . LYS A 1 128 ? -11.730 -2.251  -1.776  1.00 50.41  ? 134  LYS A CA  1 
ATOM   950  C  C   . LYS A 1 128 ? -12.505 -3.552  -1.965  1.00 50.58  ? 134  LYS A C   1 
ATOM   951  O  O   . LYS A 1 128 ? -12.256 -4.287  -2.920  1.00 50.38  ? 134  LYS A O   1 
ATOM   952  C  CB  . LYS A 1 128 ? -10.691 -2.534  -0.686  1.00 55.25  ? 134  LYS A CB  1 
ATOM   953  C  CG  . LYS A 1 128 ? -9.484  -1.615  -0.706  1.00 56.73  ? 134  LYS A CG  1 
ATOM   954  C  CD  . LYS A 1 128 ? -8.672  -1.717  -1.960  1.00 51.11  ? 134  LYS A CD  1 
ATOM   955  C  CE  . LYS A 1 128 ? -7.517  -0.744  -1.949  1.00 53.02  ? 134  LYS A CE  1 
ATOM   956  N  NZ  . LYS A 1 128 ? -6.664  -0.933  -3.144  1.00 53.49  ? 134  LYS A NZ  1 
ATOM   957  N  N   . ALA A 1 129 ? -13.359 -3.865  -0.988  1.00 56.22  ? 135  ALA A N   1 
ATOM   958  C  CA  . ALA A 1 129 ? -14.138 -5.108  -0.974  1.00 57.60  ? 135  ALA A CA  1 
ATOM   959  C  C   . ALA A 1 129 ? -15.082 -5.114  -2.174  1.00 54.01  ? 135  ALA A C   1 
ATOM   960  O  O   . ALA A 1 129 ? -15.267 -6.145  -2.815  1.00 61.75  ? 135  ALA A O   1 
ATOM   961  C  CB  . ALA A 1 129 ? -14.900 -5.243  0.323   1.00 55.98  ? 135  ALA A CB  1 
ATOM   962  N  N   . ASN A 1 130 ? -15.643 -3.940  -2.477  1.00 54.38  ? 136  ASN A N   1 
ATOM   963  C  CA  . ASN A 1 130 ? -16.536 -3.794  -3.625  1.00 55.87  ? 136  ASN A CA  1 
ATOM   964  C  C   . ASN A 1 130 ? -15.749 -4.039  -4.910  1.00 52.88  ? 136  ASN A C   1 
ATOM   965  O  O   . ASN A 1 130 ? -16.249 -4.687  -5.791  1.00 61.33  ? 136  ASN A O   1 
ATOM   966  C  CB  . ASN A 1 130 ? -17.231 -2.433  -3.699  1.00 52.92  ? 136  ASN A CB  1 
ATOM   967  C  CG  . ASN A 1 130 ? -18.183 -2.354  -4.873  1.00 54.57  ? 136  ASN A CG  1 
ATOM   968  O  OD1 . ASN A 1 130 ? -18.091 -1.432  -5.672  1.00 53.39  ? 136  ASN A OD1 1 
ATOM   969  N  ND2 . ASN A 1 130 ? -19.071 -3.332  -5.014  1.00 48.25  ? 136  ASN A ND2 1 
ATOM   970  N  N   . LYS A 1 131 ? -14.505 -3.556  -4.974  1.00 55.86  ? 137  LYS A N   1 
ATOM   971  C  CA  . LYS A 1 131 ? -13.696 -3.684  -6.187  1.00 61.70  ? 137  LYS A CA  1 
ATOM   972  C  C   . LYS A 1 131 ? -13.275 -5.139  -6.445  1.00 55.20  ? 137  LYS A C   1 
ATOM   973  O  O   . LYS A 1 131 ? -13.088 -5.495  -7.588  1.00 52.07  ? 137  LYS A O   1 
ATOM   974  C  CB  . LYS A 1 131 ? -12.455 -2.789  -6.155  1.00 62.22  ? 137  LYS A CB  1 
ATOM   975  C  CG  . LYS A 1 131 ? -11.792 -2.610  -7.514  1.00 68.59  ? 137  LYS A CG  1 
ATOM   976  C  CD  . LYS A 1 131 ? -10.407 -2.003  -7.444  1.00 83.94  ? 137  LYS A CD  1 
ATOM   977  C  CE  . LYS A 1 131 ? -9.900  -1.514  -8.785  1.00 88.94  ? 137  LYS A CE  1 
ATOM   978  N  NZ  . LYS A 1 131 ? -8.554  -0.906  -8.663  1.00 89.75  ? 137  LYS A NZ  1 
ATOM   979  N  N   . ILE A 1 132 ? -13.159 -5.976  -5.409  1.00 61.46  ? 138  ILE A N   1 
ATOM   980  C  CA  . ILE A 1 132 ? -12.634 -7.351  -5.595  1.00 68.36  ? 138  ILE A CA  1 
ATOM   981  C  C   . ILE A 1 132 ? -13.644 -8.409  -5.094  1.00 75.96  ? 138  ILE A C   1 
ATOM   982  O  O   . ILE A 1 132 ? -13.303 -9.586  -4.893  1.00 70.84  ? 138  ILE A O   1 
ATOM   983  C  CB  . ILE A 1 132 ? -11.238 -7.447  -4.937  1.00 68.20  ? 138  ILE A CB  1 
ATOM   984  C  CG1 . ILE A 1 132 ? -11.308 -7.330  -3.410  1.00 66.84  ? 138  ILE A CG1 1 
ATOM   985  C  CG2 . ILE A 1 132 ? -10.289 -6.415  -5.555  1.00 61.96  ? 138  ILE A CG2 1 
ATOM   986  C  CD1 . ILE A 1 132 ? -10.049 -6.783  -2.763  1.00 67.84  ? 138  ILE A CD1 1 
ATOM   987  N  N   . LYS A 1 133 ? -14.912 -7.998  -4.949  1.00 87.35  ? 139  LYS A N   1 
ATOM   988  C  CA  . LYS A 1 133 ? -16.058 -8.893  -4.718  1.00 84.98  ? 139  LYS A CA  1 
ATOM   989  C  C   . LYS A 1 133 ? -15.827 -10.236 -5.420  1.00 80.78  ? 139  LYS A C   1 
ATOM   990  O  O   . LYS A 1 133 ? -16.221 -11.285 -4.917  1.00 83.27  ? 139  LYS A O   1 
ATOM   991  C  CB  . LYS A 1 133 ? -17.338 -8.250  -5.263  1.00 96.45  ? 139  LYS A CB  1 
ATOM   992  C  CG  . LYS A 1 133 ? -17.396 -8.131  -6.786  1.00 99.58  ? 139  LYS A CG  1 
ATOM   993  C  CD  . LYS A 1 133 ? -18.594 -7.362  -7.315  1.00 96.19  ? 139  LYS A CD  1 
ATOM   994  C  CE  . LYS A 1 133 ? -18.447 -5.865  -7.165  1.00 94.67  ? 139  LYS A CE  1 
ATOM   995  N  NZ  . LYS A 1 133 ? -19.578 -5.126  -7.770  1.00 95.68  ? 139  LYS A NZ  1 
ATOM   996  N  N   . GLU A 1 135 ? -13.372 -12.187 -5.340  1.00 80.21  ? 141  GLU A N   1 
ATOM   997  C  CA  . GLU A 1 135 ? -12.114 -12.731 -4.803  1.00 81.50  ? 141  GLU A CA  1 
ATOM   998  C  C   . GLU A 1 135 ? -12.290 -13.092 -3.319  1.00 78.98  ? 141  GLU A C   1 
ATOM   999  O  O   . GLU A 1 135 ? -13.195 -12.581 -2.655  1.00 74.88  ? 141  GLU A O   1 
ATOM   1000 C  CB  . GLU A 1 135 ? -10.971 -11.714 -4.924  1.00 79.60  ? 141  GLU A CB  1 
ATOM   1001 C  CG  . GLU A 1 135 ? -10.566 -11.326 -6.351  1.00 75.71  ? 141  GLU A CG  1 
ATOM   1002 C  CD  . GLU A 1 135 ? -9.335  -10.420 -6.425  1.00 79.32  ? 141  GLU A CD  1 
ATOM   1003 O  OE1 . GLU A 1 135 ? -9.147  -9.737  -7.474  1.00 71.11  ? 141  GLU A OE1 1 
ATOM   1004 O  OE2 . GLU A 1 135 ? -8.547  -10.384 -5.422  1.00 65.64  ? 141  GLU A OE2 1 
ATOM   1005 N  N   . LYS A 1 136 ? -11.382 -13.937 -2.808  1.00 77.61  ? 142  LYS A N   1 
ATOM   1006 C  CA  . LYS A 1 136 ? -11.278 -14.303 -1.358  1.00 77.94  ? 142  LYS A CA  1 
ATOM   1007 C  C   . LYS A 1 136 ? -9.926  -13.795 -0.823  1.00 66.39  ? 142  LYS A C   1 
ATOM   1008 O  O   . LYS A 1 136 ? -9.218  -14.470 -0.074  1.00 63.69  ? 142  LYS A O   1 
ATOM   1009 C  CB  . LYS A 1 136 ? -11.488 -15.810 -1.142  1.00 84.22  ? 142  LYS A CB  1 
ATOM   1010 C  CG  . LYS A 1 136 ? -11.037 -16.728 -2.278  1.00 93.79  ? 142  LYS A CG  1 
ATOM   1011 C  CD  . LYS A 1 136 ? -11.605 -18.141 -2.179  1.00 102.59 ? 142  LYS A CD  1 
ATOM   1012 C  CE  . LYS A 1 136 ? -11.153 -19.068 -3.292  1.00 109.35 ? 142  LYS A CE  1 
ATOM   1013 N  NZ  . LYS A 1 136 ? -9.799  -19.627 -3.049  1.00 111.63 ? 142  LYS A NZ  1 
ATOM   1014 N  N   . THR A 1 137 ? -9.597  -12.571 -1.241  1.00 59.69  ? 143  THR A N   1 
ATOM   1015 C  CA  . THR A 1 137 ? -8.454  -11.818 -0.810  1.00 54.87  ? 143  THR A CA  1 
ATOM   1016 C  C   . THR A 1 137 ? -8.736  -11.159 0.538   1.00 54.47  ? 143  THR A C   1 
ATOM   1017 O  O   . THR A 1 137 ? -9.792  -10.602 0.725   1.00 51.42  ? 143  THR A O   1 
ATOM   1018 C  CB  . THR A 1 137 ? -8.113  -10.735 -1.831  1.00 55.44  ? 143  THR A CB  1 
ATOM   1019 O  OG1 . THR A 1 137 ? -7.757  -11.404 -3.035  1.00 59.88  ? 143  THR A OG1 1 
ATOM   1020 C  CG2 . THR A 1 137 ? -6.987  -9.827  -1.388  1.00 57.27  ? 143  THR A CG2 1 
ATOM   1021 N  N   . HIS A 1 138 ? -7.754  -11.221 1.454   1.00 53.14  ? 144  HIS A N   1 
ATOM   1022 C  CA  . HIS A 1 138 ? -7.812  -10.524 2.720   1.00 45.94  ? 144  HIS A CA  1 
ATOM   1023 C  C   . HIS A 1 138 ? -7.521  -9.039  2.475   1.00 46.48  ? 144  HIS A C   1 
ATOM   1024 O  O   . HIS A 1 138 ? -6.697  -8.704  1.652   1.00 49.57  ? 144  HIS A O   1 
ATOM   1025 C  CB  . HIS A 1 138 ? -6.851  -11.181 3.716   1.00 50.08  ? 144  HIS A CB  1 
ATOM   1026 C  CG  . HIS A 1 138 ? -7.302  -11.103 5.132   1.00 50.13  ? 144  HIS A CG  1 
ATOM   1027 N  ND1 . HIS A 1 138 ? -8.260  -11.956 5.647   1.00 52.92  ? 144  HIS A ND1 1 
ATOM   1028 C  CD2 . HIS A 1 138 ? -6.944  -10.274 6.136   1.00 50.18  ? 144  HIS A CD2 1 
ATOM   1029 C  CE1 . HIS A 1 138 ? -8.489  -11.638 6.913   1.00 55.47  ? 144  HIS A CE1 1 
ATOM   1030 N  NE2 . HIS A 1 138 ? -7.698  -10.604 7.237   1.00 51.88  ? 144  HIS A NE2 1 
ATOM   1031 N  N   . ILE A 1 139 ? -8.184  -8.163  3.237   1.00 47.65  ? 145  ILE A N   1 
ATOM   1032 C  CA  . ILE A 1 139 ? -8.082  -6.734  3.081   1.00 43.79  ? 145  ILE A CA  1 
ATOM   1033 C  C   . ILE A 1 139 ? -7.648  -6.164  4.420   1.00 42.68  ? 145  ILE A C   1 
ATOM   1034 O  O   . ILE A 1 139 ? -8.153  -6.564  5.437   1.00 42.92  ? 145  ILE A O   1 
ATOM   1035 C  CB  . ILE A 1 139 ? -9.390  -6.090  2.594   1.00 43.64  ? 145  ILE A CB  1 
ATOM   1036 C  CG1 . ILE A 1 139 ? -9.807  -6.648  1.229   1.00 48.58  ? 145  ILE A CG1 1 
ATOM   1037 C  CG2 . ILE A 1 139 ? -9.235  -4.582  2.541   1.00 41.40  ? 145  ILE A CG2 1 
ATOM   1038 C  CD1 . ILE A 1 139 ? -11.160 -6.150  0.735   1.00 48.08  ? 145  ILE A CD1 1 
ATOM   1039 N  N   . HIS A 1 140 ? -6.673  -5.257  4.372   1.00 40.41  ? 146  HIS A N   1 
ATOM   1040 C  CA  . HIS A 1 140 ? -6.175  -4.581  5.541   1.00 42.25  ? 146  HIS A CA  1 
ATOM   1041 C  C   . HIS A 1 140 ? -5.960  -3.132  5.123   1.00 42.69  ? 146  HIS A C   1 
ATOM   1042 O  O   . HIS A 1 140 ? -5.161  -2.842  4.197   1.00 42.82  ? 146  HIS A O   1 
ATOM   1043 C  CB  . HIS A 1 140 ? -4.902  -5.272  6.071   1.00 45.94  ? 146  HIS A CB  1 
ATOM   1044 C  CG  . HIS A 1 140 ? -4.533  -4.944  7.486   1.00 39.75  ? 146  HIS A CG  1 
ATOM   1045 N  ND1 . HIS A 1 140 ? -3.845  -5.837  8.300   1.00 40.28  ? 146  HIS A ND1 1 
ATOM   1046 C  CD2 . HIS A 1 140 ? -4.732  -3.840  8.232   1.00 40.51  ? 146  HIS A CD2 1 
ATOM   1047 C  CE1 . HIS A 1 140 ? -3.622  -5.274  9.473   1.00 41.54  ? 146  HIS A CE1 1 
ATOM   1048 N  NE2 . HIS A 1 140 ? -4.175  -4.062  9.466   1.00 37.02  ? 146  HIS A NE2 1 
ATOM   1049 N  N   . ILE A 1 141 ? -6.731  -2.261  5.772   1.00 39.34  ? 147  ILE A N   1 
ATOM   1050 C  CA  . ILE A 1 141 ? -6.767  -0.847  5.551   1.00 39.94  ? 147  ILE A CA  1 
ATOM   1051 C  C   . ILE A 1 141 ? -6.080  -0.153  6.726   1.00 41.51  ? 147  ILE A C   1 
ATOM   1052 O  O   . ILE A 1 141 ? -6.412  -0.445  7.897   1.00 43.06  ? 147  ILE A O   1 
ATOM   1053 C  CB  . ILE A 1 141 ? -8.231  -0.354  5.463   1.00 43.01  ? 147  ILE A CB  1 
ATOM   1054 C  CG1 . ILE A 1 141 ? -9.054  -1.098  4.404   1.00 42.07  ? 147  ILE A CG1 1 
ATOM   1055 C  CG2 . ILE A 1 141 ? -8.259  1.155   5.271   1.00 43.98  ? 147  ILE A CG2 1 
ATOM   1056 C  CD1 . ILE A 1 141 ? -8.441  -1.162  3.032   1.00 42.05  ? 147  ILE A CD1 1 
ATOM   1057 N  N   . PHE A 1 142 ? -5.206  0.811   6.410   1.00 38.79  ? 148  PHE A N   1 
ATOM   1058 C  CA  . PHE A 1 142 ? -4.626  1.707   7.392   1.00 38.36  ? 148  PHE A CA  1 
ATOM   1059 C  C   . PHE A 1 142 ? -5.016  3.151   7.051   1.00 37.11  ? 148  PHE A C   1 
ATOM   1060 O  O   . PHE A 1 142 ? -5.206  3.484   5.880   1.00 35.82  ? 148  PHE A O   1 
ATOM   1061 C  CB  . PHE A 1 142 ? -3.099  1.588   7.403   1.00 41.65  ? 148  PHE A CB  1 
ATOM   1062 C  CG  . PHE A 1 142 ? -2.558  0.226   7.750   1.00 39.10  ? 148  PHE A CG  1 
ATOM   1063 C  CD1 . PHE A 1 142 ? -2.292  -0.704  6.760   1.00 36.03  ? 148  PHE A CD1 1 
ATOM   1064 C  CD2 . PHE A 1 142 ? -2.269  -0.108  9.070   1.00 42.71  ? 148  PHE A CD2 1 
ATOM   1065 C  CE1 . PHE A 1 142 ? -1.784  -1.951  7.086   1.00 40.67  ? 148  PHE A CE1 1 
ATOM   1066 C  CE2 . PHE A 1 142 ? -1.752  -1.352  9.393   1.00 38.03  ? 148  PHE A CE2 1 
ATOM   1067 C  CZ  . PHE A 1 142 ? -1.520  -2.274  8.398   1.00 39.89  ? 148  PHE A CZ  1 
ATOM   1068 N  N   . SER A 1 143 ? -5.140  3.993   8.083   1.00 38.33  ? 149  SER A N   1 
ATOM   1069 C  CA  . SER A 1 143 ? -5.339  5.426   7.907   1.00 42.50  ? 149  SER A CA  1 
ATOM   1070 C  C   . SER A 1 143 ? -4.081  6.151   8.385   1.00 37.53  ? 149  SER A C   1 
ATOM   1071 O  O   . SER A 1 143 ? -3.204  5.539   8.850   1.00 39.26  ? 149  SER A O   1 
ATOM   1072 C  CB  . SER A 1 143 ? -6.557  5.900   8.643   1.00 44.19  ? 149  SER A CB  1 
ATOM   1073 O  OG  . SER A 1 143 ? -6.295  5.991   10.038  1.00 41.43  ? 149  SER A OG  1 
ATOM   1074 N  N   . PHE A 1 144 ? -4.055  7.473   8.265   1.00 42.24  ? 150  PHE A N   1 
ATOM   1075 C  CA  . PHE A 1 144 ? -3.005  8.328   8.795   1.00 40.01  ? 150  PHE A CA  1 
ATOM   1076 C  C   . PHE A 1 144 ? -3.354  8.769   10.215  1.00 39.54  ? 150  PHE A C   1 
ATOM   1077 O  O   . PHE A 1 144 ? -2.690  9.625   10.755  1.00 48.55  ? 150  PHE A O   1 
ATOM   1078 C  CB  . PHE A 1 144 ? -2.803  9.533   7.873   1.00 40.02  ? 150  PHE A CB  1 
ATOM   1079 C  CG  . PHE A 1 144 ? -2.303  9.154   6.502   1.00 39.01  ? 150  PHE A CG  1 
ATOM   1080 C  CD1 . PHE A 1 144 ? -3.170  8.636   5.559   1.00 33.16  ? 150  PHE A CD1 1 
ATOM   1081 C  CD2 . PHE A 1 144 ? -0.953  9.240   6.188   1.00 35.95  ? 150  PHE A CD2 1 
ATOM   1082 C  CE1 . PHE A 1 144 ? -2.713  8.273   4.308   1.00 33.77  ? 150  PHE A CE1 1 
ATOM   1083 C  CE2 . PHE A 1 144 ? -0.497  8.883   4.930   1.00 35.11  ? 150  PHE A CE2 1 
ATOM   1084 C  CZ  . PHE A 1 144 ? -1.376  8.405   3.992   1.00 37.04  ? 150  PHE A CZ  1 
ATOM   1085 N  N   . THR A 1 145 ? -4.338  8.116   10.834  1.00 41.82  ? 151  THR A N   1 
ATOM   1086 C  CA  . THR A 1 145 ? -4.833  8.515   12.152  1.00 45.06  ? 151  THR A CA  1 
ATOM   1087 C  C   . THR A 1 145 ? -4.648  7.373   13.149  1.00 45.38  ? 151  THR A C   1 
ATOM   1088 O  O   . THR A 1 145 ? -4.994  7.519   14.324  1.00 49.43  ? 151  THR A O   1 
ATOM   1089 C  CB  . THR A 1 145 ? -6.334  8.886   12.112  1.00 44.77  ? 151  THR A CB  1 
ATOM   1090 O  OG1 . THR A 1 145 ? -7.065  7.701   11.802  1.00 45.89  ? 151  THR A OG1 1 
ATOM   1091 C  CG2 . THR A 1 145 ? -6.703  9.934   11.085  1.00 45.35  ? 151  THR A CG2 1 
ATOM   1092 N  N   . GLY A 1 146 ? -4.190  6.212   12.678  1.00 46.44  ? 152  GLY A N   1 
ATOM   1093 C  CA  . GLY A 1 146 ? -3.927  5.087   13.573  1.00 47.27  ? 152  GLY A CA  1 
ATOM   1094 C  C   . GLY A 1 146 ? -5.060  4.078   13.563  1.00 51.11  ? 152  GLY A C   1 
ATOM   1095 O  O   . GLY A 1 146 ? -5.070  3.140   14.346  1.00 47.50  ? 152  GLY A O   1 
ATOM   1096 N  N   . GLU A 1 147 ? -6.029  4.268   12.669  1.00 50.90  ? 153  GLU A N   1 
ATOM   1097 C  CA  . GLU A 1 147 ? -7.118  3.343   12.573  1.00 51.68  ? 153  GLU A CA  1 
ATOM   1098 C  C   . GLU A 1 147 ? -6.767  2.334   11.495  1.00 50.63  ? 153  GLU A C   1 
ATOM   1099 O  O   . GLU A 1 147 ? -6.045  2.629   10.553  1.00 51.71  ? 153  GLU A O   1 
ATOM   1100 C  CB  . GLU A 1 147 ? -8.431  4.058   12.288  1.00 56.59  ? 153  GLU A CB  1 
ATOM   1101 C  CG  . GLU A 1 147 ? -8.903  4.898   13.459  1.00 66.34  ? 153  GLU A CG  1 
ATOM   1102 C  CD  . GLU A 1 147 ? -9.981  5.901   13.091  1.00 81.10  ? 153  GLU A CD  1 
ATOM   1103 O  OE1 . GLU A 1 147 ? -9.695  6.775   12.247  1.00 96.24  ? 153  GLU A OE1 1 
ATOM   1104 O  OE2 . GLU A 1 147 ? -11.113 5.793   13.628  1.00 102.19 ? 153  GLU A OE2 1 
ATOM   1105 N  N   . GLU A 1 148 ? -7.241  1.117   11.702  1.00 52.29  ? 154  GLU A N   1 
ATOM   1106 C  CA  . GLU A 1 148 ? -7.135  0.100   10.723  1.00 50.45  ? 154  GLU A CA  1 
ATOM   1107 C  C   . GLU A 1 148 ? -8.468  -0.636  10.707  1.00 49.61  ? 154  GLU A C   1 
ATOM   1108 O  O   . GLU A 1 148 ? -9.253  -0.515  11.629  1.00 49.31  ? 154  GLU A O   1 
ATOM   1109 C  CB  . GLU A 1 148 ? -5.929  -0.796  11.001  1.00 53.03  ? 154  GLU A CB  1 
ATOM   1110 C  CG  . GLU A 1 148 ? -5.983  -1.530  12.323  1.00 57.06  ? 154  GLU A CG  1 
ATOM   1111 C  CD  . GLU A 1 148 ? -4.711  -2.292  12.666  1.00 55.70  ? 154  GLU A CD  1 
ATOM   1112 O  OE1 . GLU A 1 148 ? -4.013  -2.799  11.751  1.00 49.97  ? 154  GLU A OE1 1 
ATOM   1113 O  OE2 . GLU A 1 148 ? -4.400  -2.344  13.845  1.00 54.07  ? 154  GLU A OE2 1 
ATOM   1114 N  N   . MET A 1 149 ? -8.730  -1.301  9.590   1.00 43.59  ? 155  MET A N   1 
ATOM   1115 C  CA  . MET A 1 149 ? -9.798  -2.220  9.482   1.00 44.19  ? 155  MET A CA  1 
ATOM   1116 C  C   . MET A 1 149 ? -9.319  -3.336  8.549   1.00 44.70  ? 155  MET A C   1 
ATOM   1117 O  O   . MET A 1 149 ? -8.663  -3.073  7.550   1.00 40.88  ? 155  MET A O   1 
ATOM   1118 C  CB  . MET A 1 149 ? -11.053 -1.531  8.928   1.00 45.36  ? 155  MET A CB  1 
ATOM   1119 C  CG  . MET A 1 149 ? -12.216 -2.477  8.723   1.00 49.81  ? 155  MET A CG  1 
ATOM   1120 S  SD  . MET A 1 149 ? -13.705 -1.658  8.108   1.00 56.51  ? 155  MET A SD  1 
ATOM   1121 C  CE  . MET A 1 149 ? -14.235 -0.840  9.615   1.00 60.81  ? 155  MET A CE  1 
ATOM   1122 N  N   . ALA A 1 150 ? -9.603  -4.583  8.924   1.00 46.83  ? 156  ALA A N   1 
ATOM   1123 C  CA  . ALA A 1 150 ? -9.195  -5.739  8.163   1.00 52.71  ? 156  ALA A CA  1 
ATOM   1124 C  C   . ALA A 1 150 ? -10.378 -6.703  8.112   1.00 55.28  ? 156  ALA A C   1 
ATOM   1125 O  O   . ALA A 1 150 ? -11.224 -6.657  9.005   1.00 57.81  ? 156  ALA A O   1 
ATOM   1126 C  CB  . ALA A 1 150 ? -7.988  -6.360  8.827   1.00 56.34  ? 156  ALA A CB  1 
ATOM   1127 N  N   . THR A 1 151 ? -10.434 -7.582  7.110   1.00 53.60  ? 157  THR A N   1 
ATOM   1128 C  CA  . THR A 1 151 ? -11.607 -8.443  6.999   1.00 55.95  ? 157  THR A CA  1 
ATOM   1129 C  C   . THR A 1 151 ? -11.636 -9.405  8.194   1.00 56.79  ? 157  THR A C   1 
ATOM   1130 O  O   . THR A 1 151 ? -10.587 -9.893  8.637   1.00 57.52  ? 157  THR A O   1 
ATOM   1131 C  CB  . THR A 1 151 ? -11.711 -9.202  5.669   1.00 57.14  ? 157  THR A CB  1 
ATOM   1132 O  OG1 . THR A 1 151 ? -11.531 -10.600 5.888   1.00 65.01  ? 157  THR A OG1 1 
ATOM   1133 C  CG2 . THR A 1 151 ? -10.753 -8.721  4.614   1.00 49.43  ? 157  THR A CG2 1 
ATOM   1134 N  N   . LYS A 1 152 ? -12.861 -9.643  8.690   1.00 58.44  ? 158  LYS A N   1 
ATOM   1135 C  CA  . LYS A 1 152 ? -13.183 -10.516 9.828   1.00 58.47  ? 158  LYS A CA  1 
ATOM   1136 C  C   . LYS A 1 152 ? -12.436 -10.056 11.085  1.00 59.59  ? 158  LYS A C   1 
ATOM   1137 O  O   . LYS A 1 152 ? -12.229 -10.840 12.005  1.00 59.79  ? 158  LYS A O   1 
ATOM   1138 C  CB  . LYS A 1 152 ? -12.897 -11.973 9.464   1.00 59.83  ? 158  LYS A CB  1 
ATOM   1139 C  CG  . LYS A 1 152 ? -13.729 -12.469 8.294   1.00 70.16  ? 158  LYS A CG  1 
ATOM   1140 C  CD  . LYS A 1 152 ? -13.542 -13.932 7.951   1.00 80.12  ? 158  LYS A CD  1 
ATOM   1141 C  CE  . LYS A 1 152 ? -14.594 -14.430 6.981   1.00 86.30  ? 158  LYS A CE  1 
ATOM   1142 N  NZ  . LYS A 1 152 ? -14.226 -15.730 6.369   1.00 92.01  ? 158  LYS A NZ  1 
ATOM   1143 N  N   . ALA A 1 153 ? -12.069 -8.768  11.121  1.00 57.83  ? 159  ALA A N   1 
ATOM   1144 C  CA  . ALA A 1 153 ? -11.208 -8.181  12.149  1.00 54.70  ? 159  ALA A CA  1 
ATOM   1145 C  C   . ALA A 1 153 ? -9.960  -9.038  12.383  1.00 51.91  ? 159  ALA A C   1 
ATOM   1146 O  O   . ALA A 1 153 ? -9.443  -9.086  13.480  1.00 55.68  ? 159  ALA A O   1 
ATOM   1147 C  CB  . ALA A 1 153 ? -11.984 -8.001  13.424  1.00 53.33  ? 159  ALA A CB  1 
ATOM   1148 N  N   . ASP A 1 154 ? -9.463  -9.691  11.333  1.00 49.66  ? 160  ASP A N   1 
ATOM   1149 C  CA  . ASP A 1 154 ? -8.245  -10.454 11.442  1.00 48.95  ? 160  ASP A CA  1 
ATOM   1150 C  C   . ASP A 1 154 ? -7.102  -9.596  10.867  1.00 48.61  ? 160  ASP A C   1 
ATOM   1151 O  O   . ASP A 1 154 ? -7.042  -9.350  9.671   1.00 44.54  ? 160  ASP A O   1 
ATOM   1152 C  CB  . ASP A 1 154 ? -8.398  -11.795 10.727  1.00 51.75  ? 160  ASP A CB  1 
ATOM   1153 C  CG  . ASP A 1 154 ? -7.084  -12.549 10.623  1.00 57.36  ? 160  ASP A CG  1 
ATOM   1154 O  OD1 . ASP A 1 154 ? -6.086  -12.078 11.225  1.00 63.70  ? 160  ASP A OD1 1 
ATOM   1155 O  OD2 . ASP A 1 154 ? -7.062  -13.584 9.937   1.00 58.81  ? 160  ASP A OD2 1 
ATOM   1156 N  N   . TYR A 1 155 ? -6.192  -9.157  11.737  1.00 48.07  ? 161  TYR A N   1 
ATOM   1157 C  CA  . TYR A 1 155 ? -5.211  -8.124  11.435  1.00 50.35  ? 161  TYR A CA  1 
ATOM   1158 C  C   . TYR A 1 155 ? -3.846  -8.699  11.006  1.00 54.37  ? 161  TYR A C   1 
ATOM   1159 O  O   . TYR A 1 155 ? -2.889  -7.928  10.818  1.00 49.29  ? 161  TYR A O   1 
ATOM   1160 C  CB  . TYR A 1 155 ? -5.064  -7.226  12.658  1.00 51.10  ? 161  TYR A CB  1 
ATOM   1161 C  CG  . TYR A 1 155 ? -6.299  -6.419  12.930  1.00 50.26  ? 161  TYR A CG  1 
ATOM   1162 C  CD1 . TYR A 1 155 ? -6.661  -5.405  12.062  1.00 48.97  ? 161  TYR A CD1 1 
ATOM   1163 C  CD2 . TYR A 1 155 ? -7.134  -6.698  14.002  1.00 50.40  ? 161  TYR A CD2 1 
ATOM   1164 C  CE1 . TYR A 1 155 ? -7.793  -4.645  12.276  1.00 45.14  ? 161  TYR A CE1 1 
ATOM   1165 C  CE2 . TYR A 1 155 ? -8.264  -5.934  14.242  1.00 49.16  ? 161  TYR A CE2 1 
ATOM   1166 C  CZ  . TYR A 1 155 ? -8.596  -4.911  13.364  1.00 49.90  ? 161  TYR A CZ  1 
ATOM   1167 O  OH  . TYR A 1 155 ? -9.712  -4.154  13.528  1.00 52.66  ? 161  TYR A OH  1 
ATOM   1168 N  N   . THR A 1 156 ? -3.763  -10.031 10.862  1.00 50.60  ? 162  THR A N   1 
ATOM   1169 C  CA  . THR A 1 156 ? -2.622  -10.731 10.288  1.00 52.82  ? 162  THR A CA  1 
ATOM   1170 C  C   . THR A 1 156 ? -1.353  -10.570 11.145  1.00 52.54  ? 162  THR A C   1 
ATOM   1171 O  O   . THR A 1 156 ? -0.739  -11.566 11.485  1.00 53.87  ? 162  THR A O   1 
ATOM   1172 C  CB  . THR A 1 156 ? -2.381  -10.288 8.836   1.00 51.85  ? 162  THR A CB  1 
ATOM   1173 O  OG1 . THR A 1 156 ? -3.563  -10.551 8.079   1.00 44.42  ? 162  THR A OG1 1 
ATOM   1174 C  CG2 . THR A 1 156 ? -1.196  -10.985 8.204   1.00 52.58  ? 162  THR A CG2 1 
ATOM   1175 N  N   . LEU A 1 157 ? -0.924  -9.325  11.415  1.00 52.26  ? 163  LEU A N   1 
ATOM   1176 C  CA  . LEU A 1 157 ? 0.344   -9.035  12.098  1.00 50.36  ? 163  LEU A CA  1 
ATOM   1177 C  C   . LEU A 1 157 ? 0.126   -8.935  13.607  1.00 51.08  ? 163  LEU A C   1 
ATOM   1178 O  O   . LEU A 1 157 ? -0.997  -8.792  14.073  1.00 44.51  ? 163  LEU A O   1 
ATOM   1179 C  CB  . LEU A 1 157 ? 0.917   -7.707  11.601  1.00 53.34  ? 163  LEU A CB  1 
ATOM   1180 C  CG  . LEU A 1 157 ? 1.219   -7.611  10.114  1.00 54.37  ? 163  LEU A CG  1 
ATOM   1181 C  CD1 . LEU A 1 157 ? 1.709   -6.213  9.772   1.00 56.23  ? 163  LEU A CD1 1 
ATOM   1182 C  CD2 . LEU A 1 157 ? 2.239   -8.657  9.697   1.00 50.04  ? 163  LEU A CD2 1 
ATOM   1183 N  N   . ASP A 1 158 ? 1.240   -8.941  14.345  1.00 54.06  ? 164  ASP A N   1 
ATOM   1184 C  CA  . ASP A 1 158 ? 1.220   -8.700  15.785  1.00 54.13  ? 164  ASP A CA  1 
ATOM   1185 C  C   . ASP A 1 158 ? 1.052   -7.196  16.038  1.00 54.10  ? 164  ASP A C   1 
ATOM   1186 O  O   . ASP A 1 158 ? 1.196   -6.379  15.129  1.00 52.61  ? 164  ASP A O   1 
ATOM   1187 C  CB  . ASP A 1 158 ? 2.456   -9.294  16.477  1.00 56.13  ? 164  ASP A CB  1 
ATOM   1188 C  CG  . ASP A 1 158 ? 3.824   -8.753  16.062  1.00 55.94  ? 164  ASP A CG  1 
ATOM   1189 O  OD1 . ASP A 1 158 ? 3.911   -7.612  15.570  1.00 57.72  ? 164  ASP A OD1 1 
ATOM   1190 O  OD2 . ASP A 1 158 ? 4.810   -9.482  16.259  1.00 60.41  ? 164  ASP A OD2 1 
ATOM   1191 N  N   . GLU A 1 159 ? 0.791   -6.858  17.302  1.00 53.08  ? 165  GLU A N   1 
ATOM   1192 C  CA  . GLU A 1 159 ? 0.480   -5.511  17.724  1.00 56.62  ? 165  GLU A CA  1 
ATOM   1193 C  C   . GLU A 1 159 ? 1.609   -4.564  17.306  1.00 57.17  ? 165  GLU A C   1 
ATOM   1194 O  O   . GLU A 1 159 ? 1.356   -3.427  16.921  1.00 50.37  ? 165  GLU A O   1 
ATOM   1195 C  CB  . GLU A 1 159 ? 0.352   -5.406  19.246  1.00 65.05  ? 165  GLU A CB  1 
ATOM   1196 C  CG  . GLU A 1 159 ? -0.538  -6.453  19.884  1.00 68.80  ? 165  GLU A CG  1 
ATOM   1197 C  CD  . GLU A 1 159 ? -1.907  -6.475  19.255  1.00 74.62  ? 165  GLU A CD  1 
ATOM   1198 O  OE1 . GLU A 1 159 ? -2.455  -7.578  19.078  1.00 85.26  ? 165  GLU A OE1 1 
ATOM   1199 O  OE2 . GLU A 1 159 ? -2.404  -5.381  18.926  1.00 82.96  ? 165  GLU A OE2 1 
ATOM   1200 N  N   . GLU A 1 160 ? 2.852   -5.045  17.417  1.00 55.54  ? 166  GLU A N   1 
ATOM   1201 C  CA  . GLU A 1 160 ? 4.049   -4.215  17.333  1.00 56.17  ? 166  GLU A CA  1 
ATOM   1202 C  C   . GLU A 1 160 ? 4.322   -3.796  15.878  1.00 49.79  ? 166  GLU A C   1 
ATOM   1203 O  O   . GLU A 1 160 ? 4.719   -2.655  15.647  1.00 48.29  ? 166  GLU A O   1 
ATOM   1204 C  CB  . GLU A 1 160 ? 5.268   -4.951  17.904  1.00 59.47  ? 166  GLU A CB  1 
ATOM   1205 C  CG  . GLU A 1 160 ? 6.538   -4.110  17.888  1.00 66.80  ? 166  GLU A CG  1 
ATOM   1206 C  CD  . GLU A 1 160 ? 7.830   -4.847  18.188  1.00 79.26  ? 166  GLU A CD  1 
ATOM   1207 O  OE1 . GLU A 1 160 ? 8.900   -4.227  18.024  1.00 88.83  ? 166  GLU A OE1 1 
ATOM   1208 O  OE2 . GLU A 1 160 ? 7.771   -6.031  18.593  1.00 82.63  ? 166  GLU A OE2 1 
ATOM   1209 N  N   . SER A 1 161 ? 4.180   -4.745  14.938  1.00 45.72  ? 167  SER A N   1 
ATOM   1210 C  CA  . SER A 1 161 ? 4.335   -4.505  13.501  1.00 49.29  ? 167  SER A CA  1 
ATOM   1211 C  C   . SER A 1 161 ? 3.262   -3.518  12.993  1.00 48.83  ? 167  SER A C   1 
ATOM   1212 O  O   . SER A 1 161 ? 3.548   -2.599  12.225  1.00 45.26  ? 167  SER A O   1 
ATOM   1213 C  CB  . SER A 1 161 ? 4.284   -5.808  12.758  1.00 49.60  ? 167  SER A CB  1 
ATOM   1214 O  OG  . SER A 1 161 ? 5.114   -6.770  13.384  1.00 53.92  ? 167  SER A OG  1 
ATOM   1215 N  N   . ARG A 1 162 ? 2.019   -3.716  13.439  1.00 45.68  ? 168  ARG A N   1 
ATOM   1216 C  CA  . ARG A 1 162 ? 0.927   -2.830  13.095  1.00 46.99  ? 168  ARG A CA  1 
ATOM   1217 C  C   . ARG A 1 162 ? 1.208   -1.422  13.644  1.00 45.29  ? 168  ARG A C   1 
ATOM   1218 O  O   . ARG A 1 162 ? 1.034   -0.437  12.929  1.00 39.38  ? 168  ARG A O   1 
ATOM   1219 C  CB  . ARG A 1 162 ? -0.379  -3.441  13.601  1.00 49.19  ? 168  ARG A CB  1 
ATOM   1220 C  CG  . ARG A 1 162 ? -0.704  -4.771  12.937  1.00 52.58  ? 168  ARG A CG  1 
ATOM   1221 C  CD  . ARG A 1 162 ? -2.140  -5.192  13.151  1.00 54.61  ? 168  ARG A CD  1 
ATOM   1222 N  NE  . ARG A 1 162 ? -2.384  -5.729  14.480  1.00 61.17  ? 168  ARG A NE  1 
ATOM   1223 C  CZ  . ARG A 1 162 ? -3.380  -5.371  15.282  1.00 58.94  ? 168  ARG A CZ  1 
ATOM   1224 N  NH1 . ARG A 1 162 ? -4.218  -4.412  14.940  1.00 58.94  ? 168  ARG A NH1 1 
ATOM   1225 N  NH2 . ARG A 1 162 ? -3.543  -5.984  16.433  1.00 58.96  ? 168  ARG A NH2 1 
ATOM   1226 N  N   . ALA A 1 163 ? 1.734   -1.354  14.876  1.00 41.43  ? 169  ALA A N   1 
ATOM   1227 C  CA  . ALA A 1 163 ? 2.042   -0.104  15.558  1.00 44.95  ? 169  ALA A CA  1 
ATOM   1228 C  C   . ALA A 1 163 ? 3.155   0.659   14.830  1.00 45.29  ? 169  ALA A C   1 
ATOM   1229 O  O   . ALA A 1 163 ? 3.133   1.907   14.750  1.00 44.54  ? 169  ALA A O   1 
ATOM   1230 C  CB  . ALA A 1 163 ? 2.420   -0.373  16.996  1.00 45.49  ? 169  ALA A CB  1 
ATOM   1231 N  N   . ARG A 1 164 ? 4.142   -0.078  14.311  1.00 45.13  ? 170  ARG A N   1 
ATOM   1232 C  CA  . ARG A 1 164 ? 5.194   0.562   13.530  1.00 46.15  ? 170  ARG A CA  1 
ATOM   1233 C  C   . ARG A 1 164 ? 4.601   1.135   12.235  1.00 41.85  ? 170  ARG A C   1 
ATOM   1234 O  O   . ARG A 1 164 ? 4.946   2.217   11.832  1.00 35.10  ? 170  ARG A O   1 
ATOM   1235 C  CB  . ARG A 1 164 ? 6.324   -0.417  13.211  1.00 53.17  ? 170  ARG A CB  1 
ATOM   1236 C  CG  . ARG A 1 164 ? 7.231   -0.721  14.391  1.00 62.00  ? 170  ARG A CG  1 
ATOM   1237 C  CD  . ARG A 1 164 ? 8.526   -1.367  13.940  1.00 73.64  ? 170  ARG A CD  1 
ATOM   1238 N  NE  . ARG A 1 164 ? 8.884   -2.540  14.730  1.00 83.73  ? 170  ARG A NE  1 
ATOM   1239 C  CZ  . ARG A 1 164 ? 9.871   -3.377  14.422  1.00 92.78  ? 170  ARG A CZ  1 
ATOM   1240 N  NH1 . ARG A 1 164 ? 10.715  -3.068  13.449  1.00 89.76  ? 170  ARG A NH1 1 
ATOM   1241 N  NH2 . ARG A 1 164 ? 9.998   -4.525  15.068  1.00 93.58  ? 170  ARG A NH2 1 
ATOM   1242 N  N   . ILE A 1 165 ? 3.707   0.396   11.573  1.00 41.04  ? 171  ILE A N   1 
ATOM   1243 C  CA  . ILE A 1 165 ? 3.099   0.923   10.345  1.00 43.42  ? 171  ILE A CA  1 
ATOM   1244 C  C   . ILE A 1 165 ? 2.305   2.186   10.696  1.00 44.88  ? 171  ILE A C   1 
ATOM   1245 O  O   . ILE A 1 165 ? 2.460   3.235   10.060  1.00 42.41  ? 171  ILE A O   1 
ATOM   1246 C  CB  . ILE A 1 165 ? 2.235   -0.143  9.644   1.00 42.61  ? 171  ILE A CB  1 
ATOM   1247 C  CG1 . ILE A 1 165 ? 3.124   -1.259  9.105   1.00 40.33  ? 171  ILE A CG1 1 
ATOM   1248 C  CG2 . ILE A 1 165 ? 1.374   0.460   8.546   1.00 42.35  ? 171  ILE A CG2 1 
ATOM   1249 C  CD1 . ILE A 1 165 ? 2.359   -2.463  8.631   1.00 45.55  ? 171  ILE A CD1 1 
ATOM   1250 N  N   . LYS A 1 166 ? 1.477   2.098   11.736  1.00 43.70  ? 172  LYS A N   1 
ATOM   1251 C  CA  . LYS A 1 166 ? 0.636   3.210   12.055  1.00 39.93  ? 172  LYS A CA  1 
ATOM   1252 C  C   . LYS A 1 166 ? 1.522   4.409   12.375  1.00 39.95  ? 172  LYS A C   1 
ATOM   1253 O  O   . LYS A 1 166 ? 1.217   5.538   11.954  1.00 35.94  ? 172  LYS A O   1 
ATOM   1254 C  CB  . LYS A 1 166 ? -0.315  2.867   13.197  1.00 40.97  ? 172  LYS A CB  1 
ATOM   1255 C  CG  . LYS A 1 166 ? -1.313  1.751   12.901  1.00 42.58  ? 172  LYS A CG  1 
ATOM   1256 C  CD  . LYS A 1 166 ? -1.971  1.225   14.133  1.00 44.85  ? 172  LYS A CD  1 
ATOM   1257 C  CE  . LYS A 1 166 ? -3.176  0.374   13.812  1.00 53.97  ? 172  LYS A CE  1 
ATOM   1258 N  NZ  . LYS A 1 166 ? -3.646  -0.365  15.007  1.00 48.78  ? 172  LYS A NZ  1 
ATOM   1259 N  N   . THR A 1 167 ? 2.615   4.176   13.121  1.00 41.49  ? 173  THR A N   1 
ATOM   1260 C  CA  . THR A 1 167 ? 3.489   5.288   13.546  1.00 38.97  ? 173  THR A CA  1 
ATOM   1261 C  C   . THR A 1 167 ? 4.122   5.943   12.309  1.00 39.37  ? 173  THR A C   1 
ATOM   1262 O  O   . THR A 1 167 ? 4.242   7.175   12.240  1.00 40.08  ? 173  THR A O   1 
ATOM   1263 C  CB  . THR A 1 167 ? 4.591   4.833   14.516  1.00 43.81  ? 173  THR A CB  1 
ATOM   1264 O  OG1 . THR A 1 167 ? 3.953   4.296   15.685  1.00 41.75  ? 173  THR A OG1 1 
ATOM   1265 C  CG2 . THR A 1 167 ? 5.552   5.959   14.874  1.00 38.32  ? 173  THR A CG2 1 
ATOM   1266 N  N   . ARG A 1 168 ? 4.561   5.119   11.346  1.00 35.84  ? 174  ARG A N   1 
ATOM   1267 C  CA  . ARG A 1 168 ? 5.197   5.655   10.146  1.00 39.21  ? 174  ARG A CA  1 
ATOM   1268 C  C   . ARG A 1 168 ? 4.188   6.539   9.371   1.00 40.65  ? 174  ARG A C   1 
ATOM   1269 O  O   . ARG A 1 168 ? 4.509   7.674   8.918   1.00 41.79  ? 174  ARG A O   1 
ATOM   1270 C  CB  . ARG A 1 168 ? 5.765   4.489   9.333   1.00 39.10  ? 174  ARG A CB  1 
ATOM   1271 C  CG  . ARG A 1 168 ? 6.309   4.874   7.963   1.00 42.78  ? 174  ARG A CG  1 
ATOM   1272 C  CD  . ARG A 1 168 ? 7.409   5.914   8.039   1.00 43.30  ? 174  ARG A CD  1 
ATOM   1273 N  NE  . ARG A 1 168 ? 8.010   6.152   6.733   1.00 47.59  ? 174  ARG A NE  1 
ATOM   1274 C  CZ  . ARG A 1 168 ? 8.473   7.335   6.306   1.00 44.41  ? 174  ARG A CZ  1 
ATOM   1275 N  NH1 . ARG A 1 168 ? 8.632   8.340   7.145   1.00 41.83  ? 174  ARG A NH1 1 
ATOM   1276 N  NH2 . ARG A 1 168 ? 8.721   7.532   5.030   1.00 43.40  ? 174  ARG A NH2 1 
ATOM   1277 N  N   . LEU A 1 169 ? 2.963   6.037   9.215   1.00 39.01  ? 175  LEU A N   1 
ATOM   1278 C  CA  . LEU A 1 169 ? 1.896   6.763   8.486   1.00 38.06  ? 175  LEU A CA  1 
ATOM   1279 C  C   . LEU A 1 169 ? 1.556   8.085   9.179   1.00 38.81  ? 175  LEU A C   1 
ATOM   1280 O  O   . LEU A 1 169 ? 1.453   9.125   8.512   1.00 42.85  ? 175  LEU A O   1 
ATOM   1281 C  CB  . LEU A 1 169 ? 0.653   5.896   8.400   1.00 35.94  ? 175  LEU A CB  1 
ATOM   1282 C  CG  . LEU A 1 169 ? 0.750   4.730   7.445   1.00 35.93  ? 175  LEU A CG  1 
ATOM   1283 C  CD1 . LEU A 1 169 ? -0.444  3.811   7.613   1.00 39.55  ? 175  LEU A CD1 1 
ATOM   1284 C  CD2 . LEU A 1 169 ? 0.865   5.218   6.027   1.00 38.31  ? 175  LEU A CD2 1 
ATOM   1285 N  N   . PHE A 1 170 ? 1.424   8.052   10.506  1.00 35.97  ? 176  PHE A N   1 
ATOM   1286 C  CA  . PHE A 1 170 ? 1.141   9.254   11.266  1.00 37.10  ? 176  PHE A CA  1 
ATOM   1287 C  C   . PHE A 1 170 ? 2.306   10.249  11.127  1.00 39.30  ? 176  PHE A C   1 
ATOM   1288 O  O   . PHE A 1 170 ? 2.088   11.466  11.039  1.00 42.05  ? 176  PHE A O   1 
ATOM   1289 C  CB  . PHE A 1 170 ? 0.799   8.906   12.716  1.00 38.21  ? 176  PHE A CB  1 
ATOM   1290 C  CG  . PHE A 1 170 ? 0.326   10.070  13.553  1.00 38.90  ? 176  PHE A CG  1 
ATOM   1291 C  CD1 . PHE A 1 170 ? 1.226   10.868  14.226  1.00 33.81  ? 176  PHE A CD1 1 
ATOM   1292 C  CD2 . PHE A 1 170 ? -1.033  10.357  13.672  1.00 44.72  ? 176  PHE A CD2 1 
ATOM   1293 C  CE1 . PHE A 1 170 ? 0.783   11.942  14.996  1.00 43.88  ? 176  PHE A CE1 1 
ATOM   1294 C  CE2 . PHE A 1 170 ? -1.479  11.430  14.438  1.00 48.47  ? 176  PHE A CE2 1 
ATOM   1295 C  CZ  . PHE A 1 170 ? -0.570  12.218  15.116  1.00 46.36  ? 176  PHE A CZ  1 
ATOM   1296 N  N   . THR A 1 171 ? 3.539   9.743   11.078  1.00 35.86  ? 177  THR A N   1 
ATOM   1297 C  CA  . THR A 1 171 ? 4.715   10.596  10.928  1.00 38.73  ? 177  THR A CA  1 
ATOM   1298 C  C   . THR A 1 171 ? 4.727   11.269  9.543   1.00 37.15  ? 177  THR A C   1 
ATOM   1299 O  O   . THR A 1 171 ? 5.073   12.427  9.431   1.00 38.17  ? 177  THR A O   1 
ATOM   1300 C  CB  . THR A 1 171 ? 6.026   9.824   11.154  1.00 40.68  ? 177  THR A CB  1 
ATOM   1301 O  OG1 . THR A 1 171 ? 5.937   9.098   12.377  1.00 44.16  ? 177  THR A OG1 1 
ATOM   1302 C  CG2 . THR A 1 171 ? 7.233   10.737  11.226  1.00 38.99  ? 177  THR A CG2 1 
ATOM   1303 N  N   . ILE A 1 172 ? 4.370   10.533  8.491   1.00 36.24  ? 178  ILE A N   1 
ATOM   1304 C  CA  . ILE A 1 172 ? 4.259   11.109  7.135   1.00 39.04  ? 178  ILE A CA  1 
ATOM   1305 C  C   . ILE A 1 172 ? 3.250   12.269  7.164   1.00 42.12  ? 178  ILE A C   1 
ATOM   1306 O  O   . ILE A 1 172 ? 3.569   13.437  6.787   1.00 39.72  ? 178  ILE A O   1 
ATOM   1307 C  CB  . ILE A 1 172 ? 3.905   10.013  6.107   1.00 40.11  ? 178  ILE A CB  1 
ATOM   1308 C  CG1 . ILE A 1 172 ? 5.100   9.076   5.873   1.00 39.07  ? 178  ILE A CG1 1 
ATOM   1309 C  CG2 . ILE A 1 172 ? 3.398   10.620  4.807   1.00 39.95  ? 178  ILE A CG2 1 
ATOM   1310 C  CD1 . ILE A 1 172 ? 4.742   7.746   5.209   1.00 40.95  ? 178  ILE A CD1 1 
ATOM   1311 N  N   . ARG A 1 173 ? 2.053   11.986  7.685   1.00 40.20  ? 179  ARG A N   1 
ATOM   1312 C  CA  . ARG A 1 173 ? 1.036   13.022  7.821   1.00 41.32  ? 179  ARG A CA  1 
ATOM   1313 C  C   . ARG A 1 173 ? 1.618   14.258  8.511   1.00 40.48  ? 179  ARG A C   1 
ATOM   1314 O  O   . ARG A 1 173 ? 1.435   15.385  8.024   1.00 40.47  ? 179  ARG A O   1 
ATOM   1315 C  CB  . ARG A 1 173 ? -0.193  12.508  8.569   1.00 39.64  ? 179  ARG A CB  1 
ATOM   1316 C  CG  . ARG A 1 173 ? -1.132  13.603  9.055   1.00 41.64  ? 179  ARG A CG  1 
ATOM   1317 C  CD  . ARG A 1 173 ? -2.332  13.011  9.761   1.00 43.82  ? 179  ARG A CD  1 
ATOM   1318 N  NE  . ARG A 1 173 ? -3.002  13.967  10.629  1.00 45.81  ? 179  ARG A NE  1 
ATOM   1319 C  CZ  . ARG A 1 173 ? -3.867  13.617  11.566  1.00 48.10  ? 179  ARG A CZ  1 
ATOM   1320 N  NH1 . ARG A 1 173 ? -4.178  12.340  11.752  1.00 49.38  ? 179  ARG A NH1 1 
ATOM   1321 N  NH2 . ARG A 1 173 ? -4.410  14.539  12.322  1.00 51.96  ? 179  ARG A NH2 1 
ATOM   1322 N  N   . GLN A 1 174 ? 2.308   14.058  9.639   1.00 38.47  ? 180  GLN A N   1 
ATOM   1323 C  CA  . GLN A 1 174 ? 2.715   15.211  10.459  1.00 39.07  ? 180  GLN A CA  1 
ATOM   1324 C  C   . GLN A 1 174 ? 3.836   15.966  9.751   1.00 41.81  ? 180  GLN A C   1 
ATOM   1325 O  O   . GLN A 1 174 ? 3.937   17.204  9.848   1.00 40.68  ? 180  GLN A O   1 
ATOM   1326 C  CB  . GLN A 1 174 ? 3.132   14.802  11.869  1.00 38.17  ? 180  GLN A CB  1 
ATOM   1327 C  CG  . GLN A 1 174 ? 1.964   14.347  12.738  1.00 37.75  ? 180  GLN A CG  1 
ATOM   1328 C  CD  . GLN A 1 174 ? 0.901   15.404  12.929  1.00 39.93  ? 180  GLN A CD  1 
ATOM   1329 O  OE1 . GLN A 1 174 ? -0.278  15.089  13.012  1.00 38.10  ? 180  GLN A OE1 1 
ATOM   1330 N  NE2 . GLN A 1 174 ? 1.301   16.662  13.016  1.00 37.92  ? 180  GLN A NE2 1 
ATOM   1331 N  N   . GLU A 1 175 ? 4.680   15.207  9.060   1.00 40.93  ? 181  GLU A N   1 
ATOM   1332 C  CA  . GLU A 1 175 ? 5.723   15.782  8.228   1.00 47.67  ? 181  GLU A CA  1 
ATOM   1333 C  C   . GLU A 1 175 ? 5.100   16.694  7.157   1.00 43.23  ? 181  GLU A C   1 
ATOM   1334 O  O   . GLU A 1 175 ? 5.538   17.847  6.957   1.00 42.65  ? 181  GLU A O   1 
ATOM   1335 C  CB  . GLU A 1 175 ? 6.535   14.678  7.546   1.00 55.51  ? 181  GLU A CB  1 
ATOM   1336 C  CG  . GLU A 1 175 ? 7.909   14.464  8.144   1.00 63.38  ? 181  GLU A CG  1 
ATOM   1337 C  CD  . GLU A 1 175 ? 8.715   15.747  8.212   1.00 65.41  ? 181  GLU A CD  1 
ATOM   1338 O  OE1 . GLU A 1 175 ? 8.675   16.549  7.227   1.00 70.68  ? 181  GLU A OE1 1 
ATOM   1339 O  OE2 . GLU A 1 175 ? 9.324   15.971  9.268   1.00 63.58  ? 181  GLU A OE2 1 
ATOM   1340 N  N   . MET A 1 176 ? 4.104   16.152  6.451   1.00 41.56  ? 182  MET A N   1 
ATOM   1341 C  CA  . MET A 1 176 ? 3.373   16.892  5.426   1.00 41.78  ? 182  MET A CA  1 
ATOM   1342 C  C   . MET A 1 176 ? 2.771   18.134  6.073   1.00 46.63  ? 182  MET A C   1 
ATOM   1343 O  O   . MET A 1 176 ? 2.925   19.235  5.538   1.00 49.08  ? 182  MET A O   1 
ATOM   1344 C  CB  . MET A 1 176 ? 2.272   16.055  4.769   1.00 43.73  ? 182  MET A CB  1 
ATOM   1345 C  CG  . MET A 1 176 ? 2.813   14.915  3.906   1.00 45.16  ? 182  MET A CG  1 
ATOM   1346 S  SD  . MET A 1 176 ? 1.491   14.121  2.967   1.00 45.30  ? 182  MET A SD  1 
ATOM   1347 C  CE  . MET A 1 176 ? 2.387   12.913  2.011   1.00 43.69  ? 182  MET A CE  1 
ATOM   1348 N  N   . ALA A 1 177 ? 2.164   17.959  7.258   1.00 44.95  ? 183  ALA A N   1 
ATOM   1349 C  CA  . ALA A 1 177 ? 1.550   19.084  7.966   1.00 45.67  ? 183  ALA A CA  1 
ATOM   1350 C  C   . ALA A 1 177 ? 2.608   20.143  8.330   1.00 48.52  ? 183  ALA A C   1 
ATOM   1351 O  O   . ALA A 1 177 ? 2.317   21.355  8.239   1.00 50.48  ? 183  ALA A O   1 
ATOM   1352 C  CB  . ALA A 1 177 ? 0.781   18.604  9.175   1.00 42.98  ? 183  ALA A CB  1 
ATOM   1353 N  N   . SER A 1 178 ? 3.815   19.714  8.730   1.00 50.01  ? 184  SER A N   1 
ATOM   1354 C  CA  . SER A 1 178 ? 4.934   20.656  9.002   1.00 54.35  ? 184  SER A CA  1 
ATOM   1355 C  C   . SER A 1 178 ? 5.180   21.569  7.799   1.00 53.18  ? 184  SER A C   1 
ATOM   1356 O  O   . SER A 1 178 ? 5.484   22.756  7.974   1.00 55.09  ? 184  SER A O   1 
ATOM   1357 C  CB  . SER A 1 178 ? 6.211   19.956  9.347   1.00 53.83  ? 184  SER A CB  1 
ATOM   1358 O  OG  . SER A 1 178 ? 6.094   19.304  10.594  1.00 66.34  ? 184  SER A OG  1 
ATOM   1359 N  N   . ARG A 1 179 ? 5.082   20.985  6.595   1.00 55.96  ? 185  ARG A N   1 
ATOM   1360 C  CA  . ARG A 1 179 ? 5.389   21.652  5.333   1.00 51.60  ? 185  ARG A CA  1 
ATOM   1361 C  C   . ARG A 1 179 ? 4.115   22.173  4.658   1.00 50.19  ? 185  ARG A C   1 
ATOM   1362 O  O   . ARG A 1 179 ? 4.141   22.488  3.478   1.00 50.51  ? 185  ARG A O   1 
ATOM   1363 C  CB  . ARG A 1 179 ? 6.091   20.683  4.381   1.00 50.00  ? 185  ARG A CB  1 
ATOM   1364 C  CG  . ARG A 1 179 ? 7.455   20.207  4.864   1.00 51.16  ? 185  ARG A CG  1 
ATOM   1365 C  CD  . ARG A 1 179 ? 7.845   18.962  4.091   1.00 54.10  ? 185  ARG A CD  1 
ATOM   1366 N  NE  . ARG A 1 179 ? 8.957   18.242  4.688   1.00 59.03  ? 185  ARG A NE  1 
ATOM   1367 C  CZ  . ARG A 1 179 ? 10.147  18.086  4.110   1.00 72.75  ? 185  ARG A CZ  1 
ATOM   1368 N  NH1 . ARG A 1 179 ? 10.372  18.606  2.912   1.00 71.71  ? 185  ARG A NH1 1 
ATOM   1369 N  NH2 . ARG A 1 179 ? 11.104  17.411  4.728   1.00 68.71  ? 185  ARG A NH2 1 
ATOM   1370 N  N   . SER A 1 180 ? 3.007   22.254  5.400   1.00 52.16  ? 186  SER A N   1 
ATOM   1371 C  CA  . SER A 1 180 ? 1.710   22.714  4.861   1.00 51.35  ? 186  SER A CA  1 
ATOM   1372 C  C   . SER A 1 180 ? 1.317   21.957  3.584   1.00 52.54  ? 186  SER A C   1 
ATOM   1373 O  O   . SER A 1 180 ? 0.780   22.567  2.671   1.00 55.81  ? 186  SER A O   1 
ATOM   1374 C  CB  . SER A 1 180 ? 1.741   24.197  4.602   1.00 54.26  ? 186  SER A CB  1 
ATOM   1375 O  OG  . SER A 1 180 ? 1.662   24.929  5.816   1.00 58.46  ? 186  SER A OG  1 
ATOM   1376 N  N   . LEU A 1 181 ? 1.559   20.637  3.519   1.00 52.50  ? 187  LEU A N   1 
ATOM   1377 C  CA  . LEU A 1 181 ? 1.147   19.814  2.341   1.00 48.59  ? 187  LEU A CA  1 
ATOM   1378 C  C   . LEU A 1 181 ? -0.034  18.896  2.669   1.00 45.40  ? 187  LEU A C   1 
ATOM   1379 O  O   . LEU A 1 181 ? -0.585  18.239  1.780   1.00 45.14  ? 187  LEU A O   1 
ATOM   1380 C  CB  . LEU A 1 181 ? 2.334   18.979  1.867   1.00 47.82  ? 187  LEU A CB  1 
ATOM   1381 C  CG  . LEU A 1 181 ? 3.616   19.756  1.576   1.00 51.02  ? 187  LEU A CG  1 
ATOM   1382 C  CD1 . LEU A 1 181 ? 4.763   18.795  1.268   1.00 51.51  ? 187  LEU A CD1 1 
ATOM   1383 C  CD2 . LEU A 1 181 ? 3.413   20.717  0.423   1.00 49.40  ? 187  LEU A CD2 1 
ATOM   1384 N  N   . TRP A 1 182 ? -0.393  18.801  3.953   1.00 46.67  ? 188  TRP A N   1 
ATOM   1385 C  CA  . TRP A 1 182 ? -1.319  17.752  4.382   1.00 46.22  ? 188  TRP A CA  1 
ATOM   1386 C  C   . TRP A 1 182 ? -2.740  18.065  3.885   1.00 43.54  ? 188  TRP A C   1 
ATOM   1387 O  O   . TRP A 1 182 ? -3.445  17.168  3.472   1.00 42.90  ? 188  TRP A O   1 
ATOM   1388 C  CB  . TRP A 1 182 ? -1.272  17.528  5.905   1.00 44.21  ? 188  TRP A CB  1 
ATOM   1389 C  CG  . TRP A 1 182 ? -2.364  16.623  6.370   1.00 41.94  ? 188  TRP A CG  1 
ATOM   1390 C  CD1 . TRP A 1 182 ? -3.504  16.993  7.026   1.00 41.65  ? 188  TRP A CD1 1 
ATOM   1391 C  CD2 . TRP A 1 182 ? -2.499  15.218  6.086   1.00 42.31  ? 188  TRP A CD2 1 
ATOM   1392 N  NE1 . TRP A 1 182 ? -4.319  15.906  7.210   1.00 47.11  ? 188  TRP A NE1 1 
ATOM   1393 C  CE2 . TRP A 1 182 ? -3.724  14.803  6.654   1.00 44.97  ? 188  TRP A CE2 1 
ATOM   1394 C  CE3 . TRP A 1 182 ? -1.698  14.266  5.450   1.00 45.77  ? 188  TRP A CE3 1 
ATOM   1395 C  CZ2 . TRP A 1 182 ? -4.161  13.485  6.594   1.00 43.90  ? 188  TRP A CZ2 1 
ATOM   1396 C  CZ3 . TRP A 1 182 ? -2.117  12.955  5.417   1.00 44.86  ? 188  TRP A CZ3 1 
ATOM   1397 C  CH2 . TRP A 1 182 ? -3.331  12.572  5.986   1.00 45.45  ? 188  TRP A CH2 1 
ATOM   1398 N  N   . ASP A 1 183 ? -3.135  19.341  3.906   1.00 50.22  ? 189  ASP A N   1 
ATOM   1399 C  CA  . ASP A 1 183 ? -4.514  19.730  3.528   1.00 55.45  ? 189  ASP A CA  1 
ATOM   1400 C  C   . ASP A 1 183 ? -4.784  19.362  2.067   1.00 51.27  ? 189  ASP A C   1 
ATOM   1401 O  O   . ASP A 1 183 ? -5.821  18.797  1.757   1.00 50.23  ? 189  ASP A O   1 
ATOM   1402 C  CB  . ASP A 1 183 ? -4.802  21.203  3.828   1.00 59.49  ? 189  ASP A CB  1 
ATOM   1403 C  CG  . ASP A 1 183 ? -5.771  21.336  4.984   1.00 67.27  ? 189  ASP A CG  1 
ATOM   1404 O  OD1 . ASP A 1 183 ? -5.385  20.980  6.116   1.00 65.19  ? 189  ASP A OD1 1 
ATOM   1405 O  OD2 . ASP A 1 183 ? -6.934  21.694  4.723   1.00 91.94  ? 189  ASP A OD2 1 
ATOM   1406 N  N   . SER A 1 184 ? -3.814  19.659  1.200   1.00 47.94  ? 190  SER A N   1 
ATOM   1407 C  CA  . SER A 1 184 ? -3.863  19.252  -0.182  1.00 48.10  ? 190  SER A CA  1 
ATOM   1408 C  C   . SER A 1 184 ? -3.892  17.726  -0.266  1.00 48.32  ? 190  SER A C   1 
ATOM   1409 O  O   . SER A 1 184 ? -4.739  17.137  -0.962  1.00 44.10  ? 190  SER A O   1 
ATOM   1410 C  CB  . SER A 1 184 ? -2.691  19.823  -0.956  1.00 50.39  ? 190  SER A CB  1 
ATOM   1411 O  OG  . SER A 1 184 ? -2.626  19.291  -2.276  1.00 49.11  ? 190  SER A OG  1 
ATOM   1412 N  N   . PHE A 1 185 ? -2.954  17.085  0.439   1.00 45.29  ? 191  PHE A N   1 
ATOM   1413 C  CA  . PHE A 1 185 ? -2.777  15.644  0.291   1.00 42.25  ? 191  PHE A CA  1 
ATOM   1414 C  C   . PHE A 1 185 ? -4.077  14.904  0.650   1.00 42.93  ? 191  PHE A C   1 
ATOM   1415 O  O   . PHE A 1 185 ? -4.525  14.019  -0.091  1.00 49.51  ? 191  PHE A O   1 
ATOM   1416 C  CB  . PHE A 1 185 ? -1.559  15.141  1.078   1.00 39.99  ? 191  PHE A CB  1 
ATOM   1417 C  CG  . PHE A 1 185 ? -1.327  13.658  0.915   1.00 39.40  ? 191  PHE A CG  1 
ATOM   1418 C  CD1 . PHE A 1 185 ? -1.074  13.111  -0.339  1.00 37.73  ? 191  PHE A CD1 1 
ATOM   1419 C  CD2 . PHE A 1 185 ? -1.426  12.798  1.992   1.00 38.38  ? 191  PHE A CD2 1 
ATOM   1420 C  CE1 . PHE A 1 185 ? -0.882  11.752  -0.503  1.00 39.64  ? 191  PHE A CE1 1 
ATOM   1421 C  CE2 . PHE A 1 185 ? -1.256  11.431  1.823   1.00 39.31  ? 191  PHE A CE2 1 
ATOM   1422 C  CZ  . PHE A 1 185 ? -0.978  10.908  0.580   1.00 42.46  ? 191  PHE A CZ  1 
ATOM   1423 N  N   . ARG A 1 186 ? -4.716  15.252  1.765   1.00 44.27  ? 192  ARG A N   1 
ATOM   1424 C  CA  . ARG A 1 186 ? -5.873  14.455  2.177   1.00 47.95  ? 192  ARG A CA  1 
ATOM   1425 C  C   . ARG A 1 186 ? -7.128  14.748  1.351   1.00 47.71  ? 192  ARG A C   1 
ATOM   1426 O  O   . ARG A 1 186 ? -8.025  13.931  1.365   1.00 50.42  ? 192  ARG A O   1 
ATOM   1427 C  CB  . ARG A 1 186 ? -6.203  14.649  3.654   1.00 53.97  ? 192  ARG A CB  1 
ATOM   1428 C  CG  . ARG A 1 186 ? -6.474  16.090  4.042   1.00 53.92  ? 192  ARG A CG  1 
ATOM   1429 C  CD  . ARG A 1 186 ? -7.598  16.125  5.049   1.00 59.29  ? 192  ARG A CD  1 
ATOM   1430 N  NE  . ARG A 1 186 ? -7.951  17.515  5.280   1.00 61.74  ? 192  ARG A NE  1 
ATOM   1431 C  CZ  . ARG A 1 186 ? -9.091  18.061  4.892   1.00 58.23  ? 192  ARG A CZ  1 
ATOM   1432 N  NH1 . ARG A 1 186 ? -9.220  19.378  4.906   1.00 52.87  ? 192  ARG A NH1 1 
ATOM   1433 N  NH2 . ARG A 1 186 ? -10.077 17.279  4.481   1.00 57.29  ? 192  ARG A NH2 1 
ATOM   1434 N  N   . GLN A 1 187 ? -7.213  15.896  0.663   1.00 45.94  ? 193  GLN A N   1 
ATOM   1435 C  CA  . GLN A 1 187 ? -8.407  16.169  -0.161  1.00 46.17  ? 193  GLN A CA  1 
ATOM   1436 C  C   . GLN A 1 187 ? -8.261  15.565  -1.574  1.00 50.35  ? 193  GLN A C   1 
ATOM   1437 O  O   . GLN A 1 187 ? -9.246  15.570  -2.342  1.00 46.27  ? 193  GLN A O   1 
ATOM   1438 C  CB  . GLN A 1 187 ? -8.701  17.669  -0.200  1.00 44.75  ? 193  GLN A CB  1 
ATOM   1439 C  CG  . GLN A 1 187 ? -9.070  18.256  1.162   1.00 45.72  ? 193  GLN A CG  1 
ATOM   1440 C  CD  . GLN A 1 187 ? -9.462  19.705  1.020   1.00 47.88  ? 193  GLN A CD  1 
ATOM   1441 O  OE1 . GLN A 1 187 ? -10.504 20.026  0.451   1.00 45.05  ? 193  GLN A OE1 1 
ATOM   1442 N  NE2 . GLN A 1 187 ? -8.602  20.590  1.485   1.00 45.47  ? 193  GLN A NE2 1 
ATOM   1443 N  N   . SER A 1 188 ? -7.078  15.005  -1.898  1.00 45.21  ? 194  SER A N   1 
ATOM   1444 C  CA  . SER A 1 188 ? -6.778  14.462  -3.249  1.00 51.37  ? 194  SER A CA  1 
ATOM   1445 C  C   . SER A 1 188 ? -7.020  12.950  -3.360  1.00 49.39  ? 194  SER A C   1 
ATOM   1446 O  O   . SER A 1 188 ? -6.603  12.350  -4.354  1.00 52.17  ? 194  SER A O   1 
ATOM   1447 C  CB  . SER A 1 188 ? -5.363  14.783  -3.667  1.00 48.15  ? 194  SER A CB  1 
ATOM   1448 O  OG  . SER A 1 188 ? -4.499  13.818  -3.121  1.00 59.08  ? 194  SER A OG  1 
ATOM   1449 N  N   . GLU A 1 189 ? -7.665  12.335  -2.361  1.00 52.15  ? 195  GLU A N   1 
ATOM   1450 C  CA  . GLU A 1 189 ? -8.209  10.949  -2.476  1.00 59.65  ? 195  GLU A CA  1 
ATOM   1451 C  C   . GLU A 1 189 ? -9.718  11.027  -2.834  1.00 68.97  ? 195  GLU A C   1 
ATOM   1452 O  O   . GLU A 1 189 ? -10.470 11.816  -2.240  1.00 75.57  ? 195  GLU A O   1 
ATOM   1453 C  CB  . GLU A 1 189 ? -7.940  10.164  -1.171  1.00 50.87  ? 195  GLU A CB  1 
ATOM   1454 C  CG  . GLU A 1 189 ? -8.144  8.649   -1.274  1.00 52.15  ? 195  GLU A CG  1 
ATOM   1455 C  CD  . GLU A 1 189 ? -7.935  7.825   0.000   1.00 55.98  ? 195  GLU A CD  1 
ATOM   1456 O  OE1 . GLU A 1 189 ? -6.814  7.857   0.540   1.00 55.99  ? 195  GLU A OE1 1 
ATOM   1457 O  OE2 . GLU A 1 189 ? -8.879  7.144   0.462   1.00 46.00  ? 195  GLU A OE2 1 
ATOM   1458 N  N   . ARG A 1 190 ? -10.153 10.227  -3.823  1.00 80.55  ? 196  ARG A N   1 
ATOM   1459 C  CA  . ARG A 1 190 ? -11.585 9.898   -4.126  1.00 85.47  ? 196  ARG A CA  1 
ATOM   1460 C  C   . ARG A 1 190 ? -12.500 10.502  -3.049  1.00 84.36  ? 196  ARG A C   1 
ATOM   1461 O  O   . ARG A 1 190 ? -13.608 10.025  -2.802  1.00 91.02  ? 196  ARG A O   1 
ATOM   1462 C  CB  . ARG A 1 190 ? -11.804 8.378   -4.234  1.00 87.50  ? 196  ARG A CB  1 
ATOM   1463 C  CG  . ARG A 1 190 ? -11.128 7.696   -5.421  1.00 90.93  ? 196  ARG A CG  1 
ATOM   1464 C  CD  . ARG A 1 190 ? -9.852  6.921   -5.097  1.00 90.37  ? 196  ARG A CD  1 
ATOM   1465 N  NE  . ARG A 1 190 ? -8.737  7.799   -4.743  1.00 89.05  ? 196  ARG A NE  1 
ATOM   1466 C  CZ  . ARG A 1 190 ? -8.057  8.566   -5.598  1.00 88.36  ? 196  ARG A CZ  1 
ATOM   1467 N  NH1 . ARG A 1 190 ? -7.248  9.510   -5.140  1.00 81.12  ? 196  ARG A NH1 1 
ATOM   1468 N  NH2 . ARG A 1 190 ? -8.188  8.392   -6.903  1.00 79.48  ? 196  ARG A NH2 1 
HETATM 1469 MN MN  . MN  B 2 .   ? -2.989  -1.850  -2.186  1.00 41.45  ? 901  MN  A MN  1 
HETATM 1470 MN MN  . MN  C 2 .   ? -1.345  -3.208  -5.147  1.00 55.13  ? 902  MN  A MN  1 
HETATM 1471 O  OAB . HRJ D 3 .   ? -2.049  -2.380  -6.730  1.00 58.37  ? 903  HRJ A OAB 1 
HETATM 1472 C  CAO . HRJ D 3 .   ? -2.221  -1.153  -6.939  1.00 51.10  ? 903  HRJ A CAO 1 
HETATM 1473 O  OAE . HRJ D 3 .   ? -2.149  -0.700  -8.079  1.00 49.07  ? 903  HRJ A OAE 1 
HETATM 1474 C  CAV . HRJ D 3 .   ? -2.631  -0.251  -5.986  1.00 48.88  ? 903  HRJ A CAV 1 
HETATM 1475 N  NAL . HRJ D 3 .   ? -2.667  1.081   -6.414  1.00 47.02  ? 903  HRJ A NAL 1 
HETATM 1476 C  CAT . HRJ D 3 .   ? -2.981  -0.581  -4.692  1.00 44.44  ? 903  HRJ A CAT 1 
HETATM 1477 O  OAF . HRJ D 3 .   ? -2.898  -1.853  -4.309  1.00 45.77  ? 903  HRJ A OAF 1 
HETATM 1478 C  CAW . HRJ D 3 .   ? -3.424  0.393   -3.805  1.00 51.08  ? 903  HRJ A CAW 1 
HETATM 1479 O  OAC . HRJ D 3 .   ? -3.768  0.150   -2.633  1.00 46.73  ? 903  HRJ A OAC 1 
HETATM 1480 C  CAJ . HRJ D 3 .   ? -3.462  1.712   -4.272  1.00 47.75  ? 903  HRJ A CAJ 1 
HETATM 1481 C  CAR . HRJ D 3 .   ? -3.055  2.089   -5.559  1.00 47.62  ? 903  HRJ A CAR 1 
HETATM 1482 C  CAU . HRJ D 3 .   ? -3.178  3.468   -5.882  1.00 46.26  ? 903  HRJ A CAU 1 
HETATM 1483 C  CAP . HRJ D 3 .   ? -2.512  4.432   -5.116  1.00 48.49  ? 903  HRJ A CAP 1 
HETATM 1484 C  CAA . HRJ D 3 .   ? -1.611  4.084   -4.065  1.00 54.78  ? 903  HRJ A CAA 1 
HETATM 1485 C  CAI . HRJ D 3 .   ? -2.713  5.783   -5.367  1.00 49.39  ? 903  HRJ A CAI 1 
HETATM 1486 C  CAH . HRJ D 3 .   ? -4.046  3.906   -6.886  1.00 46.54  ? 903  HRJ A CAH 1 
HETATM 1487 C  CAG . HRJ D 3 .   ? -4.231  5.276   -7.143  1.00 50.66  ? 903  HRJ A CAG 1 
HETATM 1488 C  CAQ . HRJ D 3 .   ? -3.556  6.247   -6.388  1.00 54.60  ? 903  HRJ A CAQ 1 
HETATM 1489 C  CAS . HRJ D 3 .   ? -3.728  7.592   -6.563  1.00 60.12  ? 903  HRJ A CAS 1 
HETATM 1490 N  NAK . HRJ D 3 .   ? -4.135  8.226   -7.673  1.00 58.43  ? 903  HRJ A NAK 1 
HETATM 1491 O  OAN . HRJ D 3 .   ? -4.172  9.771   -7.221  1.00 64.69  ? 903  HRJ A OAN 1 
HETATM 1492 C  CAX . HRJ D 3 .   ? -3.827  9.761   -5.951  1.00 62.36  ? 903  HRJ A CAX 1 
HETATM 1493 O  OAD . HRJ D 3 .   ? -3.746  10.771  -5.226  1.00 69.37  ? 903  HRJ A OAD 1 
HETATM 1494 N  NAM . HRJ D 3 .   ? -3.578  8.498   -5.550  1.00 58.66  ? 903  HRJ A NAM 1 
HETATM 1495 C  C1  . EDO E 4 .   ? -2.697  -6.276  -14.762 0.50 47.55  ? 904  EDO A C1  1 
HETATM 1496 O  O1  . EDO E 4 .   ? -2.699  -6.247  -13.337 0.50 55.44  ? 904  EDO A O1  1 
HETATM 1497 C  C2  . EDO E 4 .   ? -3.728  -7.300  -15.218 0.50 47.65  ? 904  EDO A C2  1 
HETATM 1498 O  O2  . EDO E 4 .   ? -3.686  -7.474  -16.625 0.50 48.28  ? 904  EDO A O2  1 
HETATM 1499 O  O   . HOH F 5 .   ? 8.270   17.268  -15.266 1.00 60.55  ? 1001 HOH A O   1 
HETATM 1500 O  O   . HOH F 5 .   ? -3.234  -4.717  -5.272  1.00 38.75  ? 1002 HOH A O   1 
HETATM 1501 O  O   . HOH F 5 .   ? -4.806  8.566   -3.261  1.00 55.32  ? 1003 HOH A O   1 
HETATM 1502 O  O   . HOH F 5 .   ? -4.262  1.899   -1.056  1.00 35.58  ? 1004 HOH A O   1 
HETATM 1503 O  O   . HOH F 5 .   ? -11.128 -4.373  11.509  1.00 46.21  ? 1005 HOH A O   1 
HETATM 1504 O  O   . HOH F 5 .   ? -12.684 18.995  -0.223  1.00 44.72  ? 1006 HOH A O   1 
HETATM 1505 O  O   . HOH F 5 .   ? 0.215   18.965  13.148  1.00 49.14  ? 1007 HOH A O   1 
HETATM 1506 O  O   . HOH F 5 .   ? -5.116  -8.521  7.979   1.00 39.56  ? 1008 HOH A O   1 
HETATM 1507 O  O   . HOH F 5 .   ? 10.160  -9.182  -9.556  1.00 50.67  ? 1009 HOH A O   1 
HETATM 1508 O  O   . HOH F 5 .   ? -0.119  -4.975  -6.459  1.00 48.42  ? 1010 HOH A O   1 
HETATM 1509 O  O   . HOH F 5 .   ? -11.909 15.356  -2.542  1.00 63.37  ? 1011 HOH A O   1 
HETATM 1510 O  O   . HOH F 5 .   ? -3.266  -12.462 6.116   1.00 51.02  ? 1012 HOH A O   1 
HETATM 1511 O  O   . HOH F 5 .   ? -6.028  18.081  -3.221  0.50 44.09  ? 1013 HOH A O   1 
HETATM 1512 O  O   . HOH F 5 .   ? 6.555   -0.661  -10.447 1.00 59.77  ? 1014 HOH A O   1 
HETATM 1513 O  O   . HOH F 5 .   ? -6.246  -15.528 -1.241  1.00 46.75  ? 1015 HOH A O   1 
HETATM 1514 O  O   . HOH F 5 .   ? 2.011   2.035   -4.270  1.00 42.04  ? 1016 HOH A O   1 
HETATM 1515 O  O   . HOH F 5 .   ? -7.538  3.841   -4.224  1.00 55.79  ? 1017 HOH A O   1 
HETATM 1516 O  O   . HOH F 5 .   ? 11.506  -4.481  2.148   1.00 71.04  ? 1018 HOH A O   1 
HETATM 1517 O  O   . HOH F 5 .   ? -1.893  21.684  1.885   1.00 49.28  ? 1019 HOH A O   1 
HETATM 1518 O  O   . HOH F 5 .   ? -3.132  -14.034 11.204  1.00 67.09  ? 1020 HOH A O   1 
HETATM 1519 O  O   . HOH F 5 .   ? -7.742  -3.222  -4.651  1.00 54.28  ? 1021 HOH A O   1 
HETATM 1520 O  O   . HOH F 5 .   ? -6.885  14.825  8.427   1.00 49.46  ? 1022 HOH A O   1 
HETATM 1521 O  O   . HOH F 5 .   ? -1.328  21.174  5.607   1.00 37.73  ? 1023 HOH A O   1 
HETATM 1522 O  O   . HOH F 5 .   ? 3.714   -10.215 13.103  1.00 64.78  ? 1024 HOH A O   1 
HETATM 1523 O  O   . HOH F 5 .   ? -9.451  -15.218 -5.334  1.00 64.33  ? 1025 HOH A O   1 
HETATM 1524 O  O   . HOH F 5 .   ? -9.775  -14.231 4.242   1.00 62.73  ? 1026 HOH A O   1 
HETATM 1525 O  O   . HOH F 5 .   ? 0.946   14.377  -15.381 1.00 56.44  ? 1027 HOH A O   1 
HETATM 1526 O  O   . HOH F 5 .   ? -6.894  6.053   -2.879  1.00 61.24  ? 1028 HOH A O   1 
HETATM 1527 O  O   . HOH F 5 .   ? -1.156  4.614   -10.708 1.00 65.36  ? 1029 HOH A O   1 
HETATM 1528 O  O   . HOH F 5 .   ? 0.743   -3.976  -8.556  1.00 52.23  ? 1030 HOH A O   1 
HETATM 1529 O  O   . HOH F 5 .   ? -3.100  24.412  1.552   1.00 55.23  ? 1031 HOH A O   1 
HETATM 1530 O  O   . HOH F 5 .   ? -18.168 -0.455  7.619   1.00 68.02  ? 1032 HOH A O   1 
# 
loop_
_pdbx_poly_seq_scheme.asym_id 
_pdbx_poly_seq_scheme.entity_id 
_pdbx_poly_seq_scheme.seq_id 
_pdbx_poly_seq_scheme.mon_id 
_pdbx_poly_seq_scheme.ndb_seq_num 
_pdbx_poly_seq_scheme.pdb_seq_num 
_pdbx_poly_seq_scheme.auth_seq_num 
_pdbx_poly_seq_scheme.pdb_mon_id 
_pdbx_poly_seq_scheme.auth_mon_id 
_pdbx_poly_seq_scheme.pdb_strand_id 
_pdbx_poly_seq_scheme.pdb_ins_code 
_pdbx_poly_seq_scheme.hetero 
A 1 1   MET 1   -5  ?   ?   ?   A . n 
A 1 2   GLY 2   -4  ?   ?   ?   A . n 
A 1 3   SER 3   -3  ?   ?   ?   A . n 
A 1 4   GLY 4   -2  ?   ?   ?   A . n 
A 1 5   MET 5   -1  -1  MET MET A . n 
A 1 6   ALA 6   0   0   ALA ALA A . n 
A 1 7   MET 7   1   1   MET MET A . n 
A 1 8   GLU 8   2   2   GLU GLU A . n 
A 1 9   ASP 9   3   3   ASP ASP A . n 
A 1 10  PHE 10  4   4   PHE PHE A . n 
A 1 11  VAL 11  5   5   VAL VAL A . n 
A 1 12  ARG 12  6   6   ARG ARG A . n 
A 1 13  GLN 13  7   7   GLN GLN A . n 
A 1 14  CYS 14  8   8   CYS CYS A . n 
A 1 15  PHE 15  9   9   PHE PHE A . n 
A 1 16  ASN 16  10  10  ASN ASN A . n 
A 1 17  PRO 17  11  11  PRO PRO A . n 
A 1 18  MET 18  12  12  MET MET A . n 
A 1 19  ILE 19  13  13  ILE ILE A . n 
A 1 20  VAL 20  14  14  VAL VAL A . n 
A 1 21  GLU 21  15  15  GLU GLU A . n 
A 1 22  LEU 22  16  16  LEU LEU A . n 
A 1 23  ALA 23  17  17  ALA ALA A . n 
A 1 24  GLU 24  18  18  GLU GLU A . n 
A 1 25  LYS 25  19  19  LYS LYS A . n 
A 1 26  ALA 26  20  20  ALA ALA A . n 
A 1 27  MET 27  21  21  MET MET A . n 
A 1 28  LYS 28  22  22  LYS LYS A . n 
A 1 29  GLU 29  23  23  GLU GLU A . n 
A 1 30  TYR 30  24  24  TYR TYR A . n 
A 1 31  GLY 31  25  25  GLY GLY A . n 
A 1 32  GLU 32  26  26  GLU GLU A . n 
A 1 33  ASP 33  27  27  ASP ASP A . n 
A 1 34  PRO 34  28  28  PRO PRO A . n 
A 1 35  LYS 35  29  29  LYS LYS A . n 
A 1 36  ILE 36  30  30  ILE ILE A . n 
A 1 37  GLU 37  31  31  GLU GLU A . n 
A 1 38  THR 38  32  32  THR THR A . n 
A 1 39  ASN 39  33  33  ASN ASN A . n 
A 1 40  LYS 40  34  34  LYS LYS A . n 
A 1 41  PHE 41  35  35  PHE PHE A . n 
A 1 42  ALA 42  36  36  ALA ALA A . n 
A 1 43  ALA 43  37  37  ALA ALA A . n 
A 1 44  ILE 44  38  38  ILE ILE A . n 
A 1 45  CYS 45  39  39  CYS CYS A . n 
A 1 46  THR 46  40  40  THR THR A . n 
A 1 47  HIS 47  41  41  HIS HIS A . n 
A 1 48  LEU 48  42  42  LEU LEU A . n 
A 1 49  GLU 49  43  43  GLU GLU A . n 
A 1 50  VAL 50  44  44  VAL VAL A . n 
A 1 51  CYS 51  45  45  CYS CYS A . n 
A 1 52  PHE 52  46  46  PHE PHE A . n 
A 1 53  MET 53  47  47  MET MET A . n 
A 1 54  TYR 54  48  48  TYR TYR A . n 
A 1 55  SER 55  49  49  SER SER A . n 
A 1 56  ASP 56  50  50  ASP ASP A . n 
A 1 57  PHE 57  51  51  PHE PHE A . n 
A 1 58  GLY 58  52  52  GLY GLY A . n 
A 1 59  SER 59  65  ?   ?   ?   A . n 
A 1 60  GLY 60  66  ?   ?   ?   A . n 
A 1 61  ASP 61  67  ?   ?   ?   A . n 
A 1 62  PRO 62  68  ?   ?   ?   A . n 
A 1 63  ASN 63  69  ?   ?   ?   A . n 
A 1 64  ALA 64  70  ?   ?   ?   A . n 
A 1 65  LEU 65  71  ?   ?   ?   A . n 
A 1 66  LEU 66  72  ?   ?   ?   A . n 
A 1 67  LYS 67  73  ?   ?   ?   A . n 
A 1 68  HIS 68  74  74  HIS HIS A . n 
A 1 69  ARG 69  75  75  ARG ARG A . n 
A 1 70  PHE 70  76  76  PHE PHE A . n 
A 1 71  GLU 71  77  77  GLU GLU A . n 
A 1 72  ILE 72  78  78  ILE ILE A . n 
A 1 73  ILE 73  79  79  ILE ILE A . n 
A 1 74  GLU 74  80  80  GLU GLU A . n 
A 1 75  GLY 75  81  81  GLY GLY A . n 
A 1 76  ARG 76  82  82  ARG ARG A . n 
A 1 77  ASP 77  83  83  ASP ASP A . n 
A 1 78  ARG 78  84  84  ARG ARG A . n 
A 1 79  ILE 79  85  85  ILE ILE A . n 
A 1 80  MET 80  86  86  MET MET A . n 
A 1 81  ALA 81  87  87  ALA ALA A . n 
A 1 82  TRP 82  88  88  TRP TRP A . n 
A 1 83  THR 83  89  89  THR THR A . n 
A 1 84  VAL 84  90  90  VAL VAL A . n 
A 1 85  VAL 85  91  91  VAL VAL A . n 
A 1 86  ASN 86  92  92  ASN ASN A . n 
A 1 87  SER 87  93  93  SER SER A . n 
A 1 88  ILE 88  94  94  ILE ILE A . n 
A 1 89  CYS 89  95  95  CYS CYS A . n 
A 1 90  ASN 90  96  96  ASN ASN A . n 
A 1 91  THR 91  97  97  THR THR A . n 
A 1 92  THR 92  98  98  THR THR A . n 
A 1 93  GLY 93  99  99  GLY GLY A . n 
A 1 94  VAL 94  100 100 VAL VAL A . n 
A 1 95  GLU 95  101 101 GLU GLU A . n 
A 1 96  LYS 96  102 102 LYS LYS A . n 
A 1 97  PRO 97  103 103 PRO PRO A . n 
A 1 98  LYS 98  104 104 LYS LYS A . n 
A 1 99  PHE 99  105 105 PHE PHE A . n 
A 1 100 LEU 100 106 106 LEU LEU A . n 
A 1 101 PRO 101 107 107 PRO PRO A . n 
A 1 102 ASP 102 108 108 ASP ASP A . n 
A 1 103 LEU 103 109 109 LEU LEU A . n 
A 1 104 TYR 104 110 110 TYR TYR A . n 
A 1 105 ASP 105 111 111 ASP ASP A . n 
A 1 106 TYR 106 112 112 TYR TYR A . n 
A 1 107 LYS 107 113 113 LYS LYS A . n 
A 1 108 GLU 108 114 114 GLU GLU A . n 
A 1 109 ASN 109 115 115 ASN ASN A . n 
A 1 110 ARG 110 116 116 ARG ARG A . n 
A 1 111 PHE 111 117 117 PHE PHE A . n 
A 1 112 ILE 112 118 118 ILE ILE A . n 
A 1 113 GLU 113 119 119 GLU GLU A . n 
A 1 114 ILE 114 120 120 ILE ILE A . n 
A 1 115 GLY 115 121 121 GLY GLY A . n 
A 1 116 VAL 116 122 122 VAL VAL A . n 
A 1 117 THR 117 123 123 THR THR A . n 
A 1 118 ARG 118 124 124 ARG ARG A . n 
A 1 119 ARG 119 125 125 ARG ARG A . n 
A 1 120 GLU 120 126 126 GLU GLU A . n 
A 1 121 VAL 121 127 127 VAL VAL A . n 
A 1 122 HIS 122 128 128 HIS HIS A . n 
A 1 123 ILE 123 129 129 ILE ILE A . n 
A 1 124 TYR 124 130 130 TYR TYR A . n 
A 1 125 TYR 125 131 131 TYR TYR A . n 
A 1 126 LEU 126 132 132 LEU LEU A . n 
A 1 127 GLU 127 133 133 GLU GLU A . n 
A 1 128 LYS 128 134 134 LYS LYS A . n 
A 1 129 ALA 129 135 135 ALA ALA A . n 
A 1 130 ASN 130 136 136 ASN ASN A . n 
A 1 131 LYS 131 137 137 LYS LYS A . n 
A 1 132 ILE 132 138 138 ILE ILE A . n 
A 1 133 LYS 133 139 139 LYS LYS A . n 
A 1 134 SER 134 140 ?   ?   ?   A . n 
A 1 135 GLU 135 141 141 GLU GLU A . n 
A 1 136 LYS 136 142 142 LYS LYS A . n 
A 1 137 THR 137 143 143 THR THR A . n 
A 1 138 HIS 138 144 144 HIS HIS A . n 
A 1 139 ILE 139 145 145 ILE ILE A . n 
A 1 140 HIS 140 146 146 HIS HIS A . n 
A 1 141 ILE 141 147 147 ILE ILE A . n 
A 1 142 PHE 142 148 148 PHE PHE A . n 
A 1 143 SER 143 149 149 SER SER A . n 
A 1 144 PHE 144 150 150 PHE PHE A . n 
A 1 145 THR 145 151 151 THR THR A . n 
A 1 146 GLY 146 152 152 GLY GLY A . n 
A 1 147 GLU 147 153 153 GLU GLU A . n 
A 1 148 GLU 148 154 154 GLU GLU A . n 
A 1 149 MET 149 155 155 MET MET A . n 
A 1 150 ALA 150 156 156 ALA ALA A . n 
A 1 151 THR 151 157 157 THR THR A . n 
A 1 152 LYS 152 158 158 LYS LYS A . n 
A 1 153 ALA 153 159 159 ALA ALA A . n 
A 1 154 ASP 154 160 160 ASP ASP A . n 
A 1 155 TYR 155 161 161 TYR TYR A . n 
A 1 156 THR 156 162 162 THR THR A . n 
A 1 157 LEU 157 163 163 LEU LEU A . n 
A 1 158 ASP 158 164 164 ASP ASP A . n 
A 1 159 GLU 159 165 165 GLU GLU A . n 
A 1 160 GLU 160 166 166 GLU GLU A . n 
A 1 161 SER 161 167 167 SER SER A . n 
A 1 162 ARG 162 168 168 ARG ARG A . n 
A 1 163 ALA 163 169 169 ALA ALA A . n 
A 1 164 ARG 164 170 170 ARG ARG A . n 
A 1 165 ILE 165 171 171 ILE ILE A . n 
A 1 166 LYS 166 172 172 LYS LYS A . n 
A 1 167 THR 167 173 173 THR THR A . n 
A 1 168 ARG 168 174 174 ARG ARG A . n 
A 1 169 LEU 169 175 175 LEU LEU A . n 
A 1 170 PHE 170 176 176 PHE PHE A . n 
A 1 171 THR 171 177 177 THR THR A . n 
A 1 172 ILE 172 178 178 ILE ILE A . n 
A 1 173 ARG 173 179 179 ARG ARG A . n 
A 1 174 GLN 174 180 180 GLN GLN A . n 
A 1 175 GLU 175 181 181 GLU GLU A . n 
A 1 176 MET 176 182 182 MET MET A . n 
A 1 177 ALA 177 183 183 ALA ALA A . n 
A 1 178 SER 178 184 184 SER SER A . n 
A 1 179 ARG 179 185 185 ARG ARG A . n 
A 1 180 SER 180 186 186 SER SER A . n 
A 1 181 LEU 181 187 187 LEU LEU A . n 
A 1 182 TRP 182 188 188 TRP TRP A . n 
A 1 183 ASP 183 189 189 ASP ASP A . n 
A 1 184 SER 184 190 190 SER SER A . n 
A 1 185 PHE 185 191 191 PHE PHE A . n 
A 1 186 ARG 186 192 192 ARG ARG A . n 
A 1 187 GLN 187 193 193 GLN GLN A . n 
A 1 188 SER 188 194 194 SER SER A . n 
A 1 189 GLU 189 195 195 GLU GLU A . n 
A 1 190 ARG 190 196 196 ARG ARG A . n 
A 1 191 GLY 191 197 ?   ?   ?   A . n 
A 1 192 GLU 192 198 ?   ?   ?   A . n 
# 
loop_
_pdbx_nonpoly_scheme.asym_id 
_pdbx_nonpoly_scheme.entity_id 
_pdbx_nonpoly_scheme.mon_id 
_pdbx_nonpoly_scheme.ndb_seq_num 
_pdbx_nonpoly_scheme.pdb_seq_num 
_pdbx_nonpoly_scheme.auth_seq_num 
_pdbx_nonpoly_scheme.pdb_mon_id 
_pdbx_nonpoly_scheme.auth_mon_id 
_pdbx_nonpoly_scheme.pdb_strand_id 
_pdbx_nonpoly_scheme.pdb_ins_code 
B 2 MN  1  901  901 MN  MN  A . 
C 2 MN  1  902  902 MN  MN  A . 
D 3 HRJ 1  903  1   HRJ DRG A . 
E 4 EDO 1  904  1   EDO EDO A . 
F 5 HOH 1  1001 19  HOH HOH A . 
F 5 HOH 2  1002 1   HOH HOH A . 
F 5 HOH 3  1003 33  HOH HOH A . 
F 5 HOH 4  1004 3   HOH HOH A . 
F 5 HOH 5  1005 6   HOH HOH A . 
F 5 HOH 6  1006 4   HOH HOH A . 
F 5 HOH 7  1007 7   HOH HOH A . 
F 5 HOH 8  1008 20  HOH HOH A . 
F 5 HOH 9  1009 32  HOH HOH A . 
F 5 HOH 10 1010 2   HOH HOH A . 
F 5 HOH 11 1011 42  HOH HOH A . 
F 5 HOH 12 1012 21  HOH HOH A . 
F 5 HOH 13 1013 41  HOH HOH A . 
F 5 HOH 14 1014 36  HOH HOH A . 
F 5 HOH 15 1015 23  HOH HOH A . 
F 5 HOH 16 1016 13  HOH HOH A . 
F 5 HOH 17 1017 16  HOH HOH A . 
F 5 HOH 18 1018 39  HOH HOH A . 
F 5 HOH 19 1019 9   HOH HOH A . 
F 5 HOH 20 1020 24  HOH HOH A . 
F 5 HOH 21 1021 15  HOH HOH A . 
F 5 HOH 22 1022 10  HOH HOH A . 
F 5 HOH 23 1023 5   HOH HOH A . 
F 5 HOH 24 1024 25  HOH HOH A . 
F 5 HOH 25 1025 40  HOH HOH A . 
F 5 HOH 26 1026 27  HOH HOH A . 
F 5 HOH 27 1027 18  HOH HOH A . 
F 5 HOH 28 1028 17  HOH HOH A . 
F 5 HOH 29 1029 35  HOH HOH A . 
F 5 HOH 30 1030 14  HOH HOH A . 
F 5 HOH 31 1031 8   HOH HOH A . 
F 5 HOH 32 1032 28  HOH HOH A . 
# 
_pdbx_struct_assembly.id                   1 
_pdbx_struct_assembly.details              author_and_software_defined_assembly 
_pdbx_struct_assembly.method_details       PISA 
_pdbx_struct_assembly.oligomeric_details   monomeric 
_pdbx_struct_assembly.oligomeric_count     1 
# 
_pdbx_struct_assembly_gen.assembly_id       1 
_pdbx_struct_assembly_gen.oper_expression   1 
_pdbx_struct_assembly_gen.asym_id_list      A,B,C,D,E,F 
# 
loop_
_pdbx_struct_assembly_prop.biol_id 
_pdbx_struct_assembly_prop.type 
_pdbx_struct_assembly_prop.value 
_pdbx_struct_assembly_prop.details 
1 'ABSA (A^2)' 270  ? 
1 MORE         -5   ? 
1 'SSA (A^2)'  9300 ? 
# 
_pdbx_struct_oper_list.id                   1 
_pdbx_struct_oper_list.type                 'identity operation' 
_pdbx_struct_oper_list.name                 1_555 
_pdbx_struct_oper_list.symmetry_operation   x,y,z 
_pdbx_struct_oper_list.matrix[1][1]         1.0000000000 
_pdbx_struct_oper_list.matrix[1][2]         0.0000000000 
_pdbx_struct_oper_list.matrix[1][3]         0.0000000000 
_pdbx_struct_oper_list.vector[1]            0.0000000000 
_pdbx_struct_oper_list.matrix[2][1]         0.0000000000 
_pdbx_struct_oper_list.matrix[2][2]         1.0000000000 
_pdbx_struct_oper_list.matrix[2][3]         0.0000000000 
_pdbx_struct_oper_list.vector[2]            0.0000000000 
_pdbx_struct_oper_list.matrix[3][1]         0.0000000000 
_pdbx_struct_oper_list.matrix[3][2]         0.0000000000 
_pdbx_struct_oper_list.matrix[3][3]         1.0000000000 
_pdbx_struct_oper_list.vector[3]            0.0000000000 
# 
_pdbx_struct_special_symmetry.id              1 
_pdbx_struct_special_symmetry.PDB_model_num   1 
_pdbx_struct_special_symmetry.auth_asym_id    A 
_pdbx_struct_special_symmetry.auth_comp_id    HOH 
_pdbx_struct_special_symmetry.auth_seq_id     1013 
_pdbx_struct_special_symmetry.PDB_ins_code    ? 
_pdbx_struct_special_symmetry.label_asym_id   F 
_pdbx_struct_special_symmetry.label_comp_id   HOH 
_pdbx_struct_special_symmetry.label_seq_id    . 
# 
loop_
_pdbx_struct_conn_angle.id 
_pdbx_struct_conn_angle.ptnr1_label_atom_id 
_pdbx_struct_conn_angle.ptnr1_label_alt_id 
_pdbx_struct_conn_angle.ptnr1_label_asym_id 
_pdbx_struct_conn_angle.ptnr1_label_comp_id 
_pdbx_struct_conn_angle.ptnr1_label_seq_id 
_pdbx_struct_conn_angle.ptnr1_auth_atom_id 
_pdbx_struct_conn_angle.ptnr1_auth_asym_id 
_pdbx_struct_conn_angle.ptnr1_auth_comp_id 
_pdbx_struct_conn_angle.ptnr1_auth_seq_id 
_pdbx_struct_conn_angle.ptnr1_PDB_ins_code 
_pdbx_struct_conn_angle.ptnr1_symmetry 
_pdbx_struct_conn_angle.ptnr2_label_atom_id 
_pdbx_struct_conn_angle.ptnr2_label_alt_id 
_pdbx_struct_conn_angle.ptnr2_label_asym_id 
_pdbx_struct_conn_angle.ptnr2_label_comp_id 
_pdbx_struct_conn_angle.ptnr2_label_seq_id 
_pdbx_struct_conn_angle.ptnr2_auth_atom_id 
_pdbx_struct_conn_angle.ptnr2_auth_asym_id 
_pdbx_struct_conn_angle.ptnr2_auth_comp_id 
_pdbx_struct_conn_angle.ptnr2_auth_seq_id 
_pdbx_struct_conn_angle.ptnr2_PDB_ins_code 
_pdbx_struct_conn_angle.ptnr2_symmetry 
_pdbx_struct_conn_angle.ptnr3_label_atom_id 
_pdbx_struct_conn_angle.ptnr3_label_alt_id 
_pdbx_struct_conn_angle.ptnr3_label_asym_id 
_pdbx_struct_conn_angle.ptnr3_label_comp_id 
_pdbx_struct_conn_angle.ptnr3_label_seq_id 
_pdbx_struct_conn_angle.ptnr3_auth_atom_id 
_pdbx_struct_conn_angle.ptnr3_auth_asym_id 
_pdbx_struct_conn_angle.ptnr3_auth_comp_id 
_pdbx_struct_conn_angle.ptnr3_auth_seq_id 
_pdbx_struct_conn_angle.ptnr3_PDB_ins_code 
_pdbx_struct_conn_angle.ptnr3_symmetry 
_pdbx_struct_conn_angle.value 
_pdbx_struct_conn_angle.value_esd 
1  NE2 ? A HIS 47  ? A HIS 41   ? 1_555 MN ? B MN . ? A MN 901 ? 1_555 OD2 ? A ASP 102 ? A ASP 108  ? 1_555 96.5  ? 
2  NE2 ? A HIS 47  ? A HIS 41   ? 1_555 MN ? B MN . ? A MN 901 ? 1_555 OE2 ? A GLU 113 ? A GLU 119  ? 1_555 168.6 ? 
3  OD2 ? A ASP 102 ? A ASP 108  ? 1_555 MN ? B MN . ? A MN 901 ? 1_555 OE2 ? A GLU 113 ? A GLU 119  ? 1_555 87.7  ? 
4  NE2 ? A HIS 47  ? A HIS 41   ? 1_555 MN ? B MN . ? A MN 901 ? 1_555 O   ? A ILE 114 ? A ILE 120  ? 1_555 83.8  ? 
5  OD2 ? A ASP 102 ? A ASP 108  ? 1_555 MN ? B MN . ? A MN 901 ? 1_555 O   ? A ILE 114 ? A ILE 120  ? 1_555 89.3  ? 
6  OE2 ? A GLU 113 ? A GLU 119  ? 1_555 MN ? B MN . ? A MN 901 ? 1_555 O   ? A ILE 114 ? A ILE 120  ? 1_555 85.7  ? 
7  NE2 ? A HIS 47  ? A HIS 41   ? 1_555 MN ? B MN . ? A MN 901 ? 1_555 OAF ? D HRJ .   ? A HRJ 903  ? 1_555 104.0 ? 
8  OD2 ? A ASP 102 ? A ASP 108  ? 1_555 MN ? B MN . ? A MN 901 ? 1_555 OAF ? D HRJ .   ? A HRJ 903  ? 1_555 103.1 ? 
9  OE2 ? A GLU 113 ? A GLU 119  ? 1_555 MN ? B MN . ? A MN 901 ? 1_555 OAF ? D HRJ .   ? A HRJ 903  ? 1_555 85.2  ? 
10 O   ? A ILE 114 ? A ILE 120  ? 1_555 MN ? B MN . ? A MN 901 ? 1_555 OAF ? D HRJ .   ? A HRJ 903  ? 1_555 164.3 ? 
11 NE2 ? A HIS 47  ? A HIS 41   ? 1_555 MN ? B MN . ? A MN 901 ? 1_555 OAC ? D HRJ .   ? A HRJ 903  ? 1_555 78.7  ? 
12 OD2 ? A ASP 102 ? A ASP 108  ? 1_555 MN ? B MN . ? A MN 901 ? 1_555 OAC ? D HRJ .   ? A HRJ 903  ? 1_555 175.1 ? 
13 OE2 ? A GLU 113 ? A GLU 119  ? 1_555 MN ? B MN . ? A MN 901 ? 1_555 OAC ? D HRJ .   ? A HRJ 903  ? 1_555 96.8  ? 
14 O   ? A ILE 114 ? A ILE 120  ? 1_555 MN ? B MN . ? A MN 901 ? 1_555 OAC ? D HRJ .   ? A HRJ 903  ? 1_555 89.2  ? 
15 OAF ? D HRJ .   ? A HRJ 903  ? 1_555 MN ? B MN . ? A MN 901 ? 1_555 OAC ? D HRJ .   ? A HRJ 903  ? 1_555 79.2  ? 
16 OE2 ? A GLU 74  ? A GLU 80   ? 1_555 MN ? C MN . ? A MN 902 ? 1_555 OD1 ? A ASP 102 ? A ASP 108  ? 1_555 88.4  ? 
17 OE2 ? A GLU 74  ? A GLU 80   ? 1_555 MN ? C MN . ? A MN 902 ? 1_555 OAB ? D HRJ .   ? A HRJ 903  ? 1_555 88.6  ? 
18 OD1 ? A ASP 102 ? A ASP 108  ? 1_555 MN ? C MN . ? A MN 902 ? 1_555 OAB ? D HRJ .   ? A HRJ 903  ? 1_555 171.0 ? 
19 OE2 ? A GLU 74  ? A GLU 80   ? 1_555 MN ? C MN . ? A MN 902 ? 1_555 OAF ? D HRJ .   ? A HRJ 903  ? 1_555 109.0 ? 
20 OD1 ? A ASP 102 ? A ASP 108  ? 1_555 MN ? C MN . ? A MN 902 ? 1_555 OAF ? D HRJ .   ? A HRJ 903  ? 1_555 94.9  ? 
21 OAB ? D HRJ .   ? A HRJ 903  ? 1_555 MN ? C MN . ? A MN 902 ? 1_555 OAF ? D HRJ .   ? A HRJ 903  ? 1_555 78.0  ? 
22 OE2 ? A GLU 74  ? A GLU 80   ? 1_555 MN ? C MN . ? A MN 902 ? 1_555 O   ? F HOH .   ? A HOH 1002 ? 1_555 167.1 ? 
23 OD1 ? A ASP 102 ? A ASP 108  ? 1_555 MN ? C MN . ? A MN 902 ? 1_555 O   ? F HOH .   ? A HOH 1002 ? 1_555 98.0  ? 
24 OAB ? D HRJ .   ? A HRJ 903  ? 1_555 MN ? C MN . ? A MN 902 ? 1_555 O   ? F HOH .   ? A HOH 1002 ? 1_555 86.6  ? 
25 OAF ? D HRJ .   ? A HRJ 903  ? 1_555 MN ? C MN . ? A MN 902 ? 1_555 O   ? F HOH .   ? A HOH 1002 ? 1_555 81.6  ? 
26 OE2 ? A GLU 74  ? A GLU 80   ? 1_555 MN ? C MN . ? A MN 902 ? 1_555 O   ? F HOH .   ? A HOH 1010 ? 1_555 83.2  ? 
27 OD1 ? A ASP 102 ? A ASP 108  ? 1_555 MN ? C MN . ? A MN 902 ? 1_555 O   ? F HOH .   ? A HOH 1010 ? 1_555 95.1  ? 
28 OAB ? D HRJ .   ? A HRJ 903  ? 1_555 MN ? C MN . ? A MN 902 ? 1_555 O   ? F HOH .   ? A HOH 1010 ? 1_555 93.0  ? 
29 OAF ? D HRJ .   ? A HRJ 903  ? 1_555 MN ? C MN . ? A MN 902 ? 1_555 O   ? F HOH .   ? A HOH 1010 ? 1_555 164.4 ? 
30 O   ? F HOH .   ? A HOH 1002 ? 1_555 MN ? C MN . ? A MN 902 ? 1_555 O   ? F HOH .   ? A HOH 1010 ? 1_555 85.2  ? 
# 
loop_
_pdbx_audit_revision_history.ordinal 
_pdbx_audit_revision_history.data_content_type 
_pdbx_audit_revision_history.major_revision 
_pdbx_audit_revision_history.minor_revision 
_pdbx_audit_revision_history.revision_date 
1 'Structure model' 1 0 2019-07-17 
2 'Structure model' 1 1 2020-01-01 
3 'Structure model' 1 2 2020-01-29 
4 'Structure model' 1 3 2023-10-11 
# 
_pdbx_audit_revision_details.ordinal             1 
_pdbx_audit_revision_details.revision_ordinal    1 
_pdbx_audit_revision_details.data_content_type   'Structure model' 
_pdbx_audit_revision_details.provider            repository 
_pdbx_audit_revision_details.type                'Initial release' 
_pdbx_audit_revision_details.description         ? 
_pdbx_audit_revision_details.details             ? 
# 
loop_
_pdbx_audit_revision_group.ordinal 
_pdbx_audit_revision_group.revision_ordinal 
_pdbx_audit_revision_group.data_content_type 
_pdbx_audit_revision_group.group 
1 2 'Structure model' 'Author supporting evidence' 
2 3 'Structure model' 'Database references'        
3 4 'Structure model' 'Data collection'            
4 4 'Structure model' 'Database references'        
5 4 'Structure model' 'Derived calculations'       
6 4 'Structure model' 'Refinement description'     
# 
loop_
_pdbx_audit_revision_category.ordinal 
_pdbx_audit_revision_category.revision_ordinal 
_pdbx_audit_revision_category.data_content_type 
_pdbx_audit_revision_category.category 
1 2 'Structure model' pdbx_audit_support            
2 3 'Structure model' citation                      
3 3 'Structure model' citation_author               
4 4 'Structure model' chem_comp_atom                
5 4 'Structure model' chem_comp_bond                
6 4 'Structure model' database_2                    
7 4 'Structure model' pdbx_initial_refinement_model 
8 4 'Structure model' pdbx_struct_conn_angle        
9 4 'Structure model' struct_conn                   
# 
loop_
_pdbx_audit_revision_item.ordinal 
_pdbx_audit_revision_item.revision_ordinal 
_pdbx_audit_revision_item.data_content_type 
_pdbx_audit_revision_item.item 
1  2 'Structure model' '_pdbx_audit_support.funding_organization'    
2  3 'Structure model' '_citation.country'                           
3  3 'Structure model' '_citation.journal_abbrev'                    
4  3 'Structure model' '_citation.journal_id_ASTM'                   
5  3 'Structure model' '_citation.journal_id_CSD'                    
6  3 'Structure model' '_citation.journal_id_ISSN'                   
7  3 'Structure model' '_citation.journal_volume'                    
8  3 'Structure model' '_citation.page_first'                        
9  3 'Structure model' '_citation.page_last'                         
10 3 'Structure model' '_citation.pdbx_database_id_DOI'              
11 3 'Structure model' '_citation.pdbx_database_id_PubMed'           
12 3 'Structure model' '_citation.title'                             
13 3 'Structure model' '_citation.year'                              
14 4 'Structure model' '_database_2.pdbx_DOI'                        
15 4 'Structure model' '_database_2.pdbx_database_accession'         
16 4 'Structure model' '_pdbx_struct_conn_angle.ptnr1_auth_comp_id'  
17 4 'Structure model' '_pdbx_struct_conn_angle.ptnr1_auth_seq_id'   
18 4 'Structure model' '_pdbx_struct_conn_angle.ptnr1_label_asym_id' 
19 4 'Structure model' '_pdbx_struct_conn_angle.ptnr1_label_atom_id' 
20 4 'Structure model' '_pdbx_struct_conn_angle.ptnr1_label_comp_id' 
21 4 'Structure model' '_pdbx_struct_conn_angle.ptnr3_auth_comp_id'  
22 4 'Structure model' '_pdbx_struct_conn_angle.ptnr3_auth_seq_id'   
23 4 'Structure model' '_pdbx_struct_conn_angle.ptnr3_label_asym_id' 
24 4 'Structure model' '_pdbx_struct_conn_angle.ptnr3_label_atom_id' 
25 4 'Structure model' '_pdbx_struct_conn_angle.ptnr3_label_comp_id' 
26 4 'Structure model' '_pdbx_struct_conn_angle.value'               
27 4 'Structure model' '_struct_conn.pdbx_dist_value'                
28 4 'Structure model' '_struct_conn.ptnr1_label_atom_id'            
29 4 'Structure model' '_struct_conn.ptnr2_auth_comp_id'             
30 4 'Structure model' '_struct_conn.ptnr2_auth_seq_id'              
31 4 'Structure model' '_struct_conn.ptnr2_label_asym_id'            
32 4 'Structure model' '_struct_conn.ptnr2_label_atom_id'            
33 4 'Structure model' '_struct_conn.ptnr2_label_comp_id'            
# 
loop_
_software.citation_id 
_software.classification 
_software.compiler_name 
_software.compiler_version 
_software.contact_author 
_software.contact_author_email 
_software.date 
_software.description 
_software.dependencies 
_software.hardware 
_software.language 
_software.location 
_software.mods 
_software.name 
_software.os 
_software.os_version 
_software.type 
_software.version 
_software.pdbx_ordinal 
? refinement       ? ? ? ? ? ? ? ? ? ? ? REFMAC  ? ? ? 5.8.0230 1 
? 'data reduction' ? ? ? ? ? ? ? ? ? ? ? XDS     ? ? ? .        2 
? 'data scaling'   ? ? ? ? ? ? ? ? ? ? ? Aimless ? ? ? .        3 
? phasing          ? ? ? ? ? ? ? ? ? ? ? PHASER  ? ? ? .        4 
# 
_pdbx_validate_torsion.id              1 
_pdbx_validate_torsion.PDB_model_num   1 
_pdbx_validate_torsion.auth_comp_id    THR 
_pdbx_validate_torsion.auth_asym_id    A 
_pdbx_validate_torsion.auth_seq_id     162 
_pdbx_validate_torsion.PDB_ins_code    ? 
_pdbx_validate_torsion.label_alt_id    ? 
_pdbx_validate_torsion.phi             64.71 
_pdbx_validate_torsion.psi             -56.44 
# 
loop_
_pdbx_unobs_or_zero_occ_residues.id 
_pdbx_unobs_or_zero_occ_residues.PDB_model_num 
_pdbx_unobs_or_zero_occ_residues.polymer_flag 
_pdbx_unobs_or_zero_occ_residues.occupancy_flag 
_pdbx_unobs_or_zero_occ_residues.auth_asym_id 
_pdbx_unobs_or_zero_occ_residues.auth_comp_id 
_pdbx_unobs_or_zero_occ_residues.auth_seq_id 
_pdbx_unobs_or_zero_occ_residues.PDB_ins_code 
_pdbx_unobs_or_zero_occ_residues.label_asym_id 
_pdbx_unobs_or_zero_occ_residues.label_comp_id 
_pdbx_unobs_or_zero_occ_residues.label_seq_id 
1  1 Y 1 A MET -5  ? A MET 1   
2  1 Y 1 A GLY -4  ? A GLY 2   
3  1 Y 1 A SER -3  ? A SER 3   
4  1 Y 1 A GLY -2  ? A GLY 4   
5  1 Y 1 A SER 65  ? A SER 59  
6  1 Y 1 A GLY 66  ? A GLY 60  
7  1 Y 1 A ASP 67  ? A ASP 61  
8  1 Y 1 A PRO 68  ? A PRO 62  
9  1 Y 1 A ASN 69  ? A ASN 63  
10 1 Y 1 A ALA 70  ? A ALA 64  
11 1 Y 1 A LEU 71  ? A LEU 65  
12 1 Y 1 A LEU 72  ? A LEU 66  
13 1 Y 1 A LYS 73  ? A LYS 67  
14 1 Y 1 A SER 140 ? A SER 134 
15 1 Y 1 A GLY 197 ? A GLY 191 
16 1 Y 1 A GLU 198 ? A GLU 192 
# 
loop_
_chem_comp_atom.comp_id 
_chem_comp_atom.atom_id 
_chem_comp_atom.type_symbol 
_chem_comp_atom.pdbx_aromatic_flag 
_chem_comp_atom.pdbx_stereo_config 
_chem_comp_atom.pdbx_ordinal 
ALA N    N  N N 1   
ALA CA   C  N S 2   
ALA C    C  N N 3   
ALA O    O  N N 4   
ALA CB   C  N N 5   
ALA OXT  O  N N 6   
ALA H    H  N N 7   
ALA H2   H  N N 8   
ALA HA   H  N N 9   
ALA HB1  H  N N 10  
ALA HB2  H  N N 11  
ALA HB3  H  N N 12  
ALA HXT  H  N N 13  
ARG N    N  N N 14  
ARG CA   C  N S 15  
ARG C    C  N N 16  
ARG O    O  N N 17  
ARG CB   C  N N 18  
ARG CG   C  N N 19  
ARG CD   C  N N 20  
ARG NE   N  N N 21  
ARG CZ   C  N N 22  
ARG NH1  N  N N 23  
ARG NH2  N  N N 24  
ARG OXT  O  N N 25  
ARG H    H  N N 26  
ARG H2   H  N N 27  
ARG HA   H  N N 28  
ARG HB2  H  N N 29  
ARG HB3  H  N N 30  
ARG HG2  H  N N 31  
ARG HG3  H  N N 32  
ARG HD2  H  N N 33  
ARG HD3  H  N N 34  
ARG HE   H  N N 35  
ARG HH11 H  N N 36  
ARG HH12 H  N N 37  
ARG HH21 H  N N 38  
ARG HH22 H  N N 39  
ARG HXT  H  N N 40  
ASN N    N  N N 41  
ASN CA   C  N S 42  
ASN C    C  N N 43  
ASN O    O  N N 44  
ASN CB   C  N N 45  
ASN CG   C  N N 46  
ASN OD1  O  N N 47  
ASN ND2  N  N N 48  
ASN OXT  O  N N 49  
ASN H    H  N N 50  
ASN H2   H  N N 51  
ASN HA   H  N N 52  
ASN HB2  H  N N 53  
ASN HB3  H  N N 54  
ASN HD21 H  N N 55  
ASN HD22 H  N N 56  
ASN HXT  H  N N 57  
ASP N    N  N N 58  
ASP CA   C  N S 59  
ASP C    C  N N 60  
ASP O    O  N N 61  
ASP CB   C  N N 62  
ASP CG   C  N N 63  
ASP OD1  O  N N 64  
ASP OD2  O  N N 65  
ASP OXT  O  N N 66  
ASP H    H  N N 67  
ASP H2   H  N N 68  
ASP HA   H  N N 69  
ASP HB2  H  N N 70  
ASP HB3  H  N N 71  
ASP HD2  H  N N 72  
ASP HXT  H  N N 73  
CYS N    N  N N 74  
CYS CA   C  N R 75  
CYS C    C  N N 76  
CYS O    O  N N 77  
CYS CB   C  N N 78  
CYS SG   S  N N 79  
CYS OXT  O  N N 80  
CYS H    H  N N 81  
CYS H2   H  N N 82  
CYS HA   H  N N 83  
CYS HB2  H  N N 84  
CYS HB3  H  N N 85  
CYS HG   H  N N 86  
CYS HXT  H  N N 87  
EDO C1   C  N N 88  
EDO O1   O  N N 89  
EDO C2   C  N N 90  
EDO O2   O  N N 91  
EDO H11  H  N N 92  
EDO H12  H  N N 93  
EDO HO1  H  N N 94  
EDO H21  H  N N 95  
EDO H22  H  N N 96  
EDO HO2  H  N N 97  
GLN N    N  N N 98  
GLN CA   C  N S 99  
GLN C    C  N N 100 
GLN O    O  N N 101 
GLN CB   C  N N 102 
GLN CG   C  N N 103 
GLN CD   C  N N 104 
GLN OE1  O  N N 105 
GLN NE2  N  N N 106 
GLN OXT  O  N N 107 
GLN H    H  N N 108 
GLN H2   H  N N 109 
GLN HA   H  N N 110 
GLN HB2  H  N N 111 
GLN HB3  H  N N 112 
GLN HG2  H  N N 113 
GLN HG3  H  N N 114 
GLN HE21 H  N N 115 
GLN HE22 H  N N 116 
GLN HXT  H  N N 117 
GLU N    N  N N 118 
GLU CA   C  N S 119 
GLU C    C  N N 120 
GLU O    O  N N 121 
GLU CB   C  N N 122 
GLU CG   C  N N 123 
GLU CD   C  N N 124 
GLU OE1  O  N N 125 
GLU OE2  O  N N 126 
GLU OXT  O  N N 127 
GLU H    H  N N 128 
GLU H2   H  N N 129 
GLU HA   H  N N 130 
GLU HB2  H  N N 131 
GLU HB3  H  N N 132 
GLU HG2  H  N N 133 
GLU HG3  H  N N 134 
GLU HE2  H  N N 135 
GLU HXT  H  N N 136 
GLY N    N  N N 137 
GLY CA   C  N N 138 
GLY C    C  N N 139 
GLY O    O  N N 140 
GLY OXT  O  N N 141 
GLY H    H  N N 142 
GLY H2   H  N N 143 
GLY HA2  H  N N 144 
GLY HA3  H  N N 145 
GLY HXT  H  N N 146 
HIS N    N  N N 147 
HIS CA   C  N S 148 
HIS C    C  N N 149 
HIS O    O  N N 150 
HIS CB   C  N N 151 
HIS CG   C  Y N 152 
HIS ND1  N  Y N 153 
HIS CD2  C  Y N 154 
HIS CE1  C  Y N 155 
HIS NE2  N  Y N 156 
HIS OXT  O  N N 157 
HIS H    H  N N 158 
HIS H2   H  N N 159 
HIS HA   H  N N 160 
HIS HB2  H  N N 161 
HIS HB3  H  N N 162 
HIS HD1  H  N N 163 
HIS HD2  H  N N 164 
HIS HE1  H  N N 165 
HIS HE2  H  N N 166 
HIS HXT  H  N N 167 
HOH O    O  N N 168 
HOH H1   H  N N 169 
HOH H2   H  N N 170 
HRJ OAB  O  N N 171 
HRJ CAO  C  N N 172 
HRJ OAE  O  N N 173 
HRJ CAV  C  N N 174 
HRJ NAL  N  N N 175 
HRJ CAT  C  N N 176 
HRJ OAF  O  N N 177 
HRJ CAW  C  N N 178 
HRJ OAC  O  N N 179 
HRJ CAJ  C  N N 180 
HRJ CAR  C  N N 181 
HRJ CAU  C  Y N 182 
HRJ CAP  C  Y N 183 
HRJ CAA  C  N N 184 
HRJ CAI  C  Y N 185 
HRJ CAH  C  Y N 186 
HRJ CAG  C  Y N 187 
HRJ CAQ  C  Y N 188 
HRJ CAS  C  N N 189 
HRJ NAK  N  N N 190 
HRJ OAN  O  N N 191 
HRJ CAX  C  N N 192 
HRJ OAD  O  N N 193 
HRJ NAM  N  N N 194 
HRJ H1   H  N N 195 
HRJ H2   H  N N 196 
HRJ H3   H  N N 197 
HRJ H5   H  N N 198 
HRJ H6   H  N N 199 
HRJ H7   H  N N 200 
HRJ H8   H  N N 201 
HRJ H9   H  N N 202 
HRJ H10  H  N N 203 
HRJ H11  H  N N 204 
HRJ H12  H  N N 205 
ILE N    N  N N 206 
ILE CA   C  N S 207 
ILE C    C  N N 208 
ILE O    O  N N 209 
ILE CB   C  N S 210 
ILE CG1  C  N N 211 
ILE CG2  C  N N 212 
ILE CD1  C  N N 213 
ILE OXT  O  N N 214 
ILE H    H  N N 215 
ILE H2   H  N N 216 
ILE HA   H  N N 217 
ILE HB   H  N N 218 
ILE HG12 H  N N 219 
ILE HG13 H  N N 220 
ILE HG21 H  N N 221 
ILE HG22 H  N N 222 
ILE HG23 H  N N 223 
ILE HD11 H  N N 224 
ILE HD12 H  N N 225 
ILE HD13 H  N N 226 
ILE HXT  H  N N 227 
LEU N    N  N N 228 
LEU CA   C  N S 229 
LEU C    C  N N 230 
LEU O    O  N N 231 
LEU CB   C  N N 232 
LEU CG   C  N N 233 
LEU CD1  C  N N 234 
LEU CD2  C  N N 235 
LEU OXT  O  N N 236 
LEU H    H  N N 237 
LEU H2   H  N N 238 
LEU HA   H  N N 239 
LEU HB2  H  N N 240 
LEU HB3  H  N N 241 
LEU HG   H  N N 242 
LEU HD11 H  N N 243 
LEU HD12 H  N N 244 
LEU HD13 H  N N 245 
LEU HD21 H  N N 246 
LEU HD22 H  N N 247 
LEU HD23 H  N N 248 
LEU HXT  H  N N 249 
LYS N    N  N N 250 
LYS CA   C  N S 251 
LYS C    C  N N 252 
LYS O    O  N N 253 
LYS CB   C  N N 254 
LYS CG   C  N N 255 
LYS CD   C  N N 256 
LYS CE   C  N N 257 
LYS NZ   N  N N 258 
LYS OXT  O  N N 259 
LYS H    H  N N 260 
LYS H2   H  N N 261 
LYS HA   H  N N 262 
LYS HB2  H  N N 263 
LYS HB3  H  N N 264 
LYS HG2  H  N N 265 
LYS HG3  H  N N 266 
LYS HD2  H  N N 267 
LYS HD3  H  N N 268 
LYS HE2  H  N N 269 
LYS HE3  H  N N 270 
LYS HZ1  H  N N 271 
LYS HZ2  H  N N 272 
LYS HZ3  H  N N 273 
LYS HXT  H  N N 274 
MET N    N  N N 275 
MET CA   C  N S 276 
MET C    C  N N 277 
MET O    O  N N 278 
MET CB   C  N N 279 
MET CG   C  N N 280 
MET SD   S  N N 281 
MET CE   C  N N 282 
MET OXT  O  N N 283 
MET H    H  N N 284 
MET H2   H  N N 285 
MET HA   H  N N 286 
MET HB2  H  N N 287 
MET HB3  H  N N 288 
MET HG2  H  N N 289 
MET HG3  H  N N 290 
MET HE1  H  N N 291 
MET HE2  H  N N 292 
MET HE3  H  N N 293 
MET HXT  H  N N 294 
MN  MN   MN N N 295 
PHE N    N  N N 296 
PHE CA   C  N S 297 
PHE C    C  N N 298 
PHE O    O  N N 299 
PHE CB   C  N N 300 
PHE CG   C  Y N 301 
PHE CD1  C  Y N 302 
PHE CD2  C  Y N 303 
PHE CE1  C  Y N 304 
PHE CE2  C  Y N 305 
PHE CZ   C  Y N 306 
PHE OXT  O  N N 307 
PHE H    H  N N 308 
PHE H2   H  N N 309 
PHE HA   H  N N 310 
PHE HB2  H  N N 311 
PHE HB3  H  N N 312 
PHE HD1  H  N N 313 
PHE HD2  H  N N 314 
PHE HE1  H  N N 315 
PHE HE2  H  N N 316 
PHE HZ   H  N N 317 
PHE HXT  H  N N 318 
PRO N    N  N N 319 
PRO CA   C  N S 320 
PRO C    C  N N 321 
PRO O    O  N N 322 
PRO CB   C  N N 323 
PRO CG   C  N N 324 
PRO CD   C  N N 325 
PRO OXT  O  N N 326 
PRO H    H  N N 327 
PRO HA   H  N N 328 
PRO HB2  H  N N 329 
PRO HB3  H  N N 330 
PRO HG2  H  N N 331 
PRO HG3  H  N N 332 
PRO HD2  H  N N 333 
PRO HD3  H  N N 334 
PRO HXT  H  N N 335 
SER N    N  N N 336 
SER CA   C  N S 337 
SER C    C  N N 338 
SER O    O  N N 339 
SER CB   C  N N 340 
SER OG   O  N N 341 
SER OXT  O  N N 342 
SER H    H  N N 343 
SER H2   H  N N 344 
SER HA   H  N N 345 
SER HB2  H  N N 346 
SER HB3  H  N N 347 
SER HG   H  N N 348 
SER HXT  H  N N 349 
THR N    N  N N 350 
THR CA   C  N S 351 
THR C    C  N N 352 
THR O    O  N N 353 
THR CB   C  N R 354 
THR OG1  O  N N 355 
THR CG2  C  N N 356 
THR OXT  O  N N 357 
THR H    H  N N 358 
THR H2   H  N N 359 
THR HA   H  N N 360 
THR HB   H  N N 361 
THR HG1  H  N N 362 
THR HG21 H  N N 363 
THR HG22 H  N N 364 
THR HG23 H  N N 365 
THR HXT  H  N N 366 
TRP N    N  N N 367 
TRP CA   C  N S 368 
TRP C    C  N N 369 
TRP O    O  N N 370 
TRP CB   C  N N 371 
TRP CG   C  Y N 372 
TRP CD1  C  Y N 373 
TRP CD2  C  Y N 374 
TRP NE1  N  Y N 375 
TRP CE2  C  Y N 376 
TRP CE3  C  Y N 377 
TRP CZ2  C  Y N 378 
TRP CZ3  C  Y N 379 
TRP CH2  C  Y N 380 
TRP OXT  O  N N 381 
TRP H    H  N N 382 
TRP H2   H  N N 383 
TRP HA   H  N N 384 
TRP HB2  H  N N 385 
TRP HB3  H  N N 386 
TRP HD1  H  N N 387 
TRP HE1  H  N N 388 
TRP HE3  H  N N 389 
TRP HZ2  H  N N 390 
TRP HZ3  H  N N 391 
TRP HH2  H  N N 392 
TRP HXT  H  N N 393 
TYR N    N  N N 394 
TYR CA   C  N S 395 
TYR C    C  N N 396 
TYR O    O  N N 397 
TYR CB   C  N N 398 
TYR CG   C  Y N 399 
TYR CD1  C  Y N 400 
TYR CD2  C  Y N 401 
TYR CE1  C  Y N 402 
TYR CE2  C  Y N 403 
TYR CZ   C  Y N 404 
TYR OH   O  N N 405 
TYR OXT  O  N N 406 
TYR H    H  N N 407 
TYR H2   H  N N 408 
TYR HA   H  N N 409 
TYR HB2  H  N N 410 
TYR HB3  H  N N 411 
TYR HD1  H  N N 412 
TYR HD2  H  N N 413 
TYR HE1  H  N N 414 
TYR HE2  H  N N 415 
TYR HH   H  N N 416 
TYR HXT  H  N N 417 
VAL N    N  N N 418 
VAL CA   C  N S 419 
VAL C    C  N N 420 
VAL O    O  N N 421 
VAL CB   C  N N 422 
VAL CG1  C  N N 423 
VAL CG2  C  N N 424 
VAL OXT  O  N N 425 
VAL H    H  N N 426 
VAL H2   H  N N 427 
VAL HA   H  N N 428 
VAL HB   H  N N 429 
VAL HG11 H  N N 430 
VAL HG12 H  N N 431 
VAL HG13 H  N N 432 
VAL HG21 H  N N 433 
VAL HG22 H  N N 434 
VAL HG23 H  N N 435 
VAL HXT  H  N N 436 
# 
loop_
_chem_comp_bond.comp_id 
_chem_comp_bond.atom_id_1 
_chem_comp_bond.atom_id_2 
_chem_comp_bond.value_order 
_chem_comp_bond.pdbx_aromatic_flag 
_chem_comp_bond.pdbx_stereo_config 
_chem_comp_bond.pdbx_ordinal 
ALA N   CA   sing N N 1   
ALA N   H    sing N N 2   
ALA N   H2   sing N N 3   
ALA CA  C    sing N N 4   
ALA CA  CB   sing N N 5   
ALA CA  HA   sing N N 6   
ALA C   O    doub N N 7   
ALA C   OXT  sing N N 8   
ALA CB  HB1  sing N N 9   
ALA CB  HB2  sing N N 10  
ALA CB  HB3  sing N N 11  
ALA OXT HXT  sing N N 12  
ARG N   CA   sing N N 13  
ARG N   H    sing N N 14  
ARG N   H2   sing N N 15  
ARG CA  C    sing N N 16  
ARG CA  CB   sing N N 17  
ARG CA  HA   sing N N 18  
ARG C   O    doub N N 19  
ARG C   OXT  sing N N 20  
ARG CB  CG   sing N N 21  
ARG CB  HB2  sing N N 22  
ARG CB  HB3  sing N N 23  
ARG CG  CD   sing N N 24  
ARG CG  HG2  sing N N 25  
ARG CG  HG3  sing N N 26  
ARG CD  NE   sing N N 27  
ARG CD  HD2  sing N N 28  
ARG CD  HD3  sing N N 29  
ARG NE  CZ   sing N N 30  
ARG NE  HE   sing N N 31  
ARG CZ  NH1  sing N N 32  
ARG CZ  NH2  doub N N 33  
ARG NH1 HH11 sing N N 34  
ARG NH1 HH12 sing N N 35  
ARG NH2 HH21 sing N N 36  
ARG NH2 HH22 sing N N 37  
ARG OXT HXT  sing N N 38  
ASN N   CA   sing N N 39  
ASN N   H    sing N N 40  
ASN N   H2   sing N N 41  
ASN CA  C    sing N N 42  
ASN CA  CB   sing N N 43  
ASN CA  HA   sing N N 44  
ASN C   O    doub N N 45  
ASN C   OXT  sing N N 46  
ASN CB  CG   sing N N 47  
ASN CB  HB2  sing N N 48  
ASN CB  HB3  sing N N 49  
ASN CG  OD1  doub N N 50  
ASN CG  ND2  sing N N 51  
ASN ND2 HD21 sing N N 52  
ASN ND2 HD22 sing N N 53  
ASN OXT HXT  sing N N 54  
ASP N   CA   sing N N 55  
ASP N   H    sing N N 56  
ASP N   H2   sing N N 57  
ASP CA  C    sing N N 58  
ASP CA  CB   sing N N 59  
ASP CA  HA   sing N N 60  
ASP C   O    doub N N 61  
ASP C   OXT  sing N N 62  
ASP CB  CG   sing N N 63  
ASP CB  HB2  sing N N 64  
ASP CB  HB3  sing N N 65  
ASP CG  OD1  doub N N 66  
ASP CG  OD2  sing N N 67  
ASP OD2 HD2  sing N N 68  
ASP OXT HXT  sing N N 69  
CYS N   CA   sing N N 70  
CYS N   H    sing N N 71  
CYS N   H2   sing N N 72  
CYS CA  C    sing N N 73  
CYS CA  CB   sing N N 74  
CYS CA  HA   sing N N 75  
CYS C   O    doub N N 76  
CYS C   OXT  sing N N 77  
CYS CB  SG   sing N N 78  
CYS CB  HB2  sing N N 79  
CYS CB  HB3  sing N N 80  
CYS SG  HG   sing N N 81  
CYS OXT HXT  sing N N 82  
EDO C1  O1   sing N N 83  
EDO C1  C2   sing N N 84  
EDO C1  H11  sing N N 85  
EDO C1  H12  sing N N 86  
EDO O1  HO1  sing N N 87  
EDO C2  O2   sing N N 88  
EDO C2  H21  sing N N 89  
EDO C2  H22  sing N N 90  
EDO O2  HO2  sing N N 91  
GLN N   CA   sing N N 92  
GLN N   H    sing N N 93  
GLN N   H2   sing N N 94  
GLN CA  C    sing N N 95  
GLN CA  CB   sing N N 96  
GLN CA  HA   sing N N 97  
GLN C   O    doub N N 98  
GLN C   OXT  sing N N 99  
GLN CB  CG   sing N N 100 
GLN CB  HB2  sing N N 101 
GLN CB  HB3  sing N N 102 
GLN CG  CD   sing N N 103 
GLN CG  HG2  sing N N 104 
GLN CG  HG3  sing N N 105 
GLN CD  OE1  doub N N 106 
GLN CD  NE2  sing N N 107 
GLN NE2 HE21 sing N N 108 
GLN NE2 HE22 sing N N 109 
GLN OXT HXT  sing N N 110 
GLU N   CA   sing N N 111 
GLU N   H    sing N N 112 
GLU N   H2   sing N N 113 
GLU CA  C    sing N N 114 
GLU CA  CB   sing N N 115 
GLU CA  HA   sing N N 116 
GLU C   O    doub N N 117 
GLU C   OXT  sing N N 118 
GLU CB  CG   sing N N 119 
GLU CB  HB2  sing N N 120 
GLU CB  HB3  sing N N 121 
GLU CG  CD   sing N N 122 
GLU CG  HG2  sing N N 123 
GLU CG  HG3  sing N N 124 
GLU CD  OE1  doub N N 125 
GLU CD  OE2  sing N N 126 
GLU OE2 HE2  sing N N 127 
GLU OXT HXT  sing N N 128 
GLY N   CA   sing N N 129 
GLY N   H    sing N N 130 
GLY N   H2   sing N N 131 
GLY CA  C    sing N N 132 
GLY CA  HA2  sing N N 133 
GLY CA  HA3  sing N N 134 
GLY C   O    doub N N 135 
GLY C   OXT  sing N N 136 
GLY OXT HXT  sing N N 137 
HIS N   CA   sing N N 138 
HIS N   H    sing N N 139 
HIS N   H2   sing N N 140 
HIS CA  C    sing N N 141 
HIS CA  CB   sing N N 142 
HIS CA  HA   sing N N 143 
HIS C   O    doub N N 144 
HIS C   OXT  sing N N 145 
HIS CB  CG   sing N N 146 
HIS CB  HB2  sing N N 147 
HIS CB  HB3  sing N N 148 
HIS CG  ND1  sing Y N 149 
HIS CG  CD2  doub Y N 150 
HIS ND1 CE1  doub Y N 151 
HIS ND1 HD1  sing N N 152 
HIS CD2 NE2  sing Y N 153 
HIS CD2 HD2  sing N N 154 
HIS CE1 NE2  sing Y N 155 
HIS CE1 HE1  sing N N 156 
HIS NE2 HE2  sing N N 157 
HIS OXT HXT  sing N N 158 
HOH O   H1   sing N N 159 
HOH O   H2   sing N N 160 
HRJ OAC CAW  doub N N 161 
HRJ OAF CAT  sing N N 162 
HRJ CAW CAT  sing N N 163 
HRJ CAW CAJ  sing N N 164 
HRJ CAT CAV  doub N N 165 
HRJ CAJ CAR  doub N N 166 
HRJ OAB CAO  doub N N 167 
HRJ CAV CAO  sing N N 168 
HRJ CAV NAL  sing N N 169 
HRJ CAA CAP  sing N N 170 
HRJ CAO OAE  sing N N 171 
HRJ CAR NAL  sing N N 172 
HRJ CAR CAU  sing N N 173 
HRJ CAP CAU  doub Y N 174 
HRJ CAP CAI  sing Y N 175 
HRJ CAU CAH  sing Y N 176 
HRJ CAI CAQ  doub Y N 177 
HRJ CAH CAG  doub Y N 178 
HRJ CAQ CAG  sing Y N 179 
HRJ CAQ CAS  sing N N 180 
HRJ NAM CAS  sing N N 181 
HRJ NAM CAX  sing N N 182 
HRJ CAS NAK  doub N N 183 
HRJ OAD CAX  doub N N 184 
HRJ CAX OAN  sing N N 185 
HRJ NAK OAN  sing N N 186 
HRJ OAE H1   sing N N 187 
HRJ OAF H2   sing N N 188 
HRJ CAJ H3   sing N N 189 
HRJ CAA H5   sing N N 190 
HRJ CAA H6   sing N N 191 
HRJ CAA H7   sing N N 192 
HRJ CAI H8   sing N N 193 
HRJ CAH H9   sing N N 194 
HRJ CAG H10  sing N N 195 
HRJ NAM H11  sing N N 196 
HRJ NAL H12  sing N N 197 
ILE N   CA   sing N N 198 
ILE N   H    sing N N 199 
ILE N   H2   sing N N 200 
ILE CA  C    sing N N 201 
ILE CA  CB   sing N N 202 
ILE CA  HA   sing N N 203 
ILE C   O    doub N N 204 
ILE C   OXT  sing N N 205 
ILE CB  CG1  sing N N 206 
ILE CB  CG2  sing N N 207 
ILE CB  HB   sing N N 208 
ILE CG1 CD1  sing N N 209 
ILE CG1 HG12 sing N N 210 
ILE CG1 HG13 sing N N 211 
ILE CG2 HG21 sing N N 212 
ILE CG2 HG22 sing N N 213 
ILE CG2 HG23 sing N N 214 
ILE CD1 HD11 sing N N 215 
ILE CD1 HD12 sing N N 216 
ILE CD1 HD13 sing N N 217 
ILE OXT HXT  sing N N 218 
LEU N   CA   sing N N 219 
LEU N   H    sing N N 220 
LEU N   H2   sing N N 221 
LEU CA  C    sing N N 222 
LEU CA  CB   sing N N 223 
LEU CA  HA   sing N N 224 
LEU C   O    doub N N 225 
LEU C   OXT  sing N N 226 
LEU CB  CG   sing N N 227 
LEU CB  HB2  sing N N 228 
LEU CB  HB3  sing N N 229 
LEU CG  CD1  sing N N 230 
LEU CG  CD2  sing N N 231 
LEU CG  HG   sing N N 232 
LEU CD1 HD11 sing N N 233 
LEU CD1 HD12 sing N N 234 
LEU CD1 HD13 sing N N 235 
LEU CD2 HD21 sing N N 236 
LEU CD2 HD22 sing N N 237 
LEU CD2 HD23 sing N N 238 
LEU OXT HXT  sing N N 239 
LYS N   CA   sing N N 240 
LYS N   H    sing N N 241 
LYS N   H2   sing N N 242 
LYS CA  C    sing N N 243 
LYS CA  CB   sing N N 244 
LYS CA  HA   sing N N 245 
LYS C   O    doub N N 246 
LYS C   OXT  sing N N 247 
LYS CB  CG   sing N N 248 
LYS CB  HB2  sing N N 249 
LYS CB  HB3  sing N N 250 
LYS CG  CD   sing N N 251 
LYS CG  HG2  sing N N 252 
LYS CG  HG3  sing N N 253 
LYS CD  CE   sing N N 254 
LYS CD  HD2  sing N N 255 
LYS CD  HD3  sing N N 256 
LYS CE  NZ   sing N N 257 
LYS CE  HE2  sing N N 258 
LYS CE  HE3  sing N N 259 
LYS NZ  HZ1  sing N N 260 
LYS NZ  HZ2  sing N N 261 
LYS NZ  HZ3  sing N N 262 
LYS OXT HXT  sing N N 263 
MET N   CA   sing N N 264 
MET N   H    sing N N 265 
MET N   H2   sing N N 266 
MET CA  C    sing N N 267 
MET CA  CB   sing N N 268 
MET CA  HA   sing N N 269 
MET C   O    doub N N 270 
MET C   OXT  sing N N 271 
MET CB  CG   sing N N 272 
MET CB  HB2  sing N N 273 
MET CB  HB3  sing N N 274 
MET CG  SD   sing N N 275 
MET CG  HG2  sing N N 276 
MET CG  HG3  sing N N 277 
MET SD  CE   sing N N 278 
MET CE  HE1  sing N N 279 
MET CE  HE2  sing N N 280 
MET CE  HE3  sing N N 281 
MET OXT HXT  sing N N 282 
PHE N   CA   sing N N 283 
PHE N   H    sing N N 284 
PHE N   H2   sing N N 285 
PHE CA  C    sing N N 286 
PHE CA  CB   sing N N 287 
PHE CA  HA   sing N N 288 
PHE C   O    doub N N 289 
PHE C   OXT  sing N N 290 
PHE CB  CG   sing N N 291 
PHE CB  HB2  sing N N 292 
PHE CB  HB3  sing N N 293 
PHE CG  CD1  doub Y N 294 
PHE CG  CD2  sing Y N 295 
PHE CD1 CE1  sing Y N 296 
PHE CD1 HD1  sing N N 297 
PHE CD2 CE2  doub Y N 298 
PHE CD2 HD2  sing N N 299 
PHE CE1 CZ   doub Y N 300 
PHE CE1 HE1  sing N N 301 
PHE CE2 CZ   sing Y N 302 
PHE CE2 HE2  sing N N 303 
PHE CZ  HZ   sing N N 304 
PHE OXT HXT  sing N N 305 
PRO N   CA   sing N N 306 
PRO N   CD   sing N N 307 
PRO N   H    sing N N 308 
PRO CA  C    sing N N 309 
PRO CA  CB   sing N N 310 
PRO CA  HA   sing N N 311 
PRO C   O    doub N N 312 
PRO C   OXT  sing N N 313 
PRO CB  CG   sing N N 314 
PRO CB  HB2  sing N N 315 
PRO CB  HB3  sing N N 316 
PRO CG  CD   sing N N 317 
PRO CG  HG2  sing N N 318 
PRO CG  HG3  sing N N 319 
PRO CD  HD2  sing N N 320 
PRO CD  HD3  sing N N 321 
PRO OXT HXT  sing N N 322 
SER N   CA   sing N N 323 
SER N   H    sing N N 324 
SER N   H2   sing N N 325 
SER CA  C    sing N N 326 
SER CA  CB   sing N N 327 
SER CA  HA   sing N N 328 
SER C   O    doub N N 329 
SER C   OXT  sing N N 330 
SER CB  OG   sing N N 331 
SER CB  HB2  sing N N 332 
SER CB  HB3  sing N N 333 
SER OG  HG   sing N N 334 
SER OXT HXT  sing N N 335 
THR N   CA   sing N N 336 
THR N   H    sing N N 337 
THR N   H2   sing N N 338 
THR CA  C    sing N N 339 
THR CA  CB   sing N N 340 
THR CA  HA   sing N N 341 
THR C   O    doub N N 342 
THR C   OXT  sing N N 343 
THR CB  OG1  sing N N 344 
THR CB  CG2  sing N N 345 
THR CB  HB   sing N N 346 
THR OG1 HG1  sing N N 347 
THR CG2 HG21 sing N N 348 
THR CG2 HG22 sing N N 349 
THR CG2 HG23 sing N N 350 
THR OXT HXT  sing N N 351 
TRP N   CA   sing N N 352 
TRP N   H    sing N N 353 
TRP N   H2   sing N N 354 
TRP CA  C    sing N N 355 
TRP CA  CB   sing N N 356 
TRP CA  HA   sing N N 357 
TRP C   O    doub N N 358 
TRP C   OXT  sing N N 359 
TRP CB  CG   sing N N 360 
TRP CB  HB2  sing N N 361 
TRP CB  HB3  sing N N 362 
TRP CG  CD1  doub Y N 363 
TRP CG  CD2  sing Y N 364 
TRP CD1 NE1  sing Y N 365 
TRP CD1 HD1  sing N N 366 
TRP CD2 CE2  doub Y N 367 
TRP CD2 CE3  sing Y N 368 
TRP NE1 CE2  sing Y N 369 
TRP NE1 HE1  sing N N 370 
TRP CE2 CZ2  sing Y N 371 
TRP CE3 CZ3  doub Y N 372 
TRP CE3 HE3  sing N N 373 
TRP CZ2 CH2  doub Y N 374 
TRP CZ2 HZ2  sing N N 375 
TRP CZ3 CH2  sing Y N 376 
TRP CZ3 HZ3  sing N N 377 
TRP CH2 HH2  sing N N 378 
TRP OXT HXT  sing N N 379 
TYR N   CA   sing N N 380 
TYR N   H    sing N N 381 
TYR N   H2   sing N N 382 
TYR CA  C    sing N N 383 
TYR CA  CB   sing N N 384 
TYR CA  HA   sing N N 385 
TYR C   O    doub N N 386 
TYR C   OXT  sing N N 387 
TYR CB  CG   sing N N 388 
TYR CB  HB2  sing N N 389 
TYR CB  HB3  sing N N 390 
TYR CG  CD1  doub Y N 391 
TYR CG  CD2  sing Y N 392 
TYR CD1 CE1  sing Y N 393 
TYR CD1 HD1  sing N N 394 
TYR CD2 CE2  doub Y N 395 
TYR CD2 HD2  sing N N 396 
TYR CE1 CZ   doub Y N 397 
TYR CE1 HE1  sing N N 398 
TYR CE2 CZ   sing Y N 399 
TYR CE2 HE2  sing N N 400 
TYR CZ  OH   sing N N 401 
TYR OH  HH   sing N N 402 
TYR OXT HXT  sing N N 403 
VAL N   CA   sing N N 404 
VAL N   H    sing N N 405 
VAL N   H2   sing N N 406 
VAL CA  C    sing N N 407 
VAL CA  CB   sing N N 408 
VAL CA  HA   sing N N 409 
VAL C   O    doub N N 410 
VAL C   OXT  sing N N 411 
VAL CB  CG1  sing N N 412 
VAL CB  CG2  sing N N 413 
VAL CB  HB   sing N N 414 
VAL CG1 HG11 sing N N 415 
VAL CG1 HG12 sing N N 416 
VAL CG1 HG13 sing N N 417 
VAL CG2 HG21 sing N N 418 
VAL CG2 HG22 sing N N 419 
VAL CG2 HG23 sing N N 420 
VAL OXT HXT  sing N N 421 
# 
_pdbx_audit_support.funding_organization   
'National Institutes of Health/National Institute of General Medical Sciences (NIH/NIGMS)' 
_pdbx_audit_support.country                'United States' 
_pdbx_audit_support.grant_number           'R01 GM098435' 
_pdbx_audit_support.ordinal                1 
# 
_pdbx_entity_instance_feature.ordinal        1 
_pdbx_entity_instance_feature.comp_id        HRJ 
_pdbx_entity_instance_feature.asym_id        ? 
_pdbx_entity_instance_feature.seq_num        ? 
_pdbx_entity_instance_feature.auth_comp_id   HRJ 
_pdbx_entity_instance_feature.auth_asym_id   ? 
_pdbx_entity_instance_feature.auth_seq_num   ? 
_pdbx_entity_instance_feature.feature_type   'SUBJECT OF INVESTIGATION' 
_pdbx_entity_instance_feature.details        ? 
# 
loop_
_pdbx_entity_nonpoly.entity_id 
_pdbx_entity_nonpoly.name 
_pdbx_entity_nonpoly.comp_id 
2 'MANGANESE (II) ION'                                                                                                  MN  
3 '3-hydroxy-6-[2-methyl-4-(5-oxo-4,5-dihydro-1,2,4-oxadiazol-3-yl)phenyl]-4-oxo-1,4-dihydropyridine-2-carboxylic acid' HRJ 
4 1,2-ETHANEDIOL                                                                                                        EDO 
5 water                                                                                                                 HOH 
# 
_pdbx_initial_refinement_model.id               1 
_pdbx_initial_refinement_model.entity_id_list   ? 
_pdbx_initial_refinement_model.type             'experimental model' 
_pdbx_initial_refinement_model.source_name      PDB 
_pdbx_initial_refinement_model.accession_code   4AWM 
_pdbx_initial_refinement_model.details          'PDB entry 4AWM' 
# 
_pdbx_struct_assembly_auth_evidence.id                     1 
_pdbx_struct_assembly_auth_evidence.assembly_id            1 
_pdbx_struct_assembly_auth_evidence.experimental_support   'gel filtration' 
_pdbx_struct_assembly_auth_evidence.details                ? 
# 
